data_8ULR
#
_entry.id   8ULR
#
_cell.length_a   1.00
_cell.length_b   1.00
_cell.length_c   1.00
_cell.angle_alpha   90.00
_cell.angle_beta   90.00
_cell.angle_gamma   90.00
#
_symmetry.space_group_name_H-M   'P 1'
#
loop_
_entity.id
_entity.type
_entity.pdbx_description
1 polymer 'Envelope glycoprotein gp160'
2 polymer 'BG505 DS-SOSIP glycoprotein gp41'
3 polymer '05_B08 Fab Heavy Chain'
4 polymer '05_B08 Light Chain'
5 branched 2-acetamido-2-deoxy-beta-D-glucopyranose-(1-4)-2-acetamido-2-deoxy-beta-D-glucopyranose
6 branched beta-D-mannopyranose-(1-4)-2-acetamido-2-deoxy-beta-D-glucopyranose-(1-4)-2-acetamido-2-deoxy-beta-D-glucopyranose
7 branched alpha-D-mannopyranose-(1-6)-beta-D-mannopyranose-(1-4)-2-acetamido-2-deoxy-beta-D-glucopyranose-(1-4)-2-acetamido-2-deoxy-beta-D-glucopyranose
8 branched alpha-D-mannopyranose-(1-2)-alpha-D-mannopyranose-(1-3)-[alpha-D-mannopyranose-(1-6)]beta-D-mannopyranose-(1-4)-2-acetamido-2-deoxy-beta-D-glucopyranose-(1-4)-2-acetamido-2-deoxy-beta-D-glucopyranose
9 branched alpha-D-mannopyranose-(1-3)-[alpha-D-mannopyranose-(1-6)]beta-D-mannopyranose-(1-4)-2-acetamido-2-deoxy-beta-D-glucopyranose-(1-4)-2-acetamido-2-deoxy-beta-D-glucopyranose
10 branched alpha-D-mannopyranose-(1-2)-alpha-D-mannopyranose-(1-3)-beta-D-mannopyranose-(1-4)-2-acetamido-2-deoxy-beta-D-glucopyranose-(1-4)-2-acetamido-2-deoxy-beta-D-glucopyranose
11 non-polymer 2-acetamido-2-deoxy-beta-D-glucopyranose
#
loop_
_entity_poly.entity_id
_entity_poly.type
_entity_poly.pdbx_seq_one_letter_code
_entity_poly.pdbx_strand_id
1 'polypeptide(L)'
;NLWVTVYYGVPVWKDAETTLFCASDAKAYETEKHNVWATHACVPTDPNPQEIHLENVTEEFNMWKNNMVEQMHTDIISLW
DQSLKPCVKLTPLCVTLQCTNVTNNITDDMRGELKNCSFNMTTELRDKKQKVYSLFYRLDVVQINENQGNRSNNSNKEYR
LINCNTSAITQACPKVSFEPIPIHYCAPAGFAILKCKDKKFNGTGPCPSVSTVQCTHGIKPVVSTQLLLNGSLAEEEVMI
RSENITNNAKNILVQFNTPVQINCTRPNNNTRKSIRIGPGQAFYATGDIIGDIRQAHCNVSKATWNETLGKVVKQLRKHF
GNNTIIRFANSSGGDLEVTTHSFNCGGEFFYCNTSGLFNSTWISNTSVQGSNSTGSNDSITLPCRIKQIINMWQRIGQAM
YAPPIQGVIRCVSNITGLILTRDGGSTNSTTETFRPGGGDMRDNWRSELYKYKVVKIEPLGVAPTRCKRRVVGRRRRRR
;
A,C,E
2 'polypeptide(L)'
;AVGIGAVFLGFLGAAGSTMGAASMTLTVQARNLLSGIVQQQSNLLRAPEAQQHLLKLTVWGIKQLQARVLAVERYLRDQQ
LLGIWGCSGKLICCTNVPWNSSWSNRNLSEIWDNMTWLQWDKEISNYTQIIYGLLEESQNQQEKNEQDLLALD
;
B,D,F
3 'polypeptide(L)'
;QVRLMQSGDEVKKPGASVRLSCKADGYEFSDYFLHWVRQAPGQGLEWLGFIRPRLGSVNYSKRFQGRITMTRDMSINTVY
MELRSLTSDDTAQYYCARMYDTDSYKFDSWGWGTVVIVSSASTKGPSVFPLAPSSKSTSGGTAALGCLVKDYFPEPVTVS
WNSGALTSGVHTFPAVLQSSGLYSLSSVVTVPSSSLGTQTYICNVNHKPSNTKVDKRVEPKSCDKTHHHHHH
;
H,I,J
4 'polypeptide(L)'
;DSPMTQSPSSLSISVGDRVTITCRSSQYAAHNVNWYQQRSGKPPKLLIYDTSKLQAGVPSRFRGGGFGTEFTFTISSLQP
EDVATYYCQHYEFFGQGTRLEITRTVAAPSVFIFPPSDEQLKSGTASVVCLLNNFYPREAKVQWKVDNALQSGNSQESVT
EQDSKDSTYSLSSTLTLSKADYEKHKVYACEVTHQGLSSPVTKSFNRGEC
;
L,M,N
#
# COMPACT_ATOMS: atom_id res chain seq x y z
N ASN A 1 57.94 4.88 11.12
CA ASN A 1 56.74 4.24 11.65
C ASN A 1 55.47 4.88 11.08
N LEU A 2 54.57 4.06 10.57
CA LEU A 2 53.30 4.55 10.05
C LEU A 2 52.26 3.43 10.16
N TRP A 3 51.05 3.82 10.53
CA TRP A 3 49.96 2.90 10.82
C TRP A 3 48.68 3.45 10.21
N VAL A 4 47.64 2.63 10.20
CA VAL A 4 46.35 3.09 9.68
C VAL A 4 45.67 3.96 10.73
N THR A 5 44.78 4.83 10.26
CA THR A 5 43.92 5.61 11.14
C THR A 5 42.61 5.85 10.42
N VAL A 6 41.49 5.56 11.09
CA VAL A 6 40.17 5.64 10.49
C VAL A 6 39.53 6.97 10.90
N TYR A 7 39.00 7.69 9.92
CA TYR A 7 38.33 8.96 10.13
C TYR A 7 36.88 8.83 9.71
N TYR A 8 35.97 9.29 10.56
CA TYR A 8 34.54 9.25 10.31
C TYR A 8 34.06 10.65 9.99
N GLY A 9 33.32 10.78 8.89
CA GLY A 9 32.83 12.07 8.44
C GLY A 9 33.66 12.74 7.38
N VAL A 10 34.57 12.03 6.74
CA VAL A 10 35.44 12.65 5.72
C VAL A 10 34.58 13.03 4.51
N PRO A 11 34.86 14.15 3.85
CA PRO A 11 34.06 14.56 2.68
C PRO A 11 34.41 13.77 1.42
N VAL A 12 33.84 12.57 1.32
CA VAL A 12 34.07 11.68 0.18
C VAL A 12 32.72 11.18 -0.30
N TRP A 13 32.50 11.23 -1.62
CA TRP A 13 31.24 10.82 -2.21
C TRP A 13 31.51 9.99 -3.45
N LYS A 14 30.53 9.15 -3.79
CA LYS A 14 30.52 8.39 -5.04
C LYS A 14 29.14 8.52 -5.67
N ASP A 15 29.11 8.62 -7.00
CA ASP A 15 27.84 8.73 -7.70
C ASP A 15 27.01 7.47 -7.49
N ALA A 16 25.73 7.66 -7.15
CA ALA A 16 24.86 6.54 -6.82
C ALA A 16 23.41 6.92 -7.14
N GLU A 17 22.51 5.99 -6.84
CA GLU A 17 21.08 6.16 -7.10
C GLU A 17 20.30 5.89 -5.83
N THR A 18 19.28 6.71 -5.57
CA THR A 18 18.47 6.58 -4.37
C THR A 18 17.11 7.23 -4.63
N THR A 19 16.23 7.14 -3.64
CA THR A 19 14.92 7.75 -3.71
C THR A 19 15.01 9.17 -3.17
N LEU A 20 14.58 10.14 -3.98
CA LEU A 20 14.57 11.54 -3.59
C LEU A 20 13.14 11.93 -3.25
N PHE A 21 12.92 12.37 -2.02
CA PHE A 21 11.56 12.71 -1.61
C PHE A 21 11.25 14.15 -2.01
N CYS A 22 10.02 14.58 -1.74
CA CYS A 22 9.53 15.88 -2.18
C CYS A 22 9.39 16.83 -1.00
N ALA A 23 9.76 18.09 -1.24
CA ALA A 23 9.60 19.15 -0.27
C ALA A 23 9.03 20.37 -0.98
N SER A 24 8.04 21.01 -0.35
CA SER A 24 7.38 22.17 -0.94
C SER A 24 7.23 23.25 0.11
N ASP A 25 7.08 24.49 -0.36
CA ASP A 25 6.93 25.62 0.53
C ASP A 25 5.46 26.01 0.67
N HIS A 34 -7.49 20.89 -4.31
CA HIS A 34 -6.27 20.09 -4.25
C HIS A 34 -5.45 20.22 -5.54
N ASN A 35 -4.41 19.41 -5.64
CA ASN A 35 -3.53 19.43 -6.80
C ASN A 35 -3.29 18.01 -7.27
N VAL A 36 -3.01 17.86 -8.56
CA VAL A 36 -2.69 16.55 -9.12
C VAL A 36 -1.42 16.01 -8.50
N TRP A 37 -0.39 16.84 -8.41
CA TRP A 37 0.83 16.49 -7.70
C TRP A 37 0.62 16.75 -6.21
N ALA A 38 0.84 15.73 -5.39
CA ALA A 38 0.51 15.82 -3.97
C ALA A 38 1.50 16.74 -3.26
N THR A 39 1.42 18.04 -3.54
CA THR A 39 2.31 19.00 -2.89
C THR A 39 2.07 19.04 -1.39
N HIS A 40 0.81 18.91 -0.96
CA HIS A 40 0.51 18.91 0.47
C HIS A 40 1.18 17.74 1.18
N ALA A 41 1.21 16.58 0.54
CA ALA A 41 1.87 15.42 1.13
C ALA A 41 3.39 15.60 1.24
N CYS A 42 3.96 16.50 0.46
CA CYS A 42 5.39 16.77 0.56
C CYS A 42 5.71 17.42 1.90
N VAL A 43 6.92 17.15 2.39
CA VAL A 43 7.38 17.73 3.65
C VAL A 43 7.59 19.22 3.45
N PRO A 44 7.43 20.04 4.49
CA PRO A 44 7.70 21.48 4.34
C PRO A 44 9.19 21.75 4.23
N THR A 45 9.59 22.42 3.15
CA THR A 45 10.99 22.78 2.98
C THR A 45 11.38 23.87 3.96
N ASP A 46 12.67 23.94 4.25
CA ASP A 46 13.17 24.96 5.16
C ASP A 46 12.96 26.34 4.56
N PRO A 47 12.53 27.32 5.36
CA PRO A 47 12.34 28.68 4.83
C PRO A 47 13.61 29.28 4.26
N ASN A 48 14.77 28.97 4.85
CA ASN A 48 16.06 29.43 4.33
C ASN A 48 16.85 28.22 3.84
N PRO A 49 16.87 27.96 2.53
CA PRO A 49 17.62 26.81 2.01
C PRO A 49 19.10 26.95 2.32
N GLN A 50 19.74 25.81 2.61
CA GLN A 50 21.15 25.77 2.95
C GLN A 50 21.93 25.15 1.79
N GLU A 51 22.91 25.88 1.29
CA GLU A 51 23.75 25.45 0.17
C GLU A 51 25.19 25.78 0.50
N ILE A 52 26.07 24.80 0.35
CA ILE A 52 27.48 24.97 0.71
C ILE A 52 28.31 25.01 -0.57
N HIS A 53 28.98 26.13 -0.80
CA HIS A 53 29.90 26.20 -1.91
C HIS A 53 31.15 25.38 -1.63
N LEU A 54 31.65 24.71 -2.65
CA LEU A 54 32.82 23.87 -2.55
C LEU A 54 33.98 24.46 -3.35
N GLU A 55 35.15 24.49 -2.73
CA GLU A 55 36.33 25.11 -3.34
C GLU A 55 37.28 24.03 -3.85
N ASN A 56 37.76 24.20 -5.08
CA ASN A 56 38.76 23.32 -5.69
C ASN A 56 38.23 21.88 -5.77
N VAL A 57 37.12 21.71 -6.46
CA VAL A 57 36.51 20.41 -6.68
C VAL A 57 36.05 20.31 -8.12
N THR A 58 36.30 19.15 -8.75
CA THR A 58 35.89 18.90 -10.11
C THR A 58 35.10 17.60 -10.15
N GLU A 59 33.88 17.67 -10.69
CA GLU A 59 33.01 16.51 -10.80
C GLU A 59 32.47 16.43 -12.22
N GLU A 60 32.33 15.20 -12.72
CA GLU A 60 31.90 14.97 -14.10
C GLU A 60 30.39 14.79 -14.12
N PHE A 61 29.68 15.80 -14.62
CA PHE A 61 28.23 15.74 -14.74
C PHE A 61 27.83 15.21 -16.11
N ASN A 62 26.65 14.59 -16.16
CA ASN A 62 26.09 14.09 -17.41
C ASN A 62 24.57 14.18 -17.30
N MET A 63 23.99 15.21 -17.91
CA MET A 63 22.55 15.41 -17.80
C MET A 63 21.78 14.32 -18.54
N TRP A 64 22.34 13.78 -19.62
CA TRP A 64 21.63 12.81 -20.43
C TRP A 64 21.67 11.41 -19.81
N LYS A 65 22.68 11.11 -19.01
CA LYS A 65 22.75 9.87 -18.26
C LYS A 65 22.27 10.04 -16.82
N ASN A 66 21.67 11.18 -16.51
CA ASN A 66 21.19 11.44 -15.16
C ASN A 66 20.08 10.46 -14.80
N ASN A 67 20.01 10.11 -13.51
CA ASN A 67 18.97 9.23 -13.01
C ASN A 67 17.82 10.01 -12.38
N MET A 68 18.08 11.22 -11.88
CA MET A 68 17.03 12.03 -11.27
C MET A 68 15.89 12.30 -12.24
N VAL A 69 16.20 12.43 -13.53
CA VAL A 69 15.15 12.69 -14.52
C VAL A 69 14.21 11.50 -14.64
N GLU A 70 14.75 10.28 -14.62
CA GLU A 70 13.91 9.10 -14.69
C GLU A 70 13.01 8.98 -13.47
N GLN A 71 13.56 9.27 -12.29
CA GLN A 71 12.76 9.24 -11.08
C GLN A 71 11.66 10.30 -11.13
N MET A 72 11.98 11.49 -11.65
CA MET A 72 10.95 12.53 -11.78
C MET A 72 9.86 12.10 -12.75
N HIS A 73 10.24 11.47 -13.88
CA HIS A 73 9.25 11.01 -14.83
C HIS A 73 8.32 9.97 -14.20
N THR A 74 8.90 9.01 -13.48
CA THR A 74 8.09 8.00 -12.82
C THR A 74 7.20 8.62 -11.76
N ASP A 75 7.71 9.59 -11.00
CA ASP A 75 6.93 10.24 -9.97
C ASP A 75 5.75 11.00 -10.56
N ILE A 76 5.97 11.73 -11.66
CA ILE A 76 4.89 12.49 -12.27
C ILE A 76 3.82 11.54 -12.82
N ILE A 77 4.25 10.45 -13.47
CA ILE A 77 3.27 9.48 -13.97
C ILE A 77 2.47 8.88 -12.83
N SER A 78 3.15 8.53 -11.73
CA SER A 78 2.45 7.93 -10.59
C SER A 78 1.47 8.91 -9.97
N LEU A 79 1.87 10.18 -9.84
CA LEU A 79 0.97 11.19 -9.29
C LEU A 79 -0.25 11.40 -10.19
N TRP A 80 -0.03 11.42 -11.51
CA TRP A 80 -1.16 11.53 -12.43
C TRP A 80 -2.13 10.38 -12.26
N ASP A 81 -1.59 9.15 -12.20
CA ASP A 81 -2.46 7.99 -12.04
C ASP A 81 -3.20 8.01 -10.71
N GLN A 82 -2.51 8.38 -9.63
CA GLN A 82 -3.15 8.38 -8.32
C GLN A 82 -4.18 9.50 -8.20
N SER A 83 -4.02 10.58 -8.96
CA SER A 83 -5.02 11.63 -8.97
C SER A 83 -6.22 11.27 -9.85
N LEU A 84 -6.01 10.45 -10.87
CA LEU A 84 -7.10 10.04 -11.74
C LEU A 84 -7.82 8.79 -11.26
N LYS A 85 -7.29 8.11 -10.24
CA LYS A 85 -7.90 6.84 -9.82
C LYS A 85 -9.27 7.00 -9.20
N PRO A 86 -9.49 7.85 -8.14
CA PRO A 86 -10.75 7.82 -7.39
C PRO A 86 -11.86 8.68 -8.00
N CYS A 87 -11.90 8.76 -9.33
CA CYS A 87 -12.88 9.62 -9.98
C CYS A 87 -13.48 8.90 -11.18
N VAL A 88 -14.46 9.59 -11.78
CA VAL A 88 -15.53 8.97 -12.55
C VAL A 88 -14.98 8.28 -13.80
N LYS A 89 -15.24 6.99 -13.91
CA LYS A 89 -14.99 6.25 -15.14
C LYS A 89 -16.09 6.53 -16.16
N LEU A 90 -15.69 6.87 -17.39
CA LEU A 90 -16.63 7.26 -18.43
C LEU A 90 -16.93 6.13 -19.42
N THR A 91 -16.95 4.88 -18.96
CA THR A 91 -17.34 3.80 -19.85
C THR A 91 -18.74 3.94 -20.44
N PRO A 92 -19.77 4.42 -19.73
CA PRO A 92 -21.08 4.60 -20.38
C PRO A 92 -21.06 5.60 -21.52
N LEU A 93 -20.05 6.48 -21.57
CA LEU A 93 -19.99 7.48 -22.63
C LEU A 93 -19.66 6.89 -23.99
N CYS A 94 -19.02 5.71 -24.03
CA CYS A 94 -18.65 5.11 -25.31
C CYS A 94 -19.90 4.57 -26.00
N VAL A 95 -20.74 5.46 -26.52
CA VAL A 95 -22.00 5.12 -27.14
C VAL A 95 -22.09 5.86 -28.48
N THR A 96 -22.93 5.34 -29.36
CA THR A 96 -23.10 5.92 -30.69
C THR A 96 -23.73 7.31 -30.57
N LEU A 97 -22.95 8.33 -30.90
CA LEU A 97 -23.43 9.71 -30.86
C LEU A 97 -24.00 10.10 -32.21
N GLN A 98 -25.10 10.84 -32.19
CA GLN A 98 -25.69 11.42 -33.40
C GLN A 98 -25.31 12.90 -33.42
N CYS A 99 -24.36 13.24 -34.29
CA CYS A 99 -23.74 14.56 -34.27
C CYS A 99 -24.07 15.34 -35.53
N THR A 100 -24.14 16.66 -35.36
CA THR A 100 -24.21 17.64 -36.44
C THR A 100 -23.01 18.58 -36.30
N ASN A 101 -23.01 19.63 -37.12
CA ASN A 101 -22.02 20.70 -37.00
C ASN A 101 -22.68 21.91 -36.34
N VAL A 102 -21.94 22.54 -35.43
CA VAL A 102 -22.42 23.78 -34.83
C VAL A 102 -22.11 24.93 -35.78
N THR A 103 -23.13 25.75 -36.05
CA THR A 103 -23.00 26.86 -36.97
C THR A 103 -23.50 28.18 -36.41
N ASN A 104 -23.91 28.21 -35.15
CA ASN A 104 -24.43 29.43 -34.54
C ASN A 104 -23.27 30.29 -34.06
N ASN A 105 -23.01 31.39 -34.77
CA ASN A 105 -21.98 32.36 -34.41
C ASN A 105 -20.60 31.73 -34.36
N ILE A 106 -20.20 31.15 -35.49
CA ILE A 106 -18.87 30.56 -35.66
C ILE A 106 -18.15 31.31 -36.76
N THR A 107 -16.88 31.65 -36.51
CA THR A 107 -16.08 32.36 -37.49
C THR A 107 -15.58 31.40 -38.57
N ASP A 108 -14.83 31.94 -39.52
CA ASP A 108 -14.31 31.11 -40.61
C ASP A 108 -13.21 30.17 -40.15
N ASP A 109 -12.55 30.46 -39.04
CA ASP A 109 -11.46 29.62 -38.56
C ASP A 109 -11.94 28.40 -37.78
N MET A 110 -13.21 28.37 -37.36
CA MET A 110 -13.76 27.25 -36.59
C MET A 110 -14.97 26.65 -37.30
N ARG A 111 -14.84 26.44 -38.61
CA ARG A 111 -15.92 25.86 -39.40
C ARG A 111 -15.90 24.35 -39.22
N GLY A 112 -16.82 23.84 -38.39
CA GLY A 112 -16.93 22.42 -38.16
C GLY A 112 -15.99 21.85 -37.13
N GLU A 113 -15.28 22.69 -36.38
CA GLU A 113 -14.36 22.17 -35.37
C GLU A 113 -15.10 21.63 -34.15
N LEU A 114 -16.29 22.14 -33.88
CA LEU A 114 -17.11 21.68 -32.76
C LEU A 114 -18.33 20.95 -33.30
N LYS A 115 -18.73 19.87 -32.63
CA LYS A 115 -19.84 19.04 -33.03
C LYS A 115 -20.89 19.03 -31.93
N ASN A 116 -22.14 19.23 -32.31
CA ASN A 116 -23.27 19.15 -31.38
C ASN A 116 -23.80 17.73 -31.41
N CYS A 117 -23.38 16.93 -30.43
CA CYS A 117 -23.65 15.50 -30.42
C CYS A 117 -24.74 15.19 -29.40
N SER A 118 -25.82 14.58 -29.85
CA SER A 118 -26.91 14.15 -28.98
C SER A 118 -26.93 12.62 -28.93
N PHE A 119 -27.14 12.08 -27.73
CA PHE A 119 -26.97 10.64 -27.54
C PHE A 119 -27.67 10.21 -26.26
N ASN A 120 -27.87 8.89 -26.14
CA ASN A 120 -28.54 8.30 -24.99
C ASN A 120 -27.53 7.90 -23.93
N MET A 121 -27.73 8.39 -22.71
CA MET A 121 -26.99 7.94 -21.54
C MET A 121 -27.91 7.20 -20.58
N THR A 122 -27.31 6.31 -19.80
CA THR A 122 -27.99 5.77 -18.63
C THR A 122 -28.15 6.85 -17.58
N THR A 123 -29.31 6.89 -16.94
CA THR A 123 -29.55 7.83 -15.87
C THR A 123 -29.21 7.17 -14.54
N GLU A 124 -29.53 7.84 -13.42
CA GLU A 124 -29.27 7.24 -12.12
C GLU A 124 -30.07 5.96 -11.91
N LEU A 125 -31.18 5.80 -12.62
CA LEU A 125 -31.94 4.56 -12.60
C LEU A 125 -31.41 3.63 -13.69
N ARG A 126 -31.32 2.34 -13.36
CA ARG A 126 -30.70 1.40 -14.28
C ARG A 126 -31.55 1.13 -15.51
N ASP A 127 -32.88 1.17 -15.37
CA ASP A 127 -33.77 0.80 -16.46
C ASP A 127 -34.24 1.98 -17.29
N LYS A 128 -33.81 3.20 -16.97
CA LYS A 128 -34.24 4.39 -17.69
C LYS A 128 -33.06 4.99 -18.45
N LYS A 129 -33.34 5.51 -19.65
CA LYS A 129 -32.34 6.15 -20.48
C LYS A 129 -32.46 7.65 -20.37
N GLN A 130 -31.66 8.37 -21.15
CA GLN A 130 -31.62 9.84 -21.07
C GLN A 130 -31.02 10.37 -22.36
N LYS A 131 -31.81 11.10 -23.14
CA LYS A 131 -31.34 11.69 -24.39
C LYS A 131 -30.78 13.07 -24.07
N VAL A 132 -29.45 13.21 -24.13
CA VAL A 132 -28.78 14.43 -23.73
C VAL A 132 -27.79 14.82 -24.82
N TYR A 133 -27.61 16.12 -25.00
CA TYR A 133 -26.68 16.67 -25.99
C TYR A 133 -25.44 17.21 -25.29
N SER A 134 -24.40 17.42 -26.09
CA SER A 134 -23.14 17.98 -25.62
C SER A 134 -22.38 18.52 -26.82
N LEU A 135 -21.27 19.20 -26.54
CA LEU A 135 -20.41 19.77 -27.56
C LEU A 135 -19.05 19.11 -27.48
N PHE A 136 -18.65 18.41 -28.55
CA PHE A 136 -17.39 17.70 -28.60
C PHE A 136 -16.53 18.27 -29.71
N TYR A 137 -15.25 18.51 -29.42
CA TYR A 137 -14.35 19.01 -30.45
C TYR A 137 -14.15 17.95 -31.52
N ARG A 138 -13.84 18.41 -32.73
CA ARG A 138 -13.72 17.51 -33.87
C ARG A 138 -12.62 16.48 -33.66
N LEU A 139 -11.61 16.80 -32.85
CA LEU A 139 -10.52 15.87 -32.61
C LEU A 139 -10.90 14.76 -31.65
N ASP A 140 -11.99 14.90 -30.92
CA ASP A 140 -12.43 13.91 -29.94
C ASP A 140 -13.51 12.98 -30.47
N VAL A 141 -13.92 13.13 -31.73
CA VAL A 141 -14.96 12.30 -32.31
C VAL A 141 -14.50 11.81 -33.67
N VAL A 142 -14.78 10.55 -33.97
CA VAL A 142 -14.47 9.92 -35.24
C VAL A 142 -15.76 9.37 -35.82
N GLN A 143 -15.95 9.57 -37.13
CA GLN A 143 -17.16 9.11 -37.79
C GLN A 143 -17.19 7.59 -37.87
N ILE A 144 -18.39 7.04 -37.92
CA ILE A 144 -18.61 5.59 -38.04
C ILE A 144 -19.24 5.33 -39.40
N ASN A 145 -18.61 4.49 -40.20
CA ASN A 145 -19.12 4.15 -41.51
C ASN A 145 -19.45 2.66 -41.60
N ASN A 156 -27.87 14.49 -39.62
CA ASN A 156 -26.83 14.17 -38.65
C ASN A 156 -26.15 12.84 -38.98
N LYS A 157 -24.89 12.71 -38.60
CA LYS A 157 -24.12 11.49 -38.84
C LYS A 157 -23.85 10.80 -37.51
N GLU A 158 -23.25 9.62 -37.58
CA GLU A 158 -22.93 8.83 -36.41
C GLU A 158 -21.44 8.95 -36.11
N TYR A 159 -21.12 9.40 -34.90
CA TYR A 159 -19.76 9.56 -34.43
C TYR A 159 -19.57 8.77 -33.13
N ARG A 160 -18.31 8.60 -32.75
CA ARG A 160 -17.99 8.00 -31.46
C ARG A 160 -16.71 8.64 -30.94
N LEU A 161 -16.55 8.61 -29.62
CA LEU A 161 -15.35 9.19 -29.01
C LEU A 161 -14.11 8.50 -29.55
N ILE A 162 -13.05 9.30 -29.75
CA ILE A 162 -11.87 8.80 -30.44
C ILE A 162 -11.23 7.65 -29.69
N ASN A 163 -11.16 7.75 -28.37
CA ASN A 163 -10.57 6.68 -27.55
C ASN A 163 -11.66 5.80 -26.95
N CYS A 164 -12.39 5.13 -27.84
CA CYS A 164 -13.37 4.12 -27.43
C CYS A 164 -13.02 2.73 -27.94
N ASN A 165 -12.11 2.59 -28.89
CA ASN A 165 -11.67 1.29 -29.37
C ASN A 165 -10.25 0.95 -28.93
N THR A 166 -9.60 1.81 -28.16
CA THR A 166 -8.25 1.56 -27.67
C THR A 166 -8.12 1.63 -26.16
N SER A 167 -8.84 2.54 -25.51
CA SER A 167 -8.65 2.76 -24.09
C SER A 167 -9.98 3.13 -23.44
N ALA A 168 -10.02 2.99 -22.13
CA ALA A 168 -11.18 3.36 -21.33
C ALA A 168 -10.98 4.77 -20.78
N ILE A 169 -11.96 5.63 -20.99
CA ILE A 169 -11.84 7.04 -20.64
C ILE A 169 -12.21 7.22 -19.17
N THR A 170 -11.33 7.88 -18.43
CA THR A 170 -11.59 8.27 -17.04
C THR A 170 -11.66 9.79 -17.00
N GLN A 171 -12.77 10.33 -16.50
CA GLN A 171 -13.00 11.76 -16.54
C GLN A 171 -12.03 12.49 -15.61
N ALA A 172 -11.39 13.53 -16.13
CA ALA A 172 -10.49 14.31 -15.26
C ALA A 172 -11.29 14.96 -14.15
N CYS A 173 -10.77 14.84 -12.94
CA CYS A 173 -11.61 14.93 -11.76
C CYS A 173 -11.78 16.39 -11.34
N PRO A 174 -13.01 16.90 -11.28
CA PRO A 174 -13.22 18.36 -11.38
C PRO A 174 -12.59 19.20 -10.28
N LYS A 175 -12.36 18.67 -9.08
CA LYS A 175 -11.82 19.46 -7.99
C LYS A 175 -10.30 19.57 -8.01
N VAL A 176 -9.62 18.76 -8.82
CA VAL A 176 -8.16 18.80 -8.85
C VAL A 176 -7.71 19.88 -9.83
N SER A 177 -6.51 20.41 -9.59
CA SER A 177 -5.95 21.49 -10.38
C SER A 177 -4.68 21.02 -11.07
N PHE A 178 -4.49 21.44 -12.32
CA PHE A 178 -3.35 21.03 -13.11
C PHE A 178 -2.19 22.03 -13.08
N GLU A 179 -2.32 23.11 -12.32
CA GLU A 179 -1.27 24.11 -12.28
C GLU A 179 0.00 23.51 -11.67
N PRO A 180 1.15 23.63 -12.32
CA PRO A 180 2.37 23.02 -11.78
C PRO A 180 2.89 23.74 -10.56
N ILE A 181 2.70 23.14 -9.39
CA ILE A 181 3.27 23.69 -8.16
C ILE A 181 4.72 23.22 -8.05
N PRO A 182 5.67 24.13 -7.84
CA PRO A 182 7.08 23.71 -7.79
C PRO A 182 7.33 22.70 -6.69
N ILE A 183 8.18 21.71 -6.99
CA ILE A 183 8.53 20.66 -6.05
C ILE A 183 10.05 20.59 -5.95
N HIS A 184 10.54 20.38 -4.74
CA HIS A 184 11.97 20.27 -4.48
C HIS A 184 12.31 18.82 -4.23
N TYR A 185 13.27 18.30 -4.99
CA TYR A 185 13.70 16.91 -4.85
C TYR A 185 14.85 16.87 -3.84
N CYS A 186 14.56 16.38 -2.63
CA CYS A 186 15.54 16.33 -1.57
C CYS A 186 16.03 14.90 -1.39
N ALA A 187 17.35 14.73 -1.41
CA ALA A 187 17.98 13.45 -1.18
C ALA A 187 17.91 13.09 0.31
N PRO A 188 17.86 11.80 0.64
CA PRO A 188 17.79 11.40 2.05
C PRO A 188 19.12 11.64 2.75
N ALA A 189 19.09 11.52 4.07
CA ALA A 189 20.31 11.67 4.86
C ALA A 189 21.33 10.62 4.47
N GLY A 190 22.59 11.01 4.47
CA GLY A 190 23.65 10.17 3.92
C GLY A 190 23.89 10.37 2.45
N PHE A 191 23.07 11.19 1.78
CA PHE A 191 23.23 11.51 0.37
C PHE A 191 23.25 13.03 0.23
N ALA A 192 23.84 13.48 -0.87
CA ALA A 192 23.91 14.91 -1.17
C ALA A 192 23.64 15.11 -2.65
N ILE A 193 23.36 16.36 -3.03
CA ILE A 193 23.12 16.71 -4.42
C ILE A 193 24.13 17.77 -4.82
N LEU A 194 25.00 17.42 -5.76
CA LEU A 194 25.96 18.36 -6.30
C LEU A 194 25.31 19.14 -7.43
N LYS A 195 25.33 20.46 -7.32
CA LYS A 195 24.80 21.35 -8.34
C LYS A 195 25.97 22.02 -9.05
N CYS A 196 25.96 21.98 -10.38
CA CYS A 196 27.01 22.57 -11.19
C CYS A 196 26.68 24.04 -11.42
N LYS A 197 27.38 24.92 -10.71
CA LYS A 197 27.14 26.35 -10.81
C LYS A 197 27.85 27.00 -11.99
N ASP A 198 28.62 26.23 -12.75
CA ASP A 198 29.31 26.77 -13.92
C ASP A 198 28.28 27.25 -14.93
N LYS A 199 28.34 28.54 -15.28
CA LYS A 199 27.35 29.13 -16.17
C LYS A 199 27.63 28.85 -17.64
N LYS A 200 28.76 28.21 -17.96
CA LYS A 200 29.08 27.80 -19.31
C LYS A 200 29.07 26.28 -19.45
N PHE A 201 28.30 25.61 -18.61
CA PHE A 201 28.23 24.15 -18.60
C PHE A 201 27.31 23.70 -19.72
N ASN A 202 27.86 23.01 -20.72
CA ASN A 202 27.07 22.60 -21.87
C ASN A 202 26.20 21.39 -21.58
N GLY A 203 26.49 20.64 -20.52
CA GLY A 203 25.62 19.55 -20.11
C GLY A 203 26.29 18.20 -19.94
N THR A 204 27.51 18.03 -20.45
CA THR A 204 28.19 16.74 -20.39
C THR A 204 29.68 17.00 -20.25
N GLY A 205 30.22 16.77 -19.06
CA GLY A 205 31.64 16.92 -18.85
C GLY A 205 31.98 17.37 -17.44
N PRO A 206 33.24 17.71 -17.22
CA PRO A 206 33.65 18.23 -15.89
C PRO A 206 33.04 19.58 -15.62
N CYS A 207 32.77 19.85 -14.35
CA CYS A 207 32.22 21.14 -13.91
C CYS A 207 33.14 21.70 -12.83
N PRO A 208 33.95 22.71 -13.15
CA PRO A 208 34.86 23.28 -12.14
C PRO A 208 34.16 23.80 -10.89
N SER A 209 32.96 24.35 -11.01
CA SER A 209 32.26 24.99 -9.89
C SER A 209 31.12 24.07 -9.44
N VAL A 210 31.35 23.33 -8.37
CA VAL A 210 30.38 22.40 -7.82
C VAL A 210 29.99 22.89 -6.42
N SER A 211 28.68 22.84 -6.12
CA SER A 211 28.17 23.27 -4.83
C SER A 211 27.25 22.21 -4.27
N THR A 212 27.45 21.84 -3.00
CA THR A 212 26.63 20.80 -2.39
C THR A 212 25.34 21.40 -1.84
N VAL A 213 24.25 20.65 -2.02
CA VAL A 213 22.92 21.06 -1.56
C VAL A 213 22.15 19.82 -1.14
N GLN A 214 21.01 20.04 -0.49
CA GLN A 214 20.14 18.97 -0.06
C GLN A 214 18.85 18.87 -0.87
N CYS A 215 18.39 19.97 -1.45
CA CYS A 215 17.14 20.01 -2.18
C CYS A 215 17.31 20.77 -3.48
N THR A 216 16.44 20.49 -4.44
CA THR A 216 16.45 21.14 -5.73
C THR A 216 15.73 22.49 -5.66
N HIS A 217 15.84 23.25 -6.74
CA HIS A 217 15.34 24.63 -6.77
C HIS A 217 13.89 24.71 -7.24
N GLY A 218 13.01 23.93 -6.62
CA GLY A 218 11.60 23.99 -6.90
C GLY A 218 11.23 23.80 -8.36
N ILE A 219 11.44 22.58 -8.87
CA ILE A 219 11.17 22.32 -10.28
C ILE A 219 9.67 22.28 -10.52
N LYS A 220 9.21 23.01 -11.52
CA LYS A 220 7.79 23.01 -11.89
C LYS A 220 7.52 21.86 -12.85
N PRO A 221 6.60 20.96 -12.53
CA PRO A 221 6.28 19.87 -13.48
C PRO A 221 5.45 20.36 -14.65
N VAL A 222 6.04 21.21 -15.49
CA VAL A 222 5.34 21.75 -16.64
C VAL A 222 5.34 20.73 -17.77
N VAL A 223 4.16 20.46 -18.31
CA VAL A 223 3.99 19.48 -19.39
C VAL A 223 3.86 20.26 -20.69
N SER A 224 4.85 20.10 -21.58
CA SER A 224 4.85 20.74 -22.87
C SER A 224 5.76 19.94 -23.80
N THR A 225 5.61 20.15 -25.10
CA THR A 225 6.31 19.34 -26.08
C THR A 225 7.34 20.14 -26.88
N GLN A 226 6.93 21.22 -27.55
CA GLN A 226 7.85 21.94 -28.42
C GLN A 226 8.48 23.15 -27.76
N LEU A 227 7.80 23.78 -26.81
CA LEU A 227 8.29 24.98 -26.15
C LEU A 227 8.28 24.75 -24.65
N LEU A 228 9.44 24.90 -24.02
CA LEU A 228 9.54 24.72 -22.57
C LEU A 228 8.96 25.96 -21.89
N LEU A 229 7.86 25.78 -21.18
CA LEU A 229 7.13 26.89 -20.58
C LEU A 229 7.42 26.97 -19.09
N ASN A 230 7.54 28.22 -18.59
CA ASN A 230 7.69 28.49 -17.16
C ASN A 230 8.89 27.75 -16.58
N GLY A 231 9.98 27.68 -17.34
CA GLY A 231 11.16 26.97 -16.92
C GLY A 231 12.19 27.89 -16.26
N SER A 232 13.32 27.28 -15.90
CA SER A 232 14.43 28.01 -15.31
C SER A 232 15.37 28.46 -16.41
N LEU A 233 15.68 29.75 -16.42
CA LEU A 233 16.47 30.34 -17.49
C LEU A 233 17.96 30.26 -17.18
N ALA A 234 18.77 30.36 -18.23
CA ALA A 234 20.21 30.48 -18.06
C ALA A 234 20.56 31.86 -17.51
N GLU A 235 21.85 32.07 -17.24
CA GLU A 235 22.29 33.33 -16.66
C GLU A 235 23.12 34.16 -17.64
N GLU A 236 24.18 33.57 -18.20
CA GLU A 236 25.11 34.36 -19.00
C GLU A 236 24.64 34.50 -20.46
N GLU A 237 24.57 33.39 -21.21
CA GLU A 237 23.97 33.47 -22.54
C GLU A 237 23.02 32.29 -22.73
N VAL A 238 22.43 32.23 -23.93
CA VAL A 238 21.57 31.11 -24.30
C VAL A 238 22.42 29.86 -24.47
N MET A 239 21.97 28.75 -23.89
CA MET A 239 22.75 27.52 -23.86
C MET A 239 22.15 26.47 -24.79
N ILE A 240 23.02 25.81 -25.54
CA ILE A 240 22.65 24.73 -26.45
C ILE A 240 23.20 23.44 -25.87
N ARG A 241 22.32 22.53 -25.46
CA ARG A 241 22.72 21.29 -24.82
C ARG A 241 22.29 20.11 -25.68
N SER A 242 23.19 19.15 -25.85
CA SER A 242 22.88 17.93 -26.59
C SER A 242 23.91 16.88 -26.24
N GLU A 243 23.46 15.63 -26.11
CA GLU A 243 24.40 14.54 -25.86
C GLU A 243 25.35 14.37 -27.04
N ASN A 244 24.84 14.51 -28.26
CA ASN A 244 25.68 14.48 -29.46
C ASN A 244 25.05 15.42 -30.47
N ILE A 245 25.65 16.60 -30.65
CA ILE A 245 25.15 17.54 -31.64
C ILE A 245 25.26 16.93 -33.04
N THR A 246 26.33 16.18 -33.29
CA THR A 246 26.50 15.52 -34.58
C THR A 246 25.38 14.52 -34.84
N ASN A 247 24.96 13.80 -33.81
CA ASN A 247 23.87 12.85 -33.95
C ASN A 247 22.57 13.58 -34.27
N ASN A 248 21.76 12.97 -35.14
CA ASN A 248 20.47 13.53 -35.50
C ASN A 248 19.31 12.86 -34.77
N ALA A 249 19.58 11.84 -33.97
CA ALA A 249 18.56 11.18 -33.16
C ALA A 249 18.50 11.73 -31.74
N LYS A 250 19.28 12.76 -31.43
CA LYS A 250 19.33 13.34 -30.10
C LYS A 250 18.69 14.72 -30.13
N ASN A 251 17.71 14.94 -29.25
CA ASN A 251 17.06 16.23 -29.17
C ASN A 251 18.03 17.28 -28.66
N ILE A 252 17.98 18.47 -29.25
CA ILE A 252 18.81 19.59 -28.86
C ILE A 252 17.98 20.47 -27.94
N LEU A 253 18.34 20.52 -26.66
CA LEU A 253 17.68 21.41 -25.73
C LEU A 253 18.29 22.80 -25.85
N VAL A 254 17.43 23.82 -25.91
CA VAL A 254 17.87 25.21 -25.99
C VAL A 254 17.30 25.94 -24.79
N GLN A 255 18.17 26.57 -24.00
CA GLN A 255 17.76 27.32 -22.82
C GLN A 255 18.01 28.80 -23.07
N PHE A 256 16.96 29.60 -22.90
CA PHE A 256 17.03 31.03 -23.15
C PHE A 256 17.56 31.77 -21.93
N ASN A 257 18.33 32.83 -22.18
CA ASN A 257 18.77 33.70 -21.10
C ASN A 257 17.72 34.74 -20.74
N THR A 258 16.89 35.14 -21.71
CA THR A 258 15.79 36.06 -21.48
C THR A 258 14.47 35.42 -21.91
N PRO A 259 13.42 35.55 -21.12
CA PRO A 259 12.17 34.86 -21.43
C PRO A 259 11.37 35.58 -22.51
N VAL A 260 10.70 34.78 -23.33
CA VAL A 260 9.84 35.27 -24.39
C VAL A 260 8.39 35.02 -23.96
N GLN A 261 7.63 36.10 -23.79
CA GLN A 261 6.27 35.94 -23.28
C GLN A 261 5.35 35.38 -24.36
N ILE A 262 4.47 34.48 -23.94
CA ILE A 262 3.47 33.88 -24.81
C ILE A 262 2.11 33.97 -24.12
N ASN A 263 1.13 34.53 -24.82
CA ASN A 263 -0.21 34.71 -24.29
C ASN A 263 -1.15 33.70 -24.94
N CYS A 264 -1.87 32.97 -24.12
CA CYS A 264 -2.71 31.87 -24.56
C CYS A 264 -4.15 32.23 -24.27
N THR A 265 -5.07 31.91 -25.18
CA THR A 265 -6.45 32.26 -24.91
C THR A 265 -7.39 31.27 -25.57
N ARG A 266 -8.52 31.06 -24.91
CA ARG A 266 -9.65 30.31 -25.43
C ARG A 266 -10.84 31.26 -25.39
N PRO A 267 -11.09 32.02 -26.46
CA PRO A 267 -12.11 33.07 -26.40
C PRO A 267 -13.51 32.57 -26.15
N ASN A 268 -13.78 31.28 -26.38
CA ASN A 268 -15.12 30.75 -26.16
C ASN A 268 -15.50 30.84 -24.69
N ASN A 269 -16.76 31.20 -24.45
CA ASN A 269 -17.30 31.31 -23.09
C ASN A 269 -18.08 30.02 -22.82
N ASN A 270 -17.35 28.96 -22.51
CA ASN A 270 -17.95 27.65 -22.33
C ASN A 270 -18.81 27.60 -21.06
N THR A 271 -19.81 26.72 -21.08
CA THR A 271 -20.65 26.46 -19.92
C THR A 271 -20.62 24.96 -19.62
N ARG A 272 -20.38 24.62 -18.37
CA ARG A 272 -20.31 23.24 -17.94
C ARG A 272 -21.69 22.75 -17.51
N LYS A 273 -22.10 21.60 -18.03
CA LYS A 273 -23.40 21.02 -17.70
C LYS A 273 -23.20 19.64 -17.09
N SER A 274 -23.78 19.42 -15.92
CA SER A 274 -23.65 18.14 -15.23
C SER A 274 -24.74 17.18 -15.70
N ILE A 275 -24.33 15.93 -15.94
CA ILE A 275 -25.24 14.87 -16.37
C ILE A 275 -25.10 13.72 -15.39
N ARG A 276 -26.22 13.20 -14.91
CA ARG A 276 -26.22 12.07 -13.99
C ARG A 276 -26.19 10.79 -14.81
N ILE A 277 -25.01 10.17 -14.88
CA ILE A 277 -24.83 8.92 -15.62
C ILE A 277 -24.85 7.71 -14.70
N GLY A 278 -25.15 7.90 -13.41
CA GLY A 278 -25.22 6.82 -12.48
C GLY A 278 -25.36 7.32 -11.05
N PRO A 279 -25.39 6.41 -10.09
CA PRO A 279 -25.44 6.83 -8.69
C PRO A 279 -24.19 7.55 -8.25
N GLY A 280 -24.30 8.85 -7.99
CA GLY A 280 -23.15 9.64 -7.57
C GLY A 280 -22.27 10.09 -8.72
N GLN A 281 -22.03 9.20 -9.68
CA GLN A 281 -21.19 9.52 -10.82
C GLN A 281 -21.84 10.61 -11.67
N ALA A 282 -21.07 11.63 -12.01
CA ALA A 282 -21.55 12.74 -12.83
C ALA A 282 -20.56 13.00 -13.96
N PHE A 283 -21.09 13.27 -15.14
CA PHE A 283 -20.29 13.57 -16.31
C PHE A 283 -20.49 15.03 -16.70
N TYR A 284 -19.40 15.76 -16.83
CA TYR A 284 -19.44 17.20 -17.11
C TYR A 284 -19.26 17.42 -18.60
N ALA A 285 -20.33 17.83 -19.28
CA ALA A 285 -20.32 18.05 -20.71
C ALA A 285 -20.27 19.55 -21.01
N THR A 286 -19.98 19.86 -22.26
CA THR A 286 -19.91 21.25 -22.73
C THR A 286 -21.30 21.67 -23.20
N GLY A 287 -21.91 22.61 -22.49
CA GLY A 287 -23.18 23.16 -22.90
C GLY A 287 -23.02 24.13 -24.04
N ASP A 288 -24.12 24.77 -24.40
CA ASP A 288 -24.08 25.77 -25.46
C ASP A 288 -23.16 26.92 -25.06
N ILE A 289 -22.28 27.31 -25.99
CA ILE A 289 -21.34 28.39 -25.73
C ILE A 289 -22.07 29.71 -25.84
N ILE A 290 -22.04 30.50 -24.77
CA ILE A 290 -22.74 31.77 -24.73
C ILE A 290 -21.86 32.83 -25.40
N GLY A 291 -22.41 33.50 -26.41
CA GLY A 291 -21.67 34.53 -27.11
C GLY A 291 -21.18 34.10 -28.48
N ASP A 292 -19.98 34.55 -28.84
CA ASP A 292 -19.40 34.25 -30.14
C ASP A 292 -18.33 33.18 -30.00
N ILE A 293 -18.31 32.25 -30.96
CA ILE A 293 -17.35 31.15 -30.96
C ILE A 293 -16.16 31.56 -31.81
N ARG A 294 -14.98 31.58 -31.18
CA ARG A 294 -13.76 31.98 -31.86
C ARG A 294 -12.64 30.99 -31.53
N GLN A 295 -11.71 30.86 -32.46
CA GLN A 295 -10.63 29.89 -32.32
C GLN A 295 -9.68 30.29 -31.20
N ALA A 296 -9.31 29.31 -30.38
CA ALA A 296 -8.30 29.54 -29.36
C ALA A 296 -6.96 29.80 -30.01
N HIS A 297 -6.17 30.71 -29.43
CA HIS A 297 -4.95 31.11 -30.12
C HIS A 297 -3.90 31.57 -29.13
N CYS A 298 -2.66 31.61 -29.62
CA CYS A 298 -1.50 32.11 -28.90
C CYS A 298 -0.96 33.35 -29.59
N ASN A 299 -0.28 34.18 -28.81
CA ASN A 299 0.34 35.39 -29.30
C ASN A 299 1.74 35.48 -28.72
N VAL A 300 2.74 35.60 -29.58
CA VAL A 300 4.12 35.79 -29.13
C VAL A 300 4.70 36.98 -29.86
N SER A 301 5.36 37.88 -29.13
CA SER A 301 5.88 39.11 -29.70
C SER A 301 6.85 38.80 -30.83
N LYS A 302 6.57 39.36 -32.01
CA LYS A 302 7.38 39.08 -33.20
C LYS A 302 8.82 39.51 -33.00
N ALA A 303 9.04 40.75 -32.56
CA ALA A 303 10.40 41.25 -32.38
C ALA A 303 11.16 40.43 -31.36
N THR A 304 10.52 40.10 -30.23
CA THR A 304 11.18 39.30 -29.21
C THR A 304 11.53 37.91 -29.73
N TRP A 305 10.61 37.29 -30.47
CA TRP A 305 10.88 35.96 -31.01
C TRP A 305 12.01 36.00 -32.03
N ASN A 306 12.02 37.01 -32.89
CA ASN A 306 13.10 37.13 -33.87
C ASN A 306 14.45 37.34 -33.19
N GLU A 307 14.48 38.19 -32.16
CA GLU A 307 15.71 38.39 -31.41
C GLU A 307 16.18 37.10 -30.75
N THR A 308 15.25 36.34 -30.16
CA THR A 308 15.61 35.10 -29.50
C THR A 308 16.12 34.07 -30.50
N LEU A 309 15.48 34.00 -31.68
CA LEU A 309 15.96 33.08 -32.70
C LEU A 309 17.34 33.47 -33.19
N GLY A 310 17.59 34.77 -33.36
CA GLY A 310 18.92 35.21 -33.73
C GLY A 310 19.96 34.85 -32.68
N LYS A 311 19.61 35.03 -31.41
CA LYS A 311 20.53 34.65 -30.34
C LYS A 311 20.79 33.15 -30.35
N VAL A 312 19.76 32.35 -30.60
CA VAL A 312 19.93 30.90 -30.65
C VAL A 312 20.85 30.52 -31.80
N VAL A 313 20.65 31.14 -32.97
CA VAL A 313 21.50 30.85 -34.12
C VAL A 313 22.95 31.25 -33.84
N LYS A 314 23.14 32.37 -33.14
CA LYS A 314 24.48 32.82 -32.82
C LYS A 314 25.23 31.80 -31.98
N GLN A 315 24.54 31.19 -31.01
CA GLN A 315 25.11 30.13 -30.19
C GLN A 315 24.98 28.75 -30.81
N LEU A 316 24.29 28.63 -31.95
CA LEU A 316 24.16 27.37 -32.65
C LEU A 316 25.19 27.19 -33.74
N ARG A 317 25.74 28.28 -34.28
CA ARG A 317 26.75 28.18 -35.33
C ARG A 317 28.10 27.69 -34.79
N LYS A 318 28.28 27.71 -33.47
CA LYS A 318 29.57 27.30 -32.90
C LYS A 318 29.87 25.84 -33.20
N HIS A 319 28.88 24.96 -33.06
CA HIS A 319 29.08 23.55 -33.29
C HIS A 319 29.16 23.19 -34.77
N PHE A 320 28.63 24.04 -35.64
CA PHE A 320 28.63 23.77 -37.08
C PHE A 320 29.53 24.71 -37.85
N GLY A 321 30.23 25.62 -37.18
CA GLY A 321 31.12 26.55 -37.84
C GLY A 321 30.39 27.74 -38.42
N ASN A 322 31.16 28.73 -38.86
CA ASN A 322 30.61 29.91 -39.50
C ASN A 322 30.25 29.60 -40.94
N ASN A 323 29.65 30.58 -41.61
CA ASN A 323 29.29 30.53 -43.03
C ASN A 323 28.24 29.47 -43.34
N THR A 324 27.64 28.86 -42.33
CA THR A 324 26.61 27.85 -42.53
C THR A 324 25.23 28.49 -42.38
N ILE A 325 24.26 27.93 -43.10
CA ILE A 325 22.90 28.45 -43.12
C ILE A 325 22.08 27.72 -42.06
N ILE A 326 21.42 28.47 -41.19
CA ILE A 326 20.61 27.90 -40.12
C ILE A 326 19.15 28.17 -40.42
N ARG A 327 18.38 27.11 -40.65
CA ARG A 327 16.98 27.24 -41.04
C ARG A 327 16.10 26.59 -39.99
N PHE A 328 15.03 27.29 -39.61
CA PHE A 328 14.02 26.76 -38.72
C PHE A 328 12.74 26.53 -39.50
N ALA A 329 12.33 25.28 -39.61
CA ALA A 329 11.09 24.88 -40.25
C ALA A 329 10.21 24.16 -39.24
N ASN A 330 8.93 24.01 -39.58
CA ASN A 330 7.98 23.44 -38.63
C ASN A 330 8.19 21.93 -38.53
N SER A 331 7.37 21.29 -37.67
CA SER A 331 7.55 19.88 -37.40
C SER A 331 7.31 19.04 -38.66
N SER A 332 8.09 17.97 -38.81
CA SER A 332 8.09 17.17 -40.01
C SER A 332 6.99 16.11 -40.03
N GLY A 333 6.35 15.83 -38.91
CA GLY A 333 5.28 14.85 -38.88
C GLY A 333 5.17 14.23 -37.50
N GLY A 334 4.19 13.33 -37.38
CA GLY A 334 3.92 12.66 -36.13
C GLY A 334 2.51 12.88 -35.62
N ASP A 335 2.27 12.54 -34.36
CA ASP A 335 0.97 12.77 -33.75
C ASP A 335 0.76 14.26 -33.50
N LEU A 336 -0.41 14.59 -32.94
CA LEU A 336 -0.70 15.99 -32.62
C LEU A 336 0.15 16.49 -31.46
N GLU A 337 0.75 15.59 -30.68
CA GLU A 337 1.57 16.01 -29.56
C GLU A 337 2.92 16.55 -30.03
N VAL A 338 3.45 16.04 -31.13
CA VAL A 338 4.79 16.39 -31.57
C VAL A 338 4.76 17.38 -32.72
N THR A 339 3.67 17.34 -33.51
CA THR A 339 3.57 18.28 -34.64
C THR A 339 3.22 19.68 -34.17
N THR A 340 2.53 19.80 -33.03
CA THR A 340 2.10 21.08 -32.51
C THR A 340 2.58 21.24 -31.08
N HIS A 341 2.83 22.49 -30.69
CA HIS A 341 3.19 22.79 -29.31
C HIS A 341 2.01 22.46 -28.41
N SER A 342 2.12 21.39 -27.66
CA SER A 342 1.03 20.93 -26.81
C SER A 342 1.34 21.31 -25.36
N PHE A 343 0.35 21.88 -24.68
CA PHE A 343 0.53 22.25 -23.29
C PHE A 343 -0.82 22.22 -22.60
N ASN A 344 -0.80 22.49 -21.29
CA ASN A 344 -2.02 22.45 -20.48
C ASN A 344 -2.00 23.64 -19.54
N CYS A 345 -3.04 24.47 -19.60
CA CYS A 345 -3.16 25.55 -18.64
C CYS A 345 -4.63 25.90 -18.49
N GLY A 346 -4.97 26.45 -17.33
CA GLY A 346 -6.36 26.76 -17.04
C GLY A 346 -7.26 25.57 -16.95
N GLY A 347 -6.71 24.36 -16.89
CA GLY A 347 -7.49 23.15 -16.96
C GLY A 347 -7.74 22.62 -18.36
N GLU A 348 -7.31 23.35 -19.39
CA GLU A 348 -7.54 22.93 -20.76
C GLU A 348 -6.22 22.67 -21.48
N PHE A 349 -6.27 21.73 -22.42
CA PHE A 349 -5.10 21.28 -23.16
C PHE A 349 -5.13 21.88 -24.55
N PHE A 350 -4.09 22.62 -24.89
CA PHE A 350 -3.98 23.30 -26.18
C PHE A 350 -2.93 22.59 -27.05
N TYR A 351 -3.23 22.51 -28.34
CA TYR A 351 -2.30 22.01 -29.35
C TYR A 351 -2.16 23.11 -30.39
N CYS A 352 -1.07 23.87 -30.34
CA CYS A 352 -0.92 25.08 -31.12
C CYS A 352 0.01 24.84 -32.30
N ASN A 353 -0.46 25.17 -33.49
CA ASN A 353 0.29 25.01 -34.73
C ASN A 353 1.39 26.07 -34.77
N THR A 354 2.59 25.70 -34.37
CA THR A 354 3.74 26.61 -34.36
C THR A 354 4.51 26.56 -35.67
N SER A 355 3.81 26.75 -36.79
CA SER A 355 4.49 26.89 -38.07
C SER A 355 4.98 28.31 -38.28
N GLY A 356 4.30 29.29 -37.68
CA GLY A 356 4.76 30.67 -37.80
C GLY A 356 6.07 30.93 -37.09
N LEU A 357 6.27 30.29 -35.93
CA LEU A 357 7.50 30.50 -35.18
C LEU A 357 8.72 30.00 -35.95
N PHE A 358 8.68 28.75 -36.41
CA PHE A 358 9.81 28.13 -37.11
C PHE A 358 9.55 28.18 -38.60
N ASN A 359 9.72 29.35 -39.18
CA ASN A 359 9.61 29.55 -40.62
C ASN A 359 10.67 30.52 -41.11
N SER A 360 11.91 30.36 -40.64
CA SER A 360 12.93 31.38 -40.85
C SER A 360 14.21 30.77 -41.41
N THR A 361 15.00 31.62 -42.05
CA THR A 361 16.31 31.26 -42.55
C THR A 361 17.33 32.31 -42.12
N TRP A 362 18.52 31.86 -41.72
CA TRP A 362 19.55 32.75 -41.21
C TRP A 362 20.86 32.47 -41.94
N ILE A 363 21.45 33.53 -42.48
CA ILE A 363 22.70 33.47 -43.25
C ILE A 363 23.74 34.31 -42.54
N SER A 364 24.96 33.81 -42.49
CA SER A 364 26.07 34.53 -41.86
C SER A 364 26.32 35.87 -42.54
N ASN A 377 5.38 45.35 -31.87
CA ASN A 377 3.95 45.31 -31.57
C ASN A 377 3.27 44.13 -32.23
N ASP A 378 3.58 43.90 -33.50
CA ASP A 378 3.00 42.78 -34.23
C ASP A 378 3.30 41.47 -33.51
N SER A 379 2.27 40.63 -33.41
CA SER A 379 2.38 39.38 -32.68
C SER A 379 2.19 38.20 -33.62
N ILE A 380 3.08 37.22 -33.52
CA ILE A 380 2.89 35.93 -34.19
C ILE A 380 1.72 35.24 -33.50
N THR A 381 0.62 35.07 -34.23
CA THR A 381 -0.56 34.40 -33.72
C THR A 381 -0.55 32.95 -34.16
N LEU A 382 -0.70 32.05 -33.19
CA LEU A 382 -0.69 30.62 -33.43
C LEU A 382 -2.10 30.06 -33.25
N PRO A 383 -2.73 29.55 -34.30
CA PRO A 383 -4.06 28.95 -34.14
C PRO A 383 -3.97 27.61 -33.42
N CYS A 384 -4.62 27.53 -32.26
CA CYS A 384 -4.57 26.33 -31.44
C CYS A 384 -5.88 25.56 -31.53
N ARG A 385 -5.80 24.26 -31.26
CA ARG A 385 -6.95 23.39 -31.15
C ARG A 385 -7.03 22.85 -29.74
N ILE A 386 -8.24 22.46 -29.33
CA ILE A 386 -8.51 21.98 -27.99
C ILE A 386 -8.97 20.53 -28.05
N LYS A 387 -8.40 19.70 -27.21
CA LYS A 387 -8.81 18.31 -27.07
C LYS A 387 -9.24 18.05 -25.63
N GLN A 388 -10.27 17.23 -25.47
CA GLN A 388 -10.70 16.80 -24.16
C GLN A 388 -10.34 15.35 -23.84
N ILE A 389 -10.25 14.49 -24.85
CA ILE A 389 -9.78 13.13 -24.67
C ILE A 389 -8.27 13.13 -24.73
N ILE A 390 -7.62 13.27 -23.58
CA ILE A 390 -6.17 13.43 -23.51
C ILE A 390 -5.54 12.08 -23.22
N ASN A 391 -4.69 11.61 -24.11
CA ASN A 391 -3.92 10.39 -23.90
C ASN A 391 -2.54 10.75 -23.38
N MET A 392 -2.51 11.23 -22.14
CA MET A 392 -1.27 11.72 -21.54
C MET A 392 -0.29 10.58 -21.31
N TRP A 393 1.00 10.93 -21.32
CA TRP A 393 2.10 10.01 -21.06
C TRP A 393 2.15 8.87 -22.07
N GLN A 394 1.64 9.13 -23.29
CA GLN A 394 1.70 8.22 -24.43
C GLN A 394 1.46 6.77 -24.04
N ARG A 395 0.51 6.52 -23.15
CA ARG A 395 0.18 5.19 -22.67
C ARG A 395 -1.12 4.75 -23.32
N ILE A 396 -1.03 3.81 -24.27
CA ILE A 396 -2.20 3.28 -24.95
C ILE A 396 -2.90 2.32 -23.99
N GLY A 397 -4.10 2.69 -23.56
CA GLY A 397 -4.86 1.86 -22.65
C GLY A 397 -5.45 2.64 -21.49
N GLN A 398 -5.03 3.89 -21.33
CA GLN A 398 -5.53 4.75 -20.26
C GLN A 398 -5.73 6.15 -20.85
N ALA A 399 -6.97 6.46 -21.19
CA ALA A 399 -7.32 7.78 -21.71
C ALA A 399 -7.66 8.71 -20.55
N MET A 400 -8.18 9.89 -20.87
CA MET A 400 -8.50 10.90 -19.86
C MET A 400 -9.38 11.99 -20.46
N TYR A 401 -10.49 12.30 -19.80
CA TYR A 401 -11.45 13.30 -20.27
C TYR A 401 -11.35 14.53 -19.38
N ALA A 402 -10.77 15.60 -19.91
CA ALA A 402 -10.69 16.86 -19.18
C ALA A 402 -12.04 17.55 -19.19
N PRO A 403 -12.66 17.81 -18.04
CA PRO A 403 -13.97 18.43 -18.04
C PRO A 403 -13.88 19.86 -18.54
N PRO A 404 -14.97 20.40 -19.09
CA PRO A 404 -14.94 21.78 -19.58
C PRO A 404 -14.68 22.76 -18.46
N ILE A 405 -14.00 23.85 -18.79
CA ILE A 405 -13.69 24.91 -17.84
C ILE A 405 -14.62 26.08 -18.13
N GLN A 406 -15.35 26.51 -17.10
CA GLN A 406 -16.31 27.59 -17.27
C GLN A 406 -15.60 28.91 -17.55
N GLY A 407 -16.28 29.78 -18.28
CA GLY A 407 -15.74 31.09 -18.57
C GLY A 407 -14.75 31.07 -19.72
N VAL A 408 -13.94 32.13 -19.78
CA VAL A 408 -12.94 32.32 -20.82
C VAL A 408 -11.56 32.18 -20.18
N ILE A 409 -10.71 31.37 -20.81
CA ILE A 409 -9.40 31.03 -20.26
C ILE A 409 -8.34 31.91 -20.91
N ARG A 410 -7.55 32.59 -20.07
CA ARG A 410 -6.40 33.36 -20.49
C ARG A 410 -5.18 32.89 -19.72
N CYS A 411 -4.02 32.92 -20.38
CA CYS A 411 -2.80 32.37 -19.80
C CYS A 411 -1.62 33.22 -20.24
N VAL A 412 -0.65 33.38 -19.35
CA VAL A 412 0.58 34.11 -19.64
C VAL A 412 1.74 33.24 -19.20
N SER A 413 2.63 32.91 -20.14
CA SER A 413 3.75 32.03 -19.83
C SER A 413 5.02 32.60 -20.46
N ASN A 414 6.15 32.07 -20.02
CA ASN A 414 7.46 32.39 -20.62
C ASN A 414 7.98 31.14 -21.31
N ILE A 415 8.32 31.27 -22.59
CA ILE A 415 8.96 30.19 -23.33
C ILE A 415 10.42 30.15 -22.89
N THR A 416 10.73 29.29 -21.93
CA THR A 416 12.08 29.26 -21.38
C THR A 416 13.05 28.60 -22.35
N GLY A 417 12.61 27.57 -23.07
CA GLY A 417 13.50 26.85 -23.95
C GLY A 417 12.77 26.19 -25.10
N LEU A 418 13.57 25.55 -25.95
CA LEU A 418 13.08 24.82 -27.12
C LEU A 418 13.65 23.41 -27.11
N ILE A 419 12.95 22.52 -27.80
CA ILE A 419 13.42 21.15 -28.03
C ILE A 419 13.50 20.98 -29.53
N LEU A 420 14.68 21.25 -30.09
CA LEU A 420 14.88 21.18 -31.53
C LEU A 420 15.40 19.80 -31.92
N THR A 421 15.37 19.54 -33.24
CA THR A 421 15.91 18.32 -33.80
C THR A 421 16.46 18.65 -35.17
N ARG A 422 17.68 18.16 -35.46
CA ARG A 422 18.36 18.46 -36.70
C ARG A 422 18.00 17.43 -37.75
N ASP A 423 17.65 17.89 -38.95
CA ASP A 423 17.38 16.98 -40.06
C ASP A 423 18.66 16.29 -40.50
N GLY A 424 18.55 15.00 -40.76
CA GLY A 424 19.70 14.21 -41.15
C GLY A 424 20.08 14.42 -42.60
N GLY A 425 21.05 13.62 -43.05
CA GLY A 425 21.54 13.70 -44.41
C GLY A 425 22.58 14.78 -44.59
N SER A 426 23.28 14.71 -45.72
CA SER A 426 24.30 15.70 -46.05
C SER A 426 24.38 15.79 -47.57
N THR A 427 23.73 16.80 -48.13
CA THR A 427 23.78 17.05 -49.57
C THR A 427 24.91 18.03 -49.86
N ASN A 428 24.96 18.55 -51.09
CA ASN A 428 26.02 19.48 -51.46
C ASN A 428 25.92 20.78 -50.65
N SER A 429 24.70 21.25 -50.39
CA SER A 429 24.53 22.47 -49.61
C SER A 429 24.92 22.23 -48.16
N THR A 430 25.34 23.31 -47.50
CA THR A 430 25.78 23.26 -46.12
C THR A 430 24.72 23.73 -45.13
N THR A 431 23.49 23.96 -45.60
CA THR A 431 22.43 24.43 -44.73
C THR A 431 22.02 23.36 -43.73
N GLU A 432 21.63 23.81 -42.54
CA GLU A 432 21.12 22.95 -41.48
C GLU A 432 19.72 23.41 -41.10
N THR A 433 18.78 22.47 -41.05
CA THR A 433 17.40 22.77 -40.71
C THR A 433 17.06 22.15 -39.36
N PHE A 434 16.59 22.98 -38.44
CA PHE A 434 16.21 22.53 -37.11
C PHE A 434 14.70 22.67 -36.95
N ARG A 435 14.04 21.57 -36.58
CA ARG A 435 12.60 21.53 -36.46
C ARG A 435 12.19 21.18 -35.04
N PRO A 436 11.12 21.76 -34.51
CA PRO A 436 10.72 21.46 -33.14
C PRO A 436 10.37 20.00 -32.96
N GLY A 437 10.70 19.48 -31.78
CA GLY A 437 10.41 18.11 -31.42
C GLY A 437 9.70 18.04 -30.09
N GLY A 438 9.91 16.93 -29.39
CA GLY A 438 9.31 16.75 -28.09
C GLY A 438 8.62 15.42 -27.91
N GLY A 439 7.53 15.42 -27.15
CA GLY A 439 6.81 14.19 -26.85
C GLY A 439 7.35 13.44 -25.65
N ASP A 440 8.66 13.23 -25.61
CA ASP A 440 9.31 12.59 -24.48
C ASP A 440 9.48 13.62 -23.38
N MET A 441 8.70 13.50 -22.31
CA MET A 441 8.78 14.46 -21.21
C MET A 441 10.08 14.34 -20.43
N ARG A 442 10.85 13.29 -20.64
CA ARG A 442 12.17 13.20 -20.03
C ARG A 442 13.06 14.34 -20.49
N ASP A 443 12.98 14.70 -21.78
CA ASP A 443 13.68 15.88 -22.26
C ASP A 443 13.14 17.15 -21.63
N ASN A 444 11.84 17.19 -21.36
CA ASN A 444 11.25 18.38 -20.74
C ASN A 444 11.77 18.58 -19.33
N TRP A 445 11.88 17.51 -18.55
CA TRP A 445 12.34 17.60 -17.17
C TRP A 445 13.85 17.45 -17.04
N ARG A 446 14.55 17.20 -18.14
CA ARG A 446 16.01 17.21 -18.13
C ARG A 446 16.57 18.62 -18.28
N SER A 447 15.74 19.59 -18.65
CA SER A 447 16.15 20.99 -18.73
C SER A 447 16.16 21.66 -17.37
N GLU A 448 15.64 21.00 -16.34
CA GLU A 448 15.69 21.52 -14.97
C GLU A 448 16.64 20.74 -14.08
N LEU A 449 16.89 19.48 -14.36
CA LEU A 449 17.78 18.64 -13.57
C LEU A 449 19.13 18.44 -14.25
N TYR A 450 19.49 19.30 -15.20
CA TYR A 450 20.75 19.13 -15.90
C TYR A 450 21.94 19.38 -14.98
N LYS A 451 21.84 20.38 -14.11
CA LYS A 451 22.96 20.76 -13.26
C LYS A 451 23.05 19.95 -11.98
N TYR A 452 22.04 19.13 -11.67
CA TYR A 452 22.01 18.39 -10.41
C TYR A 452 22.53 16.97 -10.61
N LYS A 453 23.15 16.45 -9.56
CA LYS A 453 23.64 15.08 -9.54
C LYS A 453 23.50 14.57 -8.11
N VAL A 454 23.18 13.29 -7.96
CA VAL A 454 22.97 12.69 -6.65
C VAL A 454 24.18 11.83 -6.31
N VAL A 455 24.72 12.02 -5.10
CA VAL A 455 25.92 11.30 -4.68
C VAL A 455 25.70 10.74 -3.29
N LYS A 456 26.32 9.58 -3.03
CA LYS A 456 26.28 8.91 -1.75
C LYS A 456 27.57 9.18 -1.00
N ILE A 457 27.44 9.63 0.24
CA ILE A 457 28.59 9.98 1.05
C ILE A 457 29.23 8.72 1.62
N GLU A 458 30.55 8.72 1.72
CA GLU A 458 31.33 7.61 2.29
C GLU A 458 32.19 8.18 3.41
N PRO A 459 31.59 8.43 4.58
CA PRO A 459 32.31 9.14 5.65
C PRO A 459 33.41 8.34 6.31
N LEU A 460 33.66 7.10 5.91
CA LEU A 460 34.74 6.31 6.49
C LEU A 460 35.98 6.40 5.59
N GLY A 461 37.11 6.75 6.17
CA GLY A 461 38.33 6.84 5.40
C GLY A 461 39.60 6.48 6.16
N VAL A 462 40.46 5.67 5.56
CA VAL A 462 41.70 5.24 6.21
C VAL A 462 42.85 6.09 5.69
N ALA A 463 43.77 6.45 6.59
CA ALA A 463 44.90 7.29 6.21
C ALA A 463 46.09 6.99 7.11
N PRO A 464 47.31 7.16 6.61
CA PRO A 464 48.49 6.95 7.46
C PRO A 464 48.54 7.94 8.63
N THR A 465 49.01 7.45 9.77
CA THR A 465 49.32 8.28 10.93
C THR A 465 50.25 7.47 11.84
N ARG A 466 51.06 8.18 12.63
CA ARG A 466 52.08 7.58 13.45
C ARG A 466 51.60 7.22 14.86
N CYS A 467 50.31 6.93 15.03
CA CYS A 467 49.73 6.72 16.34
C CYS A 467 49.33 5.27 16.54
N LYS A 468 49.43 4.80 17.78
CA LYS A 468 49.02 3.46 18.17
C LYS A 468 48.25 3.51 19.47
N ARG A 469 47.25 2.63 19.59
CA ARG A 469 46.50 2.54 20.83
C ARG A 469 47.38 2.03 21.96
N ARG A 470 47.12 2.55 23.16
CA ARG A 470 47.85 2.10 24.35
C ARG A 470 47.03 1.10 25.15
N GLY B 10 30.07 24.65 6.18
CA GLY B 10 28.99 23.79 6.64
C GLY B 10 29.15 22.34 6.20
N PHE B 11 28.07 21.76 5.68
CA PHE B 11 28.11 20.38 5.24
C PHE B 11 28.97 20.25 3.99
N LEU B 12 29.92 19.31 4.03
CA LEU B 12 30.83 19.03 2.92
C LEU B 12 31.61 20.26 2.48
N GLY B 13 31.77 21.24 3.36
CA GLY B 13 32.48 22.46 2.98
C GLY B 13 33.95 22.22 2.72
N ALA B 14 34.56 21.31 3.47
CA ALA B 14 35.98 21.01 3.34
C ALA B 14 36.26 19.91 2.33
N ALA B 15 35.37 19.73 1.34
CA ALA B 15 35.56 18.66 0.37
C ALA B 15 36.83 18.87 -0.44
N GLY B 16 37.07 20.08 -0.90
CA GLY B 16 38.30 20.42 -1.60
C GLY B 16 39.44 20.84 -0.71
N SER B 17 39.20 20.95 0.60
CA SER B 17 40.25 21.37 1.52
C SER B 17 41.27 20.26 1.69
N THR B 18 42.40 20.62 2.30
CA THR B 18 43.50 19.70 2.48
C THR B 18 43.09 18.55 3.42
N MET B 19 43.84 17.44 3.33
CA MET B 19 43.54 16.26 4.11
C MET B 19 43.51 16.57 5.60
N GLY B 20 44.52 17.29 6.09
CA GLY B 20 44.55 17.64 7.50
C GLY B 20 43.43 18.58 7.90
N ALA B 21 43.18 19.61 7.09
CA ALA B 21 42.12 20.55 7.40
C ALA B 21 40.75 19.87 7.33
N ALA B 22 40.55 18.99 6.35
CA ALA B 22 39.30 18.24 6.27
C ALA B 22 39.15 17.31 7.46
N SER B 23 40.24 16.69 7.90
CA SER B 23 40.17 15.82 9.07
C SER B 23 39.89 16.61 10.35
N MET B 24 40.29 17.89 10.38
CA MET B 24 40.05 18.70 11.57
C MET B 24 38.57 18.90 11.83
N THR B 25 37.79 19.16 10.79
CA THR B 25 36.35 19.37 10.93
C THR B 25 35.60 18.16 10.36
N LEU B 26 34.88 17.47 11.22
CA LEU B 26 34.07 16.31 10.81
C LEU B 26 32.66 16.32 11.37
N THR B 27 32.40 16.97 12.51
CA THR B 27 31.07 16.94 13.11
C THR B 27 30.03 17.61 12.22
N VAL B 28 30.42 18.72 11.58
CA VAL B 28 29.45 19.49 10.79
C VAL B 28 28.86 18.63 9.67
N GLN B 29 29.65 17.71 9.12
CA GLN B 29 29.16 16.76 8.14
C GLN B 29 28.90 15.38 8.74
N ALA B 30 28.95 15.25 10.06
CA ALA B 30 28.60 14.02 10.74
C ALA B 30 27.20 14.03 11.33
N ARG B 31 26.74 15.20 11.80
CA ARG B 31 25.37 15.29 12.30
C ARG B 31 24.36 15.04 11.18
N ASN B 32 24.63 15.54 9.99
CA ASN B 32 23.69 15.50 8.87
C ASN B 32 23.64 14.14 8.18
N LEU B 33 24.17 13.08 8.81
CA LEU B 33 24.13 11.75 8.23
C LEU B 33 22.87 10.99 8.63
N LEU B 34 22.04 11.54 9.52
CA LEU B 34 20.78 10.90 9.89
C LEU B 34 19.61 11.88 9.76
N SER B 35 19.88 13.17 9.98
CA SER B 35 18.83 14.17 9.92
C SER B 35 19.28 15.41 9.16
N LEU B 54 1.52 11.54 10.82
CA LEU B 54 0.89 10.35 10.27
C LEU B 54 1.61 9.88 9.01
N LEU B 55 1.41 8.60 8.67
CA LEU B 55 1.99 8.00 7.47
C LEU B 55 0.86 7.65 6.52
N LYS B 56 0.93 8.18 5.30
CA LYS B 56 -0.04 7.90 4.26
C LYS B 56 0.67 7.25 3.09
N LEU B 57 0.06 6.19 2.56
CA LEU B 57 0.69 5.35 1.54
C LEU B 57 0.47 5.91 0.14
N THR B 58 0.79 7.19 -0.05
CA THR B 58 0.66 7.84 -1.35
C THR B 58 1.99 7.74 -2.09
N VAL B 59 2.11 8.47 -3.20
CA VAL B 59 3.35 8.44 -3.98
C VAL B 59 4.49 9.05 -3.19
N TRP B 60 4.25 10.19 -2.53
CA TRP B 60 5.31 10.84 -1.77
C TRP B 60 5.53 10.17 -0.41
N GLY B 61 4.48 9.62 0.19
CA GLY B 61 4.63 8.99 1.49
C GLY B 61 5.54 7.78 1.46
N ILE B 62 5.39 6.93 0.44
CA ILE B 62 6.22 5.74 0.34
C ILE B 62 7.67 6.15 0.07
N LYS B 63 7.88 7.20 -0.73
CA LYS B 63 9.23 7.68 -0.99
C LYS B 63 9.87 8.21 0.29
N GLN B 64 9.11 8.94 1.10
CA GLN B 64 9.64 9.45 2.36
C GLN B 64 9.96 8.29 3.31
N LEU B 65 9.10 7.28 3.37
CA LEU B 65 9.38 6.13 4.23
C LEU B 65 10.65 5.41 3.78
N GLN B 66 10.82 5.21 2.47
CA GLN B 66 12.03 4.59 1.96
C GLN B 66 13.25 5.43 2.29
N ALA B 67 13.13 6.76 2.15
CA ALA B 67 14.27 7.63 2.47
C ALA B 67 14.65 7.52 3.94
N ARG B 68 13.67 7.52 4.83
CA ARG B 68 13.96 7.42 6.26
C ARG B 68 14.63 6.08 6.59
N VAL B 69 14.09 4.98 6.06
CA VAL B 69 14.66 3.67 6.34
C VAL B 69 16.08 3.58 5.78
N LEU B 70 16.29 4.11 4.58
CA LEU B 70 17.61 4.08 3.95
C LEU B 70 18.63 4.86 4.77
N ALA B 71 18.25 6.06 5.22
CA ALA B 71 19.16 6.85 6.05
C ALA B 71 19.49 6.12 7.34
N VAL B 72 18.47 5.55 7.99
CA VAL B 72 18.70 4.85 9.25
C VAL B 72 19.66 3.69 9.05
N GLU B 73 19.42 2.88 8.02
CA GLU B 73 20.24 1.69 7.83
C GLU B 73 21.66 2.05 7.38
N ARG B 74 21.83 3.11 6.59
CA ARG B 74 23.18 3.52 6.21
C ARG B 74 23.96 4.02 7.43
N TYR B 75 23.33 4.85 8.26
CA TYR B 75 24.01 5.30 9.47
C TYR B 75 24.35 4.14 10.39
N LEU B 76 23.43 3.19 10.53
CA LEU B 76 23.69 2.03 11.38
C LEU B 76 24.83 1.18 10.83
N ARG B 77 24.90 0.99 9.52
CA ARG B 77 26.00 0.23 8.94
C ARG B 77 27.33 0.92 9.19
N ASP B 78 27.37 2.24 9.00
CA ASP B 78 28.62 2.97 9.24
C ASP B 78 29.04 2.87 10.71
N GLN B 79 28.08 3.03 11.63
CA GLN B 79 28.42 2.96 13.04
C GLN B 79 28.84 1.55 13.45
N GLN B 80 28.23 0.53 12.85
CA GLN B 80 28.64 -0.84 13.13
C GLN B 80 30.06 -1.10 12.65
N LEU B 81 30.41 -0.62 11.45
CA LEU B 81 31.77 -0.75 10.98
C LEU B 81 32.74 -0.03 11.89
N LEU B 82 32.36 1.15 12.38
CA LEU B 82 33.23 1.88 13.30
C LEU B 82 33.41 1.11 14.62
N GLY B 83 32.32 0.56 15.16
CA GLY B 83 32.39 -0.13 16.44
C GLY B 83 33.05 -1.49 16.39
N ILE B 84 33.05 -2.14 15.23
CA ILE B 84 33.75 -3.41 15.10
C ILE B 84 35.25 -3.21 15.24
N TRP B 85 35.76 -2.09 14.73
CA TRP B 85 37.19 -1.77 14.79
C TRP B 85 37.59 -1.12 16.11
N GLY B 86 36.70 -1.10 17.09
CA GLY B 86 37.01 -0.46 18.37
C GLY B 86 37.20 1.03 18.27
N CYS B 87 36.43 1.70 17.41
CA CYS B 87 36.52 3.14 17.22
C CYS B 87 35.17 3.83 17.38
N SER B 88 34.20 3.16 18.00
CA SER B 88 32.88 3.74 18.18
C SER B 88 32.96 4.97 19.06
N GLY B 89 32.28 6.04 18.64
CA GLY B 89 32.28 7.28 19.37
C GLY B 89 33.50 8.15 19.15
N LYS B 90 34.44 7.72 18.30
CA LYS B 90 35.65 8.48 18.02
C LYS B 90 35.69 8.79 16.53
N LEU B 91 35.73 10.09 16.20
CA LEU B 91 35.84 10.48 14.80
C LEU B 91 37.20 10.11 14.23
N ILE B 92 38.26 10.28 15.02
CA ILE B 92 39.61 9.90 14.63
C ILE B 92 40.08 8.82 15.58
N CYS B 93 40.38 7.64 15.04
CA CYS B 93 40.74 6.49 15.85
C CYS B 93 41.96 5.80 15.25
N CYS B 94 42.94 5.50 16.09
CA CYS B 94 44.15 4.84 15.66
C CYS B 94 44.00 3.32 15.75
N THR B 95 44.89 2.61 15.07
CA THR B 95 44.83 1.15 15.02
C THR B 95 46.24 0.59 15.07
N ASN B 96 46.33 -0.66 15.53
CA ASN B 96 47.61 -1.32 15.74
C ASN B 96 48.09 -2.14 14.54
N VAL B 97 47.30 -2.28 13.49
CA VAL B 97 47.69 -3.12 12.36
C VAL B 97 48.73 -2.39 11.53
N PRO B 98 49.62 -3.10 10.86
CA PRO B 98 50.61 -2.44 10.00
C PRO B 98 50.01 -2.02 8.67
N TRP B 99 50.78 -1.23 7.93
CA TRP B 99 50.38 -0.73 6.61
C TRP B 99 51.43 -1.20 5.61
N ASN B 100 51.01 -2.09 4.71
CA ASN B 100 51.89 -2.56 3.65
C ASN B 100 52.14 -1.44 2.65
N SER B 101 53.42 -1.22 2.30
CA SER B 101 53.78 -0.12 1.43
C SER B 101 53.18 -0.26 0.04
N SER B 102 52.74 -1.46 -0.35
CA SER B 102 52.10 -1.64 -1.64
C SER B 102 50.80 -0.85 -1.74
N TRP B 103 50.13 -0.60 -0.60
CA TRP B 103 48.89 0.17 -0.61
C TRP B 103 49.15 1.59 -1.10
N SER B 104 50.19 2.24 -0.57
CA SER B 104 50.57 3.58 -1.01
C SER B 104 51.98 3.91 -0.54
N ASN B 105 52.86 4.29 -1.45
CA ASN B 105 54.22 4.68 -1.13
C ASN B 105 54.39 6.18 -1.00
N ARG B 106 53.31 6.95 -1.13
CA ARG B 106 53.40 8.40 -1.06
C ARG B 106 53.78 8.85 0.36
N ASN B 107 54.57 9.93 0.42
CA ASN B 107 55.02 10.44 1.70
C ASN B 107 53.87 11.13 2.44
N LEU B 108 54.02 11.21 3.77
CA LEU B 108 52.97 11.78 4.60
C LEU B 108 52.77 13.27 4.33
N SER B 109 53.86 14.00 4.08
CA SER B 109 53.77 15.45 3.91
C SER B 109 52.91 15.80 2.71
N GLU B 110 53.18 15.17 1.55
CA GLU B 110 52.39 15.45 0.36
C GLU B 110 50.97 14.92 0.50
N ILE B 111 50.78 13.81 1.21
CA ILE B 111 49.45 13.25 1.41
C ILE B 111 48.59 14.22 2.20
N TRP B 112 49.15 14.79 3.27
CA TRP B 112 48.39 15.64 4.19
C TRP B 112 48.52 17.13 3.89
N ASP B 113 49.23 17.51 2.84
CA ASP B 113 49.46 18.93 2.56
C ASP B 113 49.15 19.37 1.13
N ASN B 114 49.18 18.47 0.15
CA ASN B 114 48.98 18.87 -1.25
C ASN B 114 47.96 17.98 -1.94
N MET B 115 46.93 17.56 -1.21
CA MET B 115 45.97 16.59 -1.74
C MET B 115 44.82 16.43 -0.77
N THR B 116 43.63 16.17 -1.32
CA THR B 116 42.40 16.07 -0.53
C THR B 116 41.92 14.62 -0.47
N TRP B 117 40.75 14.45 0.14
CA TRP B 117 40.27 13.11 0.48
C TRP B 117 39.74 12.34 -0.72
N LEU B 118 39.23 13.03 -1.74
CA LEU B 118 38.61 12.35 -2.87
C LEU B 118 39.64 11.49 -3.62
N GLN B 119 40.66 12.13 -4.18
CA GLN B 119 41.66 11.39 -4.92
C GLN B 119 42.38 10.38 -4.04
N TRP B 120 42.45 10.63 -2.73
CA TRP B 120 42.94 9.61 -1.81
C TRP B 120 42.04 8.39 -1.84
N ASP B 121 40.72 8.59 -1.82
CA ASP B 121 39.81 7.45 -1.85
C ASP B 121 39.93 6.69 -3.16
N LYS B 122 40.13 7.40 -4.27
CA LYS B 122 40.19 6.72 -5.57
C LYS B 122 41.35 5.74 -5.64
N GLU B 123 42.52 6.11 -5.10
CA GLU B 123 43.70 5.28 -5.25
C GLU B 123 43.81 4.17 -4.21
N ILE B 124 43.01 4.21 -3.14
CA ILE B 124 43.02 3.18 -2.11
C ILE B 124 41.72 2.39 -2.07
N SER B 125 40.79 2.65 -2.98
CA SER B 125 39.48 1.98 -2.94
C SER B 125 39.60 0.48 -3.14
N ASN B 126 40.65 0.00 -3.79
CA ASN B 126 40.78 -1.42 -4.09
C ASN B 126 41.49 -2.22 -3.00
N TYR B 127 42.07 -1.56 -1.99
CA TYR B 127 42.68 -2.25 -0.86
C TYR B 127 41.84 -2.13 0.41
N THR B 128 40.61 -1.62 0.31
CA THR B 128 39.83 -1.33 1.51
C THR B 128 39.46 -2.60 2.26
N GLN B 129 38.88 -3.58 1.55
CA GLN B 129 38.28 -4.73 2.22
C GLN B 129 39.26 -5.43 3.14
N ILE B 130 40.43 -5.81 2.60
CA ILE B 130 41.44 -6.48 3.40
C ILE B 130 41.79 -5.63 4.62
N ILE B 131 41.98 -4.33 4.41
CA ILE B 131 42.29 -3.43 5.53
C ILE B 131 41.23 -3.59 6.62
N TYR B 132 39.96 -3.52 6.22
CA TYR B 132 38.87 -3.65 7.17
C TYR B 132 39.03 -4.94 7.97
N GLY B 133 39.26 -6.05 7.27
CA GLY B 133 39.45 -7.31 7.96
C GLY B 133 40.56 -7.23 8.98
N LEU B 134 41.72 -6.73 8.56
CA LEU B 134 42.83 -6.57 9.49
C LEU B 134 42.35 -5.82 10.72
N LEU B 135 41.70 -4.67 10.49
CA LEU B 135 41.14 -3.86 11.56
C LEU B 135 40.41 -4.75 12.57
N GLU B 136 39.36 -5.44 12.10
CA GLU B 136 38.53 -6.17 13.05
C GLU B 136 39.34 -7.22 13.78
N GLU B 137 40.22 -7.92 13.05
CA GLU B 137 41.03 -8.95 13.68
C GLU B 137 41.78 -8.37 14.86
N SER B 138 42.50 -7.26 14.62
CA SER B 138 43.26 -6.64 15.69
C SER B 138 42.37 -6.38 16.89
N GLN B 139 41.21 -5.77 16.64
CA GLN B 139 40.30 -5.43 17.73
C GLN B 139 40.01 -6.67 18.55
N ASN B 140 39.60 -7.76 17.89
CA ASN B 140 39.29 -8.97 18.62
C ASN B 140 40.50 -9.43 19.42
N GLN B 141 41.65 -9.52 18.75
CA GLN B 141 42.88 -9.86 19.46
C GLN B 141 43.07 -8.91 20.63
N GLN B 142 43.01 -7.61 20.35
CA GLN B 142 43.19 -6.61 21.40
C GLN B 142 42.20 -6.85 22.53
N GLU B 143 40.93 -7.07 22.18
CA GLU B 143 39.93 -7.31 23.22
C GLU B 143 40.33 -8.50 24.08
N LYS B 144 40.67 -9.62 23.43
CA LYS B 144 41.04 -10.81 24.19
C LYS B 144 42.17 -10.48 25.15
N ASN B 145 43.12 -9.65 24.70
CA ASN B 145 44.27 -9.34 25.54
C ASN B 145 43.85 -8.68 26.84
N GLU B 146 42.94 -7.70 26.79
CA GLU B 146 42.44 -7.14 28.04
C GLU B 146 41.73 -8.20 28.88
N GLN B 147 40.94 -9.06 28.25
CA GLN B 147 40.31 -10.12 29.04
C GLN B 147 41.35 -11.03 29.66
N ASP B 148 42.54 -11.12 29.04
CA ASP B 148 43.64 -11.83 29.66
C ASP B 148 44.32 -10.99 30.73
N LEU B 149 44.45 -9.68 30.49
CA LEU B 149 45.18 -8.82 31.42
C LEU B 149 44.30 -8.31 32.54
N LEU B 150 43.04 -7.99 32.23
CA LEU B 150 42.12 -7.44 33.22
C LEU B 150 41.35 -8.55 33.93
N ASN C 1 37.20 -16.78 43.02
CA ASN C 1 36.35 -15.68 42.56
C ASN C 1 35.81 -15.91 41.14
N LEU C 2 34.66 -15.34 40.84
CA LEU C 2 34.02 -15.51 39.54
C LEU C 2 32.88 -14.50 39.41
N TRP C 3 32.69 -13.99 38.20
CA TRP C 3 31.80 -12.87 37.95
C TRP C 3 31.22 -13.02 36.55
N VAL C 4 30.12 -12.31 36.29
CA VAL C 4 29.50 -12.43 34.98
C VAL C 4 30.36 -11.70 33.93
N THR C 5 30.22 -12.13 32.69
CA THR C 5 30.88 -11.49 31.56
C THR C 5 30.00 -11.66 30.35
N VAL C 6 29.74 -10.56 29.64
CA VAL C 6 28.82 -10.53 28.52
C VAL C 6 29.61 -10.62 27.23
N TYR C 7 29.20 -11.51 26.34
CA TYR C 7 29.81 -11.70 25.04
C TYR C 7 28.78 -11.39 23.96
N TYR C 8 29.18 -10.60 22.98
CA TYR C 8 28.33 -10.21 21.87
C TYR C 8 28.76 -10.95 20.62
N GLY C 9 27.82 -11.59 19.93
CA GLY C 9 28.11 -12.36 18.75
C GLY C 9 28.26 -13.84 18.97
N VAL C 10 27.83 -14.36 20.11
CA VAL C 10 27.99 -15.80 20.38
C VAL C 10 27.06 -16.58 19.46
N PRO C 11 27.47 -17.76 19.00
CA PRO C 11 26.60 -18.55 18.09
C PRO C 11 25.48 -19.29 18.82
N VAL C 12 24.42 -18.55 19.14
CA VAL C 12 23.26 -19.09 19.83
C VAL C 12 22.02 -18.69 19.04
N TRP C 13 21.13 -19.65 18.79
CA TRP C 13 19.92 -19.40 18.03
C TRP C 13 18.73 -20.07 18.72
N LYS C 14 17.55 -19.53 18.47
CA LYS C 14 16.29 -20.13 18.90
C LYS C 14 15.33 -20.16 17.72
N ASP C 15 14.56 -21.23 17.61
CA ASP C 15 13.58 -21.33 16.53
C ASP C 15 12.55 -20.23 16.64
N ALA C 16 12.28 -19.55 15.52
CA ALA C 16 11.40 -18.39 15.52
C ALA C 16 10.77 -18.23 14.15
N GLU C 17 9.96 -17.20 14.00
CA GLU C 17 9.23 -16.91 12.78
C GLU C 17 9.50 -15.48 12.35
N THR C 18 9.69 -15.28 11.05
CA THR C 18 9.97 -13.96 10.50
C THR C 18 9.58 -13.95 9.03
N THR C 19 9.73 -12.77 8.40
CA THR C 19 9.45 -12.62 6.98
C THR C 19 10.71 -12.92 6.19
N LEU C 20 10.61 -13.86 5.25
CA LEU C 20 11.72 -14.23 4.38
C LEU C 20 11.51 -13.59 3.02
N PHE C 21 12.45 -12.75 2.59
CA PHE C 21 12.28 -12.06 1.33
C PHE C 21 12.80 -12.94 0.19
N CYS C 22 12.65 -12.45 -1.04
CA CYS C 22 12.97 -13.22 -2.23
C CYS C 22 14.26 -12.72 -2.87
N ALA C 23 15.07 -13.66 -3.34
CA ALA C 23 16.27 -13.35 -4.11
C ALA C 23 16.32 -14.28 -5.31
N SER C 24 16.70 -13.73 -6.46
CA SER C 24 16.75 -14.50 -7.70
C SER C 24 18.01 -14.14 -8.48
N ASP C 25 18.39 -15.02 -9.38
CA ASP C 25 19.58 -14.82 -10.20
C ASP C 25 19.20 -14.33 -11.60
N HIS C 34 6.77 -10.56 -18.80
CA HIS C 34 6.90 -10.61 -17.34
C HIS C 34 6.55 -11.99 -16.81
N ASN C 35 6.48 -12.10 -15.48
CA ASN C 35 6.17 -13.35 -14.80
C ASN C 35 5.11 -13.11 -13.74
N VAL C 36 4.33 -14.15 -13.46
CA VAL C 36 3.33 -14.05 -12.41
C VAL C 36 3.98 -13.82 -11.06
N TRP C 37 5.02 -14.59 -10.75
CA TRP C 37 5.82 -14.36 -9.56
C TRP C 37 6.83 -13.27 -9.87
N ALA C 38 6.82 -12.21 -9.06
CA ALA C 38 7.60 -11.02 -9.38
C ALA C 38 9.09 -11.29 -9.16
N THR C 39 9.68 -12.08 -10.06
CA THR C 39 11.11 -12.39 -9.96
C THR C 39 11.95 -11.13 -10.11
N HIS C 40 11.53 -10.21 -10.98
CA HIS C 40 12.28 -8.98 -11.17
C HIS C 40 12.33 -8.15 -9.89
N ALA C 41 11.21 -8.12 -9.16
CA ALA C 41 11.19 -7.37 -7.90
C ALA C 41 12.08 -7.99 -6.83
N CYS C 42 12.41 -9.26 -6.96
CA CYS C 42 13.33 -9.90 -6.02
C CYS C 42 14.72 -9.29 -6.12
N VAL C 43 15.41 -9.24 -4.99
CA VAL C 43 16.78 -8.73 -4.96
C VAL C 43 17.69 -9.70 -5.71
N PRO C 44 18.77 -9.22 -6.31
CA PRO C 44 19.70 -10.15 -6.98
C PRO C 44 20.50 -10.95 -5.96
N THR C 45 20.42 -12.27 -6.07
CA THR C 45 21.18 -13.13 -5.19
C THR C 45 22.67 -13.06 -5.54
N ASP C 46 23.50 -13.39 -4.55
CA ASP C 46 24.94 -13.38 -4.76
C ASP C 46 25.33 -14.44 -5.78
N PRO C 47 26.23 -14.12 -6.71
CA PRO C 47 26.65 -15.12 -7.70
C PRO C 47 27.27 -16.36 -7.08
N ASN C 48 27.98 -16.21 -5.96
CA ASN C 48 28.55 -17.33 -5.24
C ASN C 48 27.84 -17.45 -3.89
N PRO C 49 26.88 -18.35 -3.74
CA PRO C 49 26.20 -18.49 -2.45
C PRO C 49 27.16 -18.92 -1.36
N GLN C 50 26.91 -18.41 -0.16
CA GLN C 50 27.75 -18.69 0.99
C GLN C 50 26.97 -19.62 1.93
N GLU C 51 27.59 -20.74 2.28
CA GLU C 51 27.03 -21.72 3.20
C GLU C 51 28.11 -22.18 4.15
N ILE C 52 27.83 -22.16 5.45
CA ILE C 52 28.82 -22.53 6.45
C ILE C 52 28.42 -23.88 7.03
N HIS C 53 29.30 -24.86 6.88
CA HIS C 53 29.07 -26.14 7.55
C HIS C 53 29.31 -26.00 9.04
N LEU C 54 28.48 -26.68 9.83
CA LEU C 54 28.56 -26.64 11.27
C LEU C 54 28.97 -28.01 11.80
N GLU C 55 29.91 -28.03 12.74
CA GLU C 55 30.44 -29.26 13.29
C GLU C 55 29.90 -29.50 14.68
N ASN C 56 29.47 -30.74 14.94
CA ASN C 56 29.01 -31.17 16.26
C ASN C 56 27.82 -30.33 16.73
N VAL C 57 26.76 -30.34 15.93
CA VAL C 57 25.53 -29.62 16.22
C VAL C 57 24.35 -30.52 15.88
N THR C 58 23.36 -30.55 16.78
CA THR C 58 22.14 -31.33 16.58
C THR C 58 20.94 -30.41 16.74
N GLU C 59 20.08 -30.37 15.73
CA GLU C 59 18.88 -29.55 15.75
C GLU C 59 17.68 -30.40 15.34
N GLU C 60 16.54 -30.14 15.97
CA GLU C 60 15.34 -30.92 15.73
C GLU C 60 14.50 -30.25 14.64
N PHE C 61 14.50 -30.85 13.44
CA PHE C 61 13.73 -30.35 12.33
C PHE C 61 12.35 -30.99 12.29
N ASN C 62 11.41 -30.27 11.68
CA ASN C 62 10.05 -30.78 11.51
C ASN C 62 9.49 -30.19 10.22
N MET C 63 9.45 -31.01 9.17
CA MET C 63 8.90 -30.56 7.89
C MET C 63 7.43 -30.18 8.00
N TRP C 64 6.67 -30.89 8.83
CA TRP C 64 5.22 -30.69 8.86
C TRP C 64 4.80 -29.52 9.73
N LYS C 65 5.56 -29.21 10.76
CA LYS C 65 5.31 -28.04 11.59
C LYS C 65 6.10 -26.83 11.14
N ASN C 66 6.74 -26.92 9.98
CA ASN C 66 7.50 -25.80 9.45
C ASN C 66 6.59 -24.62 9.14
N ASN C 67 7.13 -23.42 9.31
CA ASN C 67 6.38 -22.20 9.04
C ASN C 67 6.71 -21.62 7.67
N MET C 68 7.92 -21.86 7.16
CA MET C 68 8.31 -21.34 5.86
C MET C 68 7.36 -21.79 4.76
N VAL C 69 6.79 -23.00 4.90
CA VAL C 69 5.86 -23.49 3.89
C VAL C 69 4.59 -22.64 3.87
N GLU C 70 4.09 -22.26 5.05
CA GLU C 70 2.90 -21.41 5.10
C GLU C 70 3.18 -20.04 4.49
N GLN C 71 4.36 -19.47 4.79
CA GLN C 71 4.72 -18.19 4.19
C GLN C 71 4.82 -18.31 2.68
N MET C 72 5.39 -19.41 2.18
CA MET C 72 5.48 -19.59 0.73
C MET C 72 4.09 -19.72 0.11
N HIS C 73 3.19 -20.45 0.76
CA HIS C 73 1.83 -20.58 0.25
C HIS C 73 1.14 -19.22 0.17
N THR C 74 1.23 -18.44 1.24
CA THR C 74 0.64 -17.11 1.25
C THR C 74 1.26 -16.23 0.17
N ASP C 75 2.59 -16.33 0.00
CA ASP C 75 3.28 -15.51 -0.99
C ASP C 75 2.86 -15.85 -2.40
N ILE C 76 2.73 -17.15 -2.71
CA ILE C 76 2.33 -17.55 -4.04
C ILE C 76 0.89 -17.10 -4.31
N ILE C 77 0.01 -17.25 -3.32
CA ILE C 77 -1.37 -16.79 -3.51
C ILE C 77 -1.40 -15.28 -3.76
N SER C 78 -0.62 -14.52 -2.99
CA SER C 78 -0.58 -13.08 -3.16
C SER C 78 -0.03 -12.69 -4.53
N LEU C 79 1.00 -13.38 -4.99
CA LEU C 79 1.56 -13.08 -6.31
C LEU C 79 0.55 -13.39 -7.41
N TRP C 80 -0.17 -14.51 -7.29
CA TRP C 80 -1.21 -14.82 -8.26
C TRP C 80 -2.26 -13.72 -8.30
N ASP C 81 -2.74 -13.30 -7.13
CA ASP C 81 -3.77 -12.26 -7.08
C ASP C 81 -3.27 -10.95 -7.64
N GLN C 82 -2.03 -10.56 -7.29
CA GLN C 82 -1.49 -9.29 -7.78
C GLN C 82 -1.17 -9.33 -9.26
N SER C 83 -0.99 -10.52 -9.84
CA SER C 83 -0.81 -10.63 -11.28
C SER C 83 -2.12 -10.69 -12.04
N LEU C 84 -3.20 -11.13 -11.39
CA LEU C 84 -4.50 -11.16 -12.04
C LEU C 84 -5.32 -9.90 -11.82
N LYS C 85 -4.85 -9.00 -10.95
CA LYS C 85 -5.62 -7.79 -10.67
C LYS C 85 -5.74 -6.84 -11.85
N PRO C 86 -4.61 -6.37 -12.51
CA PRO C 86 -4.73 -5.28 -13.49
C PRO C 86 -5.13 -5.74 -14.89
N CYS C 87 -5.87 -6.84 -14.97
CA CYS C 87 -6.21 -7.37 -16.28
C CYS C 87 -7.66 -7.86 -16.33
N VAL C 88 -8.07 -8.16 -17.57
CA VAL C 88 -9.44 -8.02 -18.04
C VAL C 88 -10.39 -8.87 -17.20
N LYS C 89 -11.41 -8.22 -16.65
CA LYS C 89 -12.53 -8.90 -16.02
C LYS C 89 -13.52 -9.35 -17.09
N LEU C 90 -13.88 -10.63 -17.08
CA LEU C 90 -14.77 -11.20 -18.10
C LEU C 90 -16.22 -11.31 -17.65
N THR C 91 -16.71 -10.41 -16.81
CA THR C 91 -18.14 -10.43 -16.46
C THR C 91 -19.09 -10.38 -17.65
N PRO C 92 -18.83 -9.63 -18.74
CA PRO C 92 -19.75 -9.72 -19.88
C PRO C 92 -19.82 -11.10 -20.52
N LEU C 93 -18.84 -11.97 -20.27
CA LEU C 93 -18.85 -13.29 -20.88
C LEU C 93 -19.91 -14.21 -20.26
N CYS C 94 -20.37 -13.92 -19.05
CA CYS C 94 -21.38 -14.75 -18.42
C CYS C 94 -22.74 -14.52 -19.08
N VAL C 95 -22.90 -15.03 -20.30
CA VAL C 95 -24.10 -14.84 -21.09
C VAL C 95 -24.52 -16.21 -21.64
N THR C 96 -25.80 -16.30 -22.00
CA THR C 96 -26.35 -17.55 -22.51
C THR C 96 -25.70 -17.90 -23.85
N LEU C 97 -24.91 -18.96 -23.88
CA LEU C 97 -24.26 -19.42 -25.09
C LEU C 97 -25.13 -20.42 -25.82
N GLN C 98 -25.16 -20.32 -27.14
CA GLN C 98 -25.83 -21.31 -27.99
C GLN C 98 -24.76 -22.20 -28.58
N CYS C 99 -24.63 -23.41 -28.05
CA CYS C 99 -23.51 -24.29 -28.36
C CYS C 99 -23.97 -25.51 -29.15
N THR C 100 -23.08 -25.98 -30.02
CA THR C 100 -23.20 -27.24 -30.73
C THR C 100 -22.00 -28.11 -30.37
N ASN C 101 -21.88 -29.25 -31.06
CA ASN C 101 -20.73 -30.12 -30.93
C ASN C 101 -19.83 -29.95 -32.13
N VAL C 102 -18.53 -29.80 -31.89
CA VAL C 102 -17.57 -29.76 -32.99
C VAL C 102 -17.31 -31.18 -33.46
N THR C 103 -17.39 -31.39 -34.78
CA THR C 103 -17.22 -32.71 -35.35
C THR C 103 -16.30 -32.74 -36.56
N ASN C 104 -15.71 -31.60 -36.93
CA ASN C 104 -14.83 -31.55 -38.09
C ASN C 104 -13.44 -32.03 -37.69
N ASN C 105 -13.07 -33.22 -38.17
CA ASN C 105 -11.73 -33.79 -37.95
C ASN C 105 -11.46 -34.00 -36.45
N ILE C 106 -12.31 -34.80 -35.83
CA ILE C 106 -12.16 -35.18 -34.43
C ILE C 106 -12.00 -36.69 -34.35
N THR C 107 -11.07 -37.13 -33.50
CA THR C 107 -10.85 -38.56 -33.31
C THR C 107 -11.91 -39.12 -32.36
N ASP C 108 -11.80 -40.41 -32.07
CA ASP C 108 -12.76 -41.06 -31.19
C ASP C 108 -12.57 -40.65 -29.73
N ASP C 109 -11.39 -40.17 -29.36
CA ASP C 109 -11.13 -39.81 -27.97
C ASP C 109 -11.64 -38.43 -27.59
N MET C 110 -11.98 -37.59 -28.57
CA MET C 110 -12.44 -36.23 -28.33
C MET C 110 -13.83 -36.02 -28.92
N ARG C 111 -14.73 -36.98 -28.71
CA ARG C 111 -16.09 -36.90 -29.21
C ARG C 111 -16.91 -36.04 -28.27
N GLY C 112 -17.14 -34.78 -28.65
CA GLY C 112 -17.93 -33.88 -27.86
C GLY C 112 -17.19 -33.16 -26.75
N GLU C 113 -15.86 -33.27 -26.70
CA GLU C 113 -15.11 -32.60 -25.65
C GLU C 113 -15.02 -31.10 -25.89
N LEU C 114 -15.09 -30.66 -27.13
CA LEU C 114 -15.07 -29.25 -27.47
C LEU C 114 -16.44 -28.83 -28.00
N LYS C 115 -16.85 -27.61 -27.67
CA LYS C 115 -18.15 -27.07 -28.06
C LYS C 115 -17.95 -25.79 -28.83
N ASN C 116 -18.63 -25.69 -29.97
CA ASN C 116 -18.63 -24.48 -30.79
C ASN C 116 -19.77 -23.60 -30.33
N CYS C 117 -19.47 -22.62 -29.47
CA CYS C 117 -20.48 -21.80 -28.82
C CYS C 117 -20.53 -20.43 -29.48
N SER C 118 -21.71 -20.04 -29.95
CA SER C 118 -21.95 -18.72 -30.52
C SER C 118 -22.84 -17.93 -29.59
N PHE C 119 -22.51 -16.66 -29.38
CA PHE C 119 -23.18 -15.87 -28.36
C PHE C 119 -23.00 -14.39 -28.65
N ASN C 120 -23.83 -13.58 -27.99
CA ASN C 120 -23.82 -12.13 -28.15
C ASN C 120 -22.94 -11.49 -27.08
N MET C 121 -21.98 -10.69 -27.51
CA MET C 121 -21.20 -9.83 -26.62
C MET C 121 -21.46 -8.37 -26.90
N THR C 122 -21.29 -7.56 -25.86
CA THR C 122 -21.19 -6.12 -26.04
C THR C 122 -19.92 -5.78 -26.80
N THR C 123 -20.03 -4.85 -27.73
CA THR C 123 -18.87 -4.38 -28.49
C THR C 123 -18.28 -3.16 -27.79
N GLU C 124 -17.32 -2.49 -28.43
CA GLU C 124 -16.73 -1.30 -27.83
C GLU C 124 -17.77 -0.20 -27.66
N LEU C 125 -18.82 -0.22 -28.48
CA LEU C 125 -19.94 0.70 -28.31
C LEU C 125 -20.96 0.09 -27.35
N ARG C 126 -21.51 0.94 -26.48
CA ARG C 126 -22.39 0.43 -25.42
C ARG C 126 -23.72 -0.06 -25.97
N ASP C 127 -24.23 0.55 -27.03
CA ASP C 127 -25.57 0.24 -27.52
C ASP C 127 -25.58 -0.79 -28.64
N LYS C 128 -24.42 -1.31 -29.04
CA LYS C 128 -24.34 -2.29 -30.13
C LYS C 128 -23.90 -3.63 -29.58
N LYS C 129 -24.44 -4.70 -30.14
CA LYS C 129 -24.10 -6.06 -29.76
C LYS C 129 -23.15 -6.66 -30.79
N GLN C 130 -22.83 -7.94 -30.60
CA GLN C 130 -21.85 -8.61 -31.45
C GLN C 130 -22.06 -10.12 -31.32
N LYS C 131 -22.46 -10.76 -32.41
CA LYS C 131 -22.63 -12.21 -32.43
C LYS C 131 -21.31 -12.85 -32.83
N VAL C 132 -20.65 -13.51 -31.88
CA VAL C 132 -19.32 -14.06 -32.08
C VAL C 132 -19.30 -15.49 -31.56
N TYR C 133 -18.53 -16.34 -32.23
CA TYR C 133 -18.38 -17.73 -31.84
C TYR C 133 -17.02 -17.96 -31.17
N SER C 134 -16.91 -19.10 -30.52
CA SER C 134 -15.68 -19.50 -29.84
C SER C 134 -15.73 -21.01 -29.59
N LEU C 135 -14.62 -21.55 -29.12
CA LEU C 135 -14.50 -22.97 -28.80
C LEU C 135 -14.24 -23.12 -27.31
N PHE C 136 -15.17 -23.77 -26.61
CA PHE C 136 -15.07 -23.97 -25.17
C PHE C 136 -15.00 -25.46 -24.86
N TYR C 137 -14.06 -25.85 -24.00
CA TYR C 137 -13.97 -27.23 -23.62
C TYR C 137 -15.20 -27.65 -22.82
N ARG C 138 -15.54 -28.94 -22.90
CA ARG C 138 -16.76 -29.43 -22.27
C ARG C 138 -16.76 -29.20 -20.77
N LEU C 139 -15.57 -29.12 -20.16
CA LEU C 139 -15.48 -28.91 -18.72
C LEU C 139 -15.76 -27.48 -18.31
N ASP C 140 -15.74 -26.54 -19.25
CA ASP C 140 -15.94 -25.13 -18.96
C ASP C 140 -17.35 -24.65 -19.25
N VAL C 141 -18.23 -25.53 -19.69
CA VAL C 141 -19.61 -25.17 -20.01
C VAL C 141 -20.56 -26.18 -19.38
N VAL C 142 -21.66 -25.68 -18.83
CA VAL C 142 -22.70 -26.50 -18.24
C VAL C 142 -24.02 -26.17 -18.93
N GLN C 143 -24.80 -27.20 -19.20
CA GLN C 143 -26.07 -27.01 -19.90
C GLN C 143 -27.08 -26.32 -18.99
N ILE C 144 -28.01 -25.60 -19.62
CA ILE C 144 -29.09 -24.91 -18.91
C ILE C 144 -30.40 -25.58 -19.28
N ASN C 145 -31.14 -26.04 -18.27
CA ASN C 145 -32.42 -26.70 -18.50
C ASN C 145 -33.56 -25.92 -17.84
N ASN C 156 -28.86 -26.78 -31.73
CA ASN C 156 -27.96 -26.30 -30.69
C ASN C 156 -28.67 -26.17 -29.36
N LYS C 157 -27.93 -26.30 -28.26
CA LYS C 157 -28.48 -26.18 -26.93
C LYS C 157 -27.95 -24.93 -26.25
N GLU C 158 -28.47 -24.66 -25.06
CA GLU C 158 -28.07 -23.48 -24.30
C GLU C 158 -27.12 -23.90 -23.18
N TYR C 159 -25.92 -23.31 -23.17
CA TYR C 159 -24.90 -23.57 -22.18
C TYR C 159 -24.48 -22.26 -21.53
N ARG C 160 -23.76 -22.38 -20.41
CA ARG C 160 -23.17 -21.22 -19.76
C ARG C 160 -21.85 -21.63 -19.13
N LEU C 161 -20.96 -20.66 -18.96
CA LEU C 161 -19.66 -20.95 -18.35
C LEU C 161 -19.85 -21.53 -16.96
N ILE C 162 -18.98 -22.48 -16.61
CA ILE C 162 -19.19 -23.25 -15.38
C ILE C 162 -19.13 -22.35 -14.16
N ASN C 163 -18.21 -21.39 -14.14
CA ASN C 163 -18.08 -20.47 -13.02
C ASN C 163 -18.77 -19.14 -13.32
N CYS C 164 -20.08 -19.21 -13.53
CA CYS C 164 -20.91 -18.02 -13.69
C CYS C 164 -21.94 -17.87 -12.59
N ASN C 165 -22.18 -18.91 -11.79
CA ASN C 165 -23.09 -18.83 -10.65
C ASN C 165 -22.36 -18.97 -9.33
N THR C 166 -21.03 -19.04 -9.35
CA THR C 166 -20.23 -19.14 -8.13
C THR C 166 -19.16 -18.07 -8.01
N SER C 167 -18.57 -17.62 -9.12
CA SER C 167 -17.46 -16.69 -9.05
C SER C 167 -17.42 -15.84 -10.31
N ALA C 168 -16.66 -14.74 -10.22
CA ALA C 168 -16.45 -13.84 -11.35
C ALA C 168 -15.11 -14.18 -12.00
N ILE C 169 -15.10 -14.29 -13.32
CA ILE C 169 -13.92 -14.71 -14.05
C ILE C 169 -13.07 -13.49 -14.38
N THR C 170 -11.75 -13.67 -14.27
CA THR C 170 -10.79 -12.66 -14.70
C THR C 170 -9.80 -13.32 -15.65
N GLN C 171 -9.77 -12.83 -16.88
CA GLN C 171 -8.97 -13.44 -17.94
C GLN C 171 -7.50 -13.41 -17.55
N ALA C 172 -6.86 -14.58 -17.51
CA ALA C 172 -5.42 -14.62 -17.36
C ALA C 172 -4.80 -13.79 -18.49
N CYS C 173 -4.06 -12.75 -18.11
CA CYS C 173 -3.83 -11.66 -19.02
C CYS C 173 -2.58 -11.90 -19.87
N PRO C 174 -2.70 -11.88 -21.21
CA PRO C 174 -1.88 -12.77 -22.05
C PRO C 174 -0.37 -12.60 -21.96
N LYS C 175 0.16 -11.50 -21.44
CA LYS C 175 1.61 -11.34 -21.45
C LYS C 175 2.30 -12.05 -20.29
N VAL C 176 1.63 -12.20 -19.15
CA VAL C 176 2.24 -12.86 -18.01
C VAL C 176 2.49 -14.34 -18.32
N SER C 177 3.63 -14.83 -17.86
CA SER C 177 4.03 -16.21 -18.06
C SER C 177 3.91 -16.98 -16.76
N PHE C 178 3.48 -18.24 -16.85
CA PHE C 178 3.29 -19.09 -15.69
C PHE C 178 4.46 -20.04 -15.46
N GLU C 179 5.54 -19.89 -16.20
CA GLU C 179 6.70 -20.76 -16.00
C GLU C 179 7.31 -20.51 -14.64
N PRO C 180 7.49 -21.54 -13.82
CA PRO C 180 8.01 -21.31 -12.46
C PRO C 180 9.49 -20.93 -12.46
N ILE C 181 9.76 -19.66 -12.22
CA ILE C 181 11.14 -19.20 -12.07
C ILE C 181 11.60 -19.48 -10.65
N PRO C 182 12.75 -20.13 -10.44
CA PRO C 182 13.19 -20.44 -9.08
C PRO C 182 13.35 -19.18 -8.24
N ILE C 183 12.94 -19.27 -6.98
CA ILE C 183 13.04 -18.17 -6.03
C ILE C 183 13.77 -18.66 -4.79
N HIS C 184 14.64 -17.82 -4.24
CA HIS C 184 15.40 -18.14 -3.04
C HIS C 184 14.81 -17.36 -1.87
N TYR C 185 14.47 -18.08 -0.80
CA TYR C 185 13.90 -17.45 0.39
C TYR C 185 15.02 -17.11 1.35
N CYS C 186 15.35 -15.82 1.43
CA CYS C 186 16.43 -15.34 2.27
C CYS C 186 15.88 -14.71 3.54
N ALA C 187 16.39 -15.17 4.69
CA ALA C 187 16.01 -14.60 5.97
C ALA C 187 16.70 -13.24 6.17
N PRO C 188 16.07 -12.34 6.91
CA PRO C 188 16.68 -11.02 7.14
C PRO C 188 17.89 -11.13 8.05
N ALA C 189 18.63 -10.02 8.13
CA ALA C 189 19.79 -9.96 9.00
C ALA C 189 19.37 -10.15 10.45
N GLY C 190 20.20 -10.85 11.22
CA GLY C 190 19.82 -11.28 12.54
C GLY C 190 19.14 -12.63 12.59
N PHE C 191 18.85 -13.22 11.43
CA PHE C 191 18.25 -14.53 11.34
C PHE C 191 19.10 -15.40 10.43
N ALA C 192 19.00 -16.71 10.60
CA ALA C 192 19.72 -17.66 9.77
C ALA C 192 18.79 -18.79 9.39
N ILE C 193 19.19 -19.61 8.43
CA ILE C 193 18.40 -20.76 8.01
C ILE C 193 19.27 -21.99 8.14
N LEU C 194 18.88 -22.90 9.03
CA LEU C 194 19.57 -24.16 9.18
C LEU C 194 19.04 -25.16 8.16
N LYS C 195 19.95 -25.72 7.37
CA LYS C 195 19.63 -26.74 6.37
C LYS C 195 20.14 -28.08 6.88
N CYS C 196 19.27 -29.08 6.86
CA CYS C 196 19.61 -30.42 7.31
C CYS C 196 20.23 -31.18 6.14
N LYS C 197 21.56 -31.34 6.17
CA LYS C 197 22.27 -32.01 5.09
C LYS C 197 22.26 -33.53 5.24
N ASP C 198 21.67 -34.06 6.30
CA ASP C 198 21.59 -35.50 6.48
C ASP C 198 20.77 -36.12 5.36
N LYS C 199 21.38 -37.04 4.62
CA LYS C 199 20.74 -37.63 3.45
C LYS C 199 19.76 -38.74 3.82
N LYS C 200 19.70 -39.14 5.09
CA LYS C 200 18.73 -40.11 5.57
C LYS C 200 17.70 -39.47 6.49
N PHE C 201 17.45 -38.18 6.31
CA PHE C 201 16.52 -37.43 7.15
C PHE C 201 15.10 -37.70 6.68
N ASN C 202 14.30 -38.36 7.52
CA ASN C 202 12.95 -38.74 7.11
C ASN C 202 11.96 -37.59 7.19
N GLY C 203 12.29 -36.52 7.91
CA GLY C 203 11.44 -35.34 7.89
C GLY C 203 11.04 -34.80 9.24
N THR C 204 11.17 -35.61 10.29
CA THR C 204 10.73 -35.20 11.62
C THR C 204 11.68 -35.81 12.65
N GLY C 205 12.54 -34.97 13.22
CA GLY C 205 13.43 -35.44 14.25
C GLY C 205 14.76 -34.72 14.28
N PRO C 206 15.71 -35.21 15.08
CA PRO C 206 17.04 -34.60 15.10
C PRO C 206 17.78 -34.81 13.79
N CYS C 207 18.62 -33.85 13.44
CA CYS C 207 19.44 -33.91 12.24
C CYS C 207 20.90 -33.71 12.63
N PRO C 208 21.71 -34.77 12.63
CA PRO C 208 23.12 -34.62 13.05
C PRO C 208 23.91 -33.63 12.19
N SER C 209 23.61 -33.51 10.91
CA SER C 209 24.39 -32.67 10.00
C SER C 209 23.57 -31.42 9.66
N VAL C 210 23.91 -30.32 10.31
CA VAL C 210 23.23 -29.04 10.11
C VAL C 210 24.21 -28.04 9.53
N SER C 211 23.76 -27.25 8.56
CA SER C 211 24.60 -26.24 7.93
C SER C 211 23.85 -24.93 7.85
N THR C 212 24.52 -23.82 8.19
CA THR C 212 23.87 -22.52 8.23
C THR C 212 23.97 -21.84 6.88
N VAL C 213 22.83 -21.34 6.38
CA VAL C 213 22.75 -20.64 5.11
C VAL C 213 21.92 -19.37 5.33
N GLN C 214 22.00 -18.47 4.35
CA GLN C 214 21.19 -17.26 4.34
C GLN C 214 20.01 -17.36 3.38
N CYS C 215 20.11 -18.16 2.32
CA CYS C 215 19.07 -18.25 1.30
C CYS C 215 18.81 -19.71 0.96
N THR C 216 17.62 -19.96 0.41
CA THR C 216 17.23 -21.29 -0.02
C THR C 216 17.78 -21.59 -1.42
N HIS C 217 17.62 -22.83 -1.85
CA HIS C 217 18.24 -23.33 -3.09
C HIS C 217 17.32 -23.16 -4.30
N GLY C 218 16.80 -21.95 -4.49
CA GLY C 218 16.02 -21.65 -5.68
C GLY C 218 14.81 -22.54 -5.88
N ILE C 219 13.82 -22.41 -5.01
CA ILE C 219 12.64 -23.28 -5.07
C ILE C 219 11.75 -22.86 -6.23
N LYS C 220 11.39 -23.82 -7.07
CA LYS C 220 10.49 -23.55 -8.19
C LYS C 220 9.04 -23.63 -7.71
N PRO C 221 8.24 -22.57 -7.87
CA PRO C 221 6.81 -22.65 -7.48
C PRO C 221 5.99 -23.46 -8.47
N VAL C 222 6.28 -24.76 -8.54
CA VAL C 222 5.58 -25.65 -9.45
C VAL C 222 4.24 -26.01 -8.84
N VAL C 223 3.17 -25.85 -9.62
CA VAL C 223 1.82 -26.15 -9.18
C VAL C 223 1.41 -27.48 -9.79
N SER C 224 1.23 -28.49 -8.94
CA SER C 224 0.81 -29.82 -9.36
C SER C 224 0.18 -30.51 -8.16
N THR C 225 -0.60 -31.55 -8.44
CA THR C 225 -1.38 -32.21 -7.40
C THR C 225 -0.93 -33.63 -7.10
N GLN C 226 -0.88 -34.51 -8.11
CA GLN C 226 -0.56 -35.90 -7.84
C GLN C 226 0.90 -36.23 -8.05
N LEU C 227 1.59 -35.52 -8.95
CA LEU C 227 2.98 -35.78 -9.26
C LEU C 227 3.76 -34.49 -9.08
N LEU C 228 4.78 -34.53 -8.23
CA LEU C 228 5.62 -33.36 -8.02
C LEU C 228 6.54 -33.19 -9.22
N LEU C 229 6.37 -32.09 -9.95
CA LEU C 229 7.07 -31.87 -11.20
C LEU C 229 8.23 -30.90 -11.00
N ASN C 230 9.35 -31.18 -11.66
CA ASN C 230 10.52 -30.29 -11.70
C ASN C 230 11.01 -29.96 -10.29
N GLY C 231 10.99 -30.96 -9.40
CA GLY C 231 11.37 -30.76 -8.02
C GLY C 231 12.83 -31.11 -7.76
N SER C 232 13.22 -30.95 -6.50
CA SER C 232 14.57 -31.29 -6.05
C SER C 232 14.60 -32.75 -5.61
N LEU C 233 15.54 -33.51 -6.15
CA LEU C 233 15.61 -34.94 -5.91
C LEU C 233 16.45 -35.25 -4.68
N ALA C 234 16.25 -36.47 -4.15
CA ALA C 234 17.07 -36.95 -3.07
C ALA C 234 18.45 -37.34 -3.60
N GLU C 235 19.33 -37.76 -2.70
CA GLU C 235 20.70 -38.11 -3.05
C GLU C 235 21.00 -39.59 -2.86
N GLU C 236 20.71 -40.14 -1.68
CA GLU C 236 21.10 -41.52 -1.40
C GLU C 236 20.10 -42.52 -1.98
N GLU C 237 18.85 -42.48 -1.51
CA GLU C 237 17.80 -43.33 -2.06
C GLU C 237 16.48 -42.57 -2.07
N VAL C 238 15.43 -43.25 -2.55
CA VAL C 238 14.09 -42.67 -2.54
C VAL C 238 13.62 -42.54 -1.11
N MET C 239 13.10 -41.37 -0.76
CA MET C 239 12.75 -41.05 0.62
C MET C 239 11.23 -41.00 0.78
N ILE C 240 10.76 -41.59 1.87
CA ILE C 240 9.34 -41.61 2.22
C ILE C 240 9.16 -40.76 3.47
N ARG C 241 8.43 -39.66 3.34
CA ARG C 241 8.23 -38.71 4.43
C ARG C 241 6.75 -38.64 4.79
N SER C 242 6.47 -38.67 6.10
CA SER C 242 5.11 -38.54 6.57
C SER C 242 5.15 -38.16 8.04
N GLU C 243 4.23 -37.28 8.46
CA GLU C 243 4.16 -36.93 9.87
C GLU C 243 3.77 -38.13 10.71
N ASN C 244 2.85 -38.95 10.20
CA ASN C 244 2.46 -40.19 10.87
C ASN C 244 2.09 -41.19 9.79
N ILE C 245 3.01 -42.12 9.51
CA ILE C 245 2.72 -43.17 8.52
C ILE C 245 1.52 -44.00 8.96
N THR C 246 1.42 -44.26 10.26
CA THR C 246 0.28 -45.00 10.78
C THR C 246 -1.03 -44.26 10.51
N ASN C 247 -1.04 -42.94 10.69
CA ASN C 247 -2.24 -42.16 10.39
C ASN C 247 -2.56 -42.23 8.91
N ASN C 248 -3.85 -42.28 8.59
CA ASN C 248 -4.31 -42.33 7.22
C ASN C 248 -4.79 -40.99 6.69
N ALA C 249 -4.85 -39.96 7.54
CA ALA C 249 -5.23 -38.62 7.13
C ALA C 249 -4.02 -37.76 6.76
N LYS C 250 -2.82 -38.32 6.78
CA LYS C 250 -1.59 -37.59 6.50
C LYS C 250 -1.06 -38.03 5.14
N ASN C 251 -0.83 -37.06 4.26
CA ASN C 251 -0.27 -37.37 2.95
C ASN C 251 1.16 -37.87 3.09
N ILE C 252 1.49 -38.89 2.30
CA ILE C 252 2.83 -39.45 2.28
C ILE C 252 3.57 -38.84 1.11
N LEU C 253 4.59 -38.03 1.39
CA LEU C 253 5.42 -37.47 0.34
C LEU C 253 6.49 -38.49 -0.04
N VAL C 254 6.68 -38.69 -1.33
CA VAL C 254 7.69 -39.60 -1.85
C VAL C 254 8.63 -38.79 -2.72
N GLN C 255 9.93 -38.83 -2.41
CA GLN C 255 10.94 -38.12 -3.16
C GLN C 255 11.83 -39.12 -3.89
N PHE C 256 11.95 -38.96 -5.20
CA PHE C 256 12.72 -39.87 -6.02
C PHE C 256 14.20 -39.49 -6.02
N ASN C 257 15.06 -40.50 -6.09
CA ASN C 257 16.48 -40.26 -6.25
C ASN C 257 16.87 -40.08 -7.72
N THR C 258 16.14 -40.70 -8.64
CA THR C 258 16.33 -40.53 -10.07
C THR C 258 15.04 -40.05 -10.70
N PRO C 259 15.09 -39.07 -11.60
CA PRO C 259 13.86 -38.51 -12.15
C PRO C 259 13.26 -39.38 -13.23
N VAL C 260 11.94 -39.29 -13.35
CA VAL C 260 11.19 -39.97 -14.40
C VAL C 260 10.68 -38.91 -15.36
N GLN C 261 11.13 -38.98 -16.61
CA GLN C 261 10.76 -37.96 -17.58
C GLN C 261 9.34 -38.19 -18.06
N ILE C 262 8.55 -37.12 -18.10
CA ILE C 262 7.18 -37.15 -18.58
C ILE C 262 7.06 -36.14 -19.70
N ASN C 263 6.51 -36.57 -20.84
CA ASN C 263 6.38 -35.75 -22.03
C ASN C 263 4.91 -35.39 -22.22
N CYS C 264 4.61 -34.10 -22.14
CA CYS C 264 3.25 -33.59 -22.14
C CYS C 264 2.98 -32.97 -23.52
N THR C 265 1.77 -33.14 -24.04
CA THR C 265 1.51 -32.54 -25.35
C THR C 265 0.03 -32.23 -25.50
N ARG C 266 -0.23 -31.14 -26.23
CA ARG C 266 -1.57 -30.75 -26.67
C ARG C 266 -1.51 -30.69 -28.19
N PRO C 267 -1.84 -31.78 -28.88
CA PRO C 267 -1.60 -31.84 -30.33
C PRO C 267 -2.40 -30.83 -31.13
N ASN C 268 -3.49 -30.28 -30.59
CA ASN C 268 -4.29 -29.32 -31.33
C ASN C 268 -3.50 -28.06 -31.64
N ASN C 269 -3.70 -27.52 -32.84
CA ASN C 269 -3.06 -26.28 -33.26
C ASN C 269 -4.09 -25.15 -33.10
N ASN C 270 -4.21 -24.66 -31.88
CA ASN C 270 -5.19 -23.65 -31.56
C ASN C 270 -4.81 -22.30 -32.17
N THR C 271 -5.83 -21.51 -32.49
CA THR C 271 -5.67 -20.14 -32.96
C THR C 271 -6.41 -19.21 -32.02
N ARG C 272 -5.70 -18.20 -31.51
CA ARG C 272 -6.29 -17.21 -30.63
C ARG C 272 -6.97 -16.11 -31.44
N LYS C 273 -8.18 -15.74 -31.04
CA LYS C 273 -8.95 -14.71 -31.72
C LYS C 273 -9.33 -13.64 -30.70
N SER C 274 -8.98 -12.38 -30.99
CA SER C 274 -9.28 -11.28 -30.11
C SER C 274 -10.69 -10.75 -30.39
N ILE C 275 -11.43 -10.47 -29.32
CA ILE C 275 -12.77 -9.93 -29.40
C ILE C 275 -12.82 -8.66 -28.56
N ARG C 276 -13.37 -7.59 -29.12
CA ARG C 276 -13.49 -6.32 -28.41
C ARG C 276 -14.78 -6.34 -27.61
N ILE C 277 -14.67 -6.58 -26.31
CA ILE C 277 -15.83 -6.62 -25.43
C ILE C 277 -16.02 -5.31 -24.67
N GLY C 278 -15.23 -4.28 -25.00
CA GLY C 278 -15.35 -3.00 -24.37
C GLY C 278 -14.22 -2.07 -24.76
N PRO C 279 -14.17 -0.88 -24.17
CA PRO C 279 -13.08 0.05 -24.47
C PRO C 279 -11.75 -0.44 -23.92
N GLY C 280 -10.86 -0.87 -24.80
CA GLY C 280 -9.56 -1.36 -24.39
C GLY C 280 -9.57 -2.82 -23.97
N GLN C 281 -10.63 -3.23 -23.27
CA GLN C 281 -10.74 -4.61 -22.82
C GLN C 281 -10.91 -5.55 -24.00
N ALA C 282 -10.10 -6.60 -24.03
CA ALA C 282 -10.14 -7.60 -25.09
C ALA C 282 -10.24 -8.99 -24.49
N PHE C 283 -11.07 -9.83 -25.10
CA PHE C 283 -11.26 -11.21 -24.68
C PHE C 283 -10.70 -12.12 -25.75
N TYR C 284 -9.78 -13.00 -25.36
CA TYR C 284 -9.11 -13.89 -26.31
C TYR C 284 -9.81 -15.24 -26.29
N ALA C 285 -10.52 -15.55 -27.37
CA ALA C 285 -11.25 -16.80 -27.50
C ALA C 285 -10.47 -17.77 -28.39
N THR C 286 -10.95 -19.01 -28.40
CA THR C 286 -10.34 -20.07 -29.20
C THR C 286 -11.01 -20.10 -30.56
N GLY C 287 -10.25 -19.76 -31.60
CA GLY C 287 -10.75 -19.84 -32.96
C GLY C 287 -10.80 -21.28 -33.44
N ASP C 288 -11.17 -21.44 -34.70
CA ASP C 288 -11.21 -22.76 -35.30
C ASP C 288 -9.83 -23.40 -35.27
N ILE C 289 -9.76 -24.65 -34.81
CA ILE C 289 -8.51 -25.37 -34.73
C ILE C 289 -8.12 -25.81 -36.14
N ILE C 290 -6.96 -25.36 -36.61
CA ILE C 290 -6.49 -25.67 -37.94
C ILE C 290 -5.75 -27.00 -37.91
N GLY C 291 -6.19 -27.94 -38.73
CA GLY C 291 -5.59 -29.26 -38.76
C GLY C 291 -6.49 -30.33 -38.20
N ASP C 292 -5.90 -31.30 -37.49
CA ASP C 292 -6.64 -32.41 -36.91
C ASP C 292 -6.73 -32.21 -35.40
N ILE C 293 -7.91 -32.51 -34.85
CA ILE C 293 -8.16 -32.37 -33.43
C ILE C 293 -7.87 -33.69 -32.74
N ARG C 294 -6.91 -33.68 -31.82
CA ARG C 294 -6.50 -34.88 -31.10
C ARG C 294 -6.41 -34.58 -29.61
N GLN C 295 -6.64 -35.61 -28.81
CA GLN C 295 -6.65 -35.46 -27.36
C GLN C 295 -5.26 -35.16 -26.83
N ALA C 296 -5.18 -34.20 -25.91
CA ALA C 296 -3.93 -33.92 -25.22
C ALA C 296 -3.56 -35.11 -24.33
N HIS C 297 -2.26 -35.40 -24.25
CA HIS C 297 -1.86 -36.63 -23.56
C HIS C 297 -0.45 -36.49 -23.02
N CYS C 298 -0.11 -37.40 -22.12
CA CYS C 298 1.21 -37.49 -21.51
C CYS C 298 1.81 -38.86 -21.77
N ASN C 299 3.13 -38.90 -21.88
CA ASN C 299 3.88 -40.15 -22.03
C ASN C 299 4.86 -40.28 -20.89
N VAL C 300 4.89 -41.45 -20.27
CA VAL C 300 5.88 -41.77 -19.24
C VAL C 300 6.49 -43.13 -19.58
N SER C 301 7.81 -43.23 -19.48
CA SER C 301 8.47 -44.49 -19.81
C SER C 301 7.98 -45.60 -18.92
N LYS C 302 7.49 -46.68 -19.54
CA LYS C 302 6.91 -47.79 -18.77
C LYS C 302 7.96 -48.48 -17.90
N ALA C 303 9.13 -48.77 -18.49
CA ALA C 303 10.19 -49.42 -17.72
C ALA C 303 10.68 -48.53 -16.59
N THR C 304 10.88 -47.24 -16.87
CA THR C 304 11.34 -46.32 -15.84
C THR C 304 10.31 -46.18 -14.73
N TRP C 305 9.02 -46.08 -15.10
CA TRP C 305 7.98 -45.97 -14.08
C TRP C 305 7.90 -47.24 -13.23
N ASN C 306 8.00 -48.41 -13.86
CA ASN C 306 7.97 -49.65 -13.09
C ASN C 306 9.15 -49.74 -12.14
N GLU C 307 10.35 -49.35 -12.61
CA GLU C 307 11.52 -49.37 -11.74
C GLU C 307 11.34 -48.41 -10.57
N THR C 308 10.81 -47.21 -10.84
CA THR C 308 10.62 -46.23 -9.76
C THR C 308 9.58 -46.71 -8.76
N LEU C 309 8.51 -47.34 -9.24
CA LEU C 309 7.51 -47.89 -8.33
C LEU C 309 8.09 -49.02 -7.49
N GLY C 310 8.92 -49.87 -8.09
CA GLY C 310 9.59 -50.90 -7.31
C GLY C 310 10.50 -50.32 -6.25
N LYS C 311 11.26 -49.28 -6.60
CA LYS C 311 12.11 -48.62 -5.62
C LYS C 311 11.29 -48.01 -4.49
N VAL C 312 10.15 -47.39 -4.83
CA VAL C 312 9.29 -46.81 -3.80
C VAL C 312 8.77 -47.89 -2.87
N VAL C 313 8.32 -49.02 -3.44
CA VAL C 313 7.80 -50.10 -2.62
C VAL C 313 8.90 -50.65 -1.71
N LYS C 314 10.12 -50.74 -2.23
CA LYS C 314 11.23 -51.24 -1.42
C LYS C 314 11.46 -50.37 -0.19
N GLN C 315 11.37 -49.05 -0.35
CA GLN C 315 11.49 -48.11 0.76
C GLN C 315 10.18 -47.88 1.49
N LEU C 316 9.08 -48.45 1.00
CA LEU C 316 7.78 -48.32 1.67
C LEU C 316 7.46 -49.50 2.58
N ARG C 317 8.05 -50.67 2.32
CA ARG C 317 7.82 -51.83 3.16
C ARG C 317 8.49 -51.71 4.53
N LYS C 318 9.41 -50.77 4.70
CA LYS C 318 10.11 -50.64 5.97
C LYS C 318 9.15 -50.27 7.10
N HIS C 319 8.24 -49.35 6.84
CA HIS C 319 7.30 -48.91 7.88
C HIS C 319 6.18 -49.92 8.12
N PHE C 320 5.93 -50.81 7.17
CA PHE C 320 4.86 -51.80 7.29
C PHE C 320 5.37 -53.23 7.42
N GLY C 321 6.68 -53.42 7.45
CA GLY C 321 7.25 -54.75 7.56
C GLY C 321 7.29 -55.48 6.24
N ASN C 322 8.00 -56.61 6.25
CA ASN C 322 8.08 -57.46 5.07
C ASN C 322 6.80 -58.29 4.94
N ASN C 323 6.72 -59.07 3.86
CA ASN C 323 5.63 -59.99 3.56
C ASN C 323 4.29 -59.29 3.39
N THR C 324 4.27 -57.97 3.29
CA THR C 324 3.04 -57.22 3.09
C THR C 324 2.88 -56.86 1.61
N ILE C 325 1.63 -56.76 1.18
CA ILE C 325 1.30 -56.48 -0.21
C ILE C 325 1.13 -54.98 -0.39
N ILE C 326 1.84 -54.41 -1.36
CA ILE C 326 1.78 -52.98 -1.62
C ILE C 326 1.07 -52.77 -2.95
N ARG C 327 -0.09 -52.13 -2.91
CA ARG C 327 -0.90 -51.94 -4.11
C ARG C 327 -1.07 -50.45 -4.39
N PHE C 328 -0.88 -50.07 -5.64
CA PHE C 328 -1.12 -48.71 -6.10
C PHE C 328 -2.36 -48.71 -6.98
N ALA C 329 -3.39 -47.99 -6.54
CA ALA C 329 -4.62 -47.81 -7.28
C ALA C 329 -4.85 -46.32 -7.53
N ASN C 330 -5.75 -46.02 -8.46
CA ASN C 330 -5.96 -44.63 -8.85
C ASN C 330 -6.75 -43.89 -7.76
N SER C 331 -6.96 -42.60 -7.99
CA SER C 331 -7.59 -41.75 -6.98
C SER C 331 -9.01 -42.22 -6.70
N SER C 332 -9.41 -42.12 -5.43
CA SER C 332 -10.68 -42.66 -4.97
C SER C 332 -11.86 -41.73 -5.18
N GLY C 333 -11.62 -40.46 -5.48
CA GLY C 333 -12.71 -39.53 -5.72
C GLY C 333 -12.29 -38.11 -5.39
N GLY C 334 -13.23 -37.19 -5.62
CA GLY C 334 -12.99 -35.78 -5.39
C GLY C 334 -13.19 -34.93 -6.62
N ASP C 335 -12.71 -33.69 -6.59
CA ASP C 335 -12.81 -32.82 -7.75
C ASP C 335 -11.81 -33.26 -8.82
N LEU C 336 -11.80 -32.53 -9.93
CA LEU C 336 -10.86 -32.84 -11.00
C LEU C 336 -9.42 -32.52 -10.62
N GLU C 337 -9.22 -31.73 -9.57
CA GLU C 337 -7.86 -31.39 -9.14
C GLU C 337 -7.19 -32.55 -8.41
N VAL C 338 -7.96 -33.38 -7.70
CA VAL C 338 -7.38 -34.43 -6.87
C VAL C 338 -7.52 -35.78 -7.55
N THR C 339 -8.55 -35.95 -8.39
CA THR C 339 -8.72 -37.23 -9.08
C THR C 339 -7.72 -37.40 -10.21
N THR C 340 -7.25 -36.31 -10.80
CA THR C 340 -6.33 -36.36 -11.92
C THR C 340 -5.10 -35.52 -11.61
N HIS C 341 -3.97 -35.93 -12.16
CA HIS C 341 -2.74 -35.16 -12.04
C HIS C 341 -2.93 -33.83 -12.77
N SER C 342 -3.08 -32.76 -12.00
CA SER C 342 -3.32 -31.44 -12.57
C SER C 342 -2.04 -30.63 -12.53
N PHE C 343 -1.71 -30.00 -13.65
CA PHE C 343 -0.52 -29.17 -13.71
C PHE C 343 -0.73 -28.07 -14.74
N ASN C 344 0.25 -27.19 -14.84
CA ASN C 344 0.19 -26.05 -15.76
C ASN C 344 1.53 -25.92 -16.45
N CYS C 345 1.51 -25.95 -17.78
CA CYS C 345 2.74 -25.69 -18.53
C CYS C 345 2.36 -25.17 -19.90
N GLY C 346 3.27 -24.39 -20.48
CA GLY C 346 3.00 -23.78 -21.77
C GLY C 346 1.91 -22.74 -21.74
N GLY C 347 1.43 -22.37 -20.56
CA GLY C 347 0.29 -21.51 -20.41
C GLY C 347 -1.03 -22.24 -20.30
N GLU C 348 -1.04 -23.56 -20.46
CA GLU C 348 -2.27 -24.33 -20.41
C GLU C 348 -2.28 -25.28 -19.22
N PHE C 349 -3.48 -25.55 -18.72
CA PHE C 349 -3.69 -26.36 -17.52
C PHE C 349 -4.21 -27.73 -17.94
N PHE C 350 -3.45 -28.76 -17.61
CA PHE C 350 -3.77 -30.13 -17.97
C PHE C 350 -4.28 -30.88 -16.74
N TYR C 351 -5.27 -31.73 -16.95
CA TYR C 351 -5.79 -32.66 -15.95
C TYR C 351 -5.66 -34.05 -16.54
N CYS C 352 -4.66 -34.82 -16.11
CA CYS C 352 -4.33 -36.09 -16.73
C CYS C 352 -4.81 -37.25 -15.87
N ASN C 353 -5.54 -38.16 -16.48
CA ASN C 353 -6.08 -39.34 -15.81
C ASN C 353 -4.97 -40.34 -15.55
N THR C 354 -4.35 -40.26 -14.38
CA THR C 354 -3.26 -41.16 -14.01
C THR C 354 -3.77 -42.46 -13.40
N SER C 355 -4.67 -43.14 -14.11
CA SER C 355 -5.07 -44.47 -13.68
C SER C 355 -4.11 -45.53 -14.17
N GLY C 356 -3.43 -45.28 -15.30
CA GLY C 356 -2.45 -46.23 -15.79
C GLY C 356 -1.23 -46.32 -14.89
N LEU C 357 -0.80 -45.19 -14.32
CA LEU C 357 0.37 -45.19 -13.45
C LEU C 357 0.14 -46.03 -12.21
N PHE C 358 -0.94 -45.77 -11.49
CA PHE C 358 -1.23 -46.46 -10.22
C PHE C 358 -2.27 -47.55 -10.48
N ASN C 359 -1.81 -48.65 -11.08
CA ASN C 359 -2.64 -49.82 -11.33
C ASN C 359 -1.85 -51.09 -11.09
N SER C 360 -1.08 -51.14 -10.00
CA SER C 360 -0.10 -52.20 -9.83
C SER C 360 -0.23 -52.84 -8.45
N THR C 361 0.28 -54.07 -8.37
CA THR C 361 0.35 -54.82 -7.12
C THR C 361 1.75 -55.39 -6.96
N TRP C 362 2.27 -55.33 -5.73
CA TRP C 362 3.63 -55.77 -5.44
C TRP C 362 3.60 -56.72 -4.25
N ILE C 363 4.18 -57.90 -4.45
CA ILE C 363 4.24 -58.96 -3.45
C ILE C 363 5.70 -59.23 -3.12
N SER C 364 6.00 -59.44 -1.84
CA SER C 364 7.35 -59.73 -1.40
C SER C 364 7.88 -61.01 -2.04
N ASN C 377 11.13 -49.11 -24.18
CA ASN C 377 10.67 -48.34 -25.32
C ASN C 377 9.18 -48.05 -25.23
N ASP C 378 8.45 -48.94 -24.57
CA ASP C 378 7.01 -48.74 -24.40
C ASP C 378 6.75 -47.54 -23.49
N SER C 379 5.68 -46.82 -23.78
CA SER C 379 5.32 -45.62 -23.05
C SER C 379 3.89 -45.72 -22.57
N ILE C 380 3.66 -45.47 -21.28
CA ILE C 380 2.32 -45.33 -20.75
C ILE C 380 1.77 -43.98 -21.17
N THR C 381 0.59 -43.98 -21.76
CA THR C 381 -0.06 -42.78 -22.26
C THR C 381 -1.23 -42.42 -21.35
N LEU C 382 -1.22 -41.19 -20.85
CA LEU C 382 -2.25 -40.66 -19.98
C LEU C 382 -3.11 -39.68 -20.75
N PRO C 383 -4.39 -39.97 -20.99
CA PRO C 383 -5.27 -39.01 -21.67
C PRO C 383 -5.59 -37.84 -20.75
N CYS C 384 -5.26 -36.64 -21.19
CA CYS C 384 -5.46 -35.43 -20.40
C CYS C 384 -6.57 -34.58 -20.99
N ARG C 385 -7.21 -33.81 -20.12
CA ARG C 385 -8.22 -32.83 -20.50
C ARG C 385 -7.69 -31.43 -20.20
N ILE C 386 -8.27 -30.45 -20.88
CA ILE C 386 -7.85 -29.06 -20.76
C ILE C 386 -9.01 -28.24 -20.20
N LYS C 387 -8.73 -27.43 -19.19
CA LYS C 387 -9.69 -26.49 -18.64
C LYS C 387 -9.15 -25.08 -18.78
N GLN C 388 -10.03 -24.15 -19.14
CA GLN C 388 -9.69 -22.73 -19.22
C GLN C 388 -10.23 -21.92 -18.05
N ILE C 389 -11.40 -22.29 -17.53
CA ILE C 389 -11.95 -21.65 -16.33
C ILE C 389 -11.25 -22.31 -15.14
N ILE C 390 -10.20 -21.67 -14.63
CA ILE C 390 -9.34 -22.26 -13.61
C ILE C 390 -9.71 -21.66 -12.27
N ASN C 391 -10.11 -22.52 -11.33
CA ASN C 391 -10.37 -22.10 -9.96
C ASN C 391 -9.16 -22.45 -9.09
N MET C 392 -8.08 -21.69 -9.32
CA MET C 392 -6.83 -21.95 -8.64
C MET C 392 -6.92 -21.62 -7.16
N TRP C 393 -6.10 -22.30 -6.36
CA TRP C 393 -6.00 -22.08 -4.92
C TRP C 393 -7.31 -22.35 -4.20
N GLN C 394 -8.13 -23.24 -4.76
CA GLN C 394 -9.39 -23.71 -4.20
C GLN C 394 -10.18 -22.61 -3.51
N ARG C 395 -10.22 -21.43 -4.12
CA ARG C 395 -10.92 -20.26 -3.59
C ARG C 395 -12.20 -20.07 -4.39
N ILE C 396 -13.34 -20.24 -3.74
CA ILE C 396 -14.63 -20.05 -4.39
C ILE C 396 -14.97 -18.57 -4.33
N GLY C 397 -15.03 -17.92 -5.49
CA GLY C 397 -15.30 -16.51 -5.55
C GLY C 397 -14.34 -15.77 -6.46
N GLN C 398 -13.26 -16.45 -6.86
CA GLN C 398 -12.23 -15.87 -7.73
C GLN C 398 -11.82 -16.93 -8.74
N ALA C 399 -12.33 -16.82 -9.96
CA ALA C 399 -11.98 -17.72 -11.04
C ALA C 399 -10.89 -17.08 -11.91
N MET C 400 -10.56 -17.73 -13.02
CA MET C 400 -9.54 -17.23 -13.94
C MET C 400 -9.68 -17.94 -15.27
N TYR C 401 -9.75 -17.18 -16.35
CA TYR C 401 -9.83 -17.72 -17.70
C TYR C 401 -8.43 -17.73 -18.32
N ALA C 402 -7.90 -18.91 -18.56
CA ALA C 402 -6.58 -19.02 -19.19
C ALA C 402 -6.71 -18.78 -20.68
N PRO C 403 -6.03 -17.78 -21.23
CA PRO C 403 -6.21 -17.47 -22.65
C PRO C 403 -5.68 -18.60 -23.50
N PRO C 404 -6.22 -18.78 -24.70
CA PRO C 404 -5.70 -19.81 -25.60
C PRO C 404 -4.22 -19.56 -25.93
N ILE C 405 -3.48 -20.64 -26.09
CA ILE C 405 -2.06 -20.57 -26.45
C ILE C 405 -1.94 -21.00 -27.91
N GLN C 406 -1.36 -20.13 -28.73
CA GLN C 406 -1.25 -20.41 -30.15
C GLN C 406 -0.27 -21.55 -30.40
N GLY C 407 -0.54 -22.32 -31.45
CA GLY C 407 0.34 -23.38 -31.85
C GLY C 407 0.10 -24.68 -31.09
N VAL C 408 1.12 -25.54 -31.13
CA VAL C 408 1.09 -26.85 -30.49
C VAL C 408 2.01 -26.80 -29.28
N ILE C 409 1.51 -27.24 -28.14
CA ILE C 409 2.23 -27.17 -26.87
C ILE C 409 2.87 -28.52 -26.59
N ARG C 410 4.18 -28.51 -26.36
CA ARG C 410 4.92 -29.67 -25.91
C ARG C 410 5.70 -29.30 -24.65
N CYS C 411 5.85 -30.27 -23.76
CA CYS C 411 6.45 -30.04 -22.45
C CYS C 411 7.26 -31.26 -22.06
N VAL C 412 8.37 -31.04 -21.37
CA VAL C 412 9.19 -32.11 -20.82
C VAL C 412 9.42 -31.81 -19.35
N SER C 413 9.02 -32.73 -18.47
CA SER C 413 9.10 -32.47 -17.04
C SER C 413 9.68 -33.68 -16.33
N ASN C 414 10.12 -33.45 -15.10
CA ASN C 414 10.63 -34.49 -14.22
C ASN C 414 9.60 -34.77 -13.14
N ILE C 415 9.15 -36.03 -13.04
CA ILE C 415 8.31 -36.42 -11.92
C ILE C 415 9.21 -36.66 -10.73
N THR C 416 9.45 -35.60 -9.95
CA THR C 416 10.40 -35.70 -8.85
C THR C 416 9.84 -36.52 -7.70
N GLY C 417 8.55 -36.39 -7.42
CA GLY C 417 7.97 -37.08 -6.28
C GLY C 417 6.50 -37.37 -6.48
N LEU C 418 5.93 -38.01 -5.46
CA LEU C 418 4.53 -38.38 -5.43
C LEU C 418 3.91 -37.91 -4.11
N ILE C 419 2.59 -37.74 -4.13
CA ILE C 419 1.82 -37.43 -2.93
C ILE C 419 0.81 -38.56 -2.78
N LEU C 420 1.17 -39.59 -2.03
CA LEU C 420 0.32 -40.75 -1.86
C LEU C 420 -0.55 -40.60 -0.62
N THR C 421 -1.54 -41.47 -0.50
CA THR C 421 -2.41 -41.52 0.65
C THR C 421 -2.81 -42.98 0.87
N ARG C 422 -2.71 -43.44 2.12
CA ARG C 422 -2.98 -44.83 2.43
C ARG C 422 -4.46 -45.01 2.76
N ASP C 423 -5.08 -46.04 2.18
CA ASP C 423 -6.47 -46.33 2.48
C ASP C 423 -6.61 -46.83 3.91
N GLY C 424 -7.65 -46.36 4.59
CA GLY C 424 -7.86 -46.69 5.97
C GLY C 424 -8.45 -48.07 6.17
N GLY C 425 -8.71 -48.40 7.43
CA GLY C 425 -9.29 -49.68 7.78
C GLY C 425 -8.24 -50.78 7.90
N SER C 426 -8.68 -51.91 8.46
CA SER C 426 -7.80 -53.06 8.62
C SER C 426 -8.68 -54.31 8.61
N THR C 427 -8.72 -54.99 7.46
CA THR C 427 -9.44 -56.25 7.32
C THR C 427 -8.49 -57.40 7.62
N ASN C 428 -8.92 -58.63 7.32
CA ASN C 428 -8.08 -59.80 7.58
C ASN C 428 -6.82 -59.77 6.73
N SER C 429 -6.93 -59.33 5.49
CA SER C 429 -5.76 -59.25 4.62
C SER C 429 -4.81 -58.17 5.10
N THR C 430 -3.52 -58.35 4.79
CA THR C 430 -2.48 -57.43 5.20
C THR C 430 -2.06 -56.47 4.08
N THR C 431 -2.78 -56.45 2.97
CA THR C 431 -2.43 -55.59 1.86
C THR C 431 -2.67 -54.13 2.20
N GLU C 432 -1.82 -53.27 1.65
CA GLU C 432 -1.93 -51.82 1.80
C GLU C 432 -2.05 -51.19 0.42
N THR C 433 -3.03 -50.31 0.24
CA THR C 433 -3.28 -49.66 -1.03
C THR C 433 -2.98 -48.17 -0.89
N PHE C 434 -2.11 -47.66 -1.74
CA PHE C 434 -1.73 -46.25 -1.75
C PHE C 434 -2.25 -45.60 -3.02
N ARG C 435 -3.01 -44.52 -2.86
CA ARG C 435 -3.62 -43.84 -3.99
C ARG C 435 -3.12 -42.41 -4.07
N PRO C 436 -2.94 -41.85 -5.26
CA PRO C 436 -2.44 -40.48 -5.38
C PRO C 436 -3.41 -39.49 -4.75
N GLY C 437 -2.84 -38.45 -4.14
CA GLY C 437 -3.59 -37.39 -3.52
C GLY C 437 -3.13 -36.04 -4.01
N GLY C 438 -3.29 -35.04 -3.15
CA GLY C 438 -2.85 -33.69 -3.49
C GLY C 438 -3.90 -32.63 -3.23
N GLY C 439 -3.91 -31.61 -4.06
CA GLY C 439 -4.82 -30.49 -3.88
C GLY C 439 -4.29 -29.41 -2.97
N ASP C 440 -3.84 -29.79 -1.77
CA ASP C 440 -3.23 -28.86 -0.84
C ASP C 440 -1.81 -28.56 -1.31
N MET C 441 -1.60 -27.35 -1.81
CA MET C 441 -0.28 -26.97 -2.32
C MET C 441 0.76 -26.87 -1.23
N ARG C 442 0.35 -26.85 0.05
CA ARG C 442 1.30 -26.86 1.14
C ARG C 442 2.14 -28.13 1.12
N ASP C 443 1.51 -29.27 0.81
CA ASP C 443 2.27 -30.50 0.64
C ASP C 443 3.21 -30.41 -0.55
N ASN C 444 2.79 -29.73 -1.62
CA ASN C 444 3.65 -29.58 -2.79
C ASN C 444 4.90 -28.78 -2.47
N TRP C 445 4.75 -27.68 -1.73
CA TRP C 445 5.89 -26.83 -1.39
C TRP C 445 6.60 -27.24 -0.12
N ARG C 446 6.09 -28.26 0.58
CA ARG C 446 6.79 -28.82 1.72
C ARG C 446 7.84 -29.84 1.32
N SER C 447 7.82 -30.29 0.05
CA SER C 447 8.84 -31.19 -0.45
C SER C 447 10.12 -30.47 -0.83
N GLU C 448 10.12 -29.14 -0.85
CA GLU C 448 11.31 -28.35 -1.11
C GLU C 448 11.85 -27.65 0.14
N LEU C 449 11.00 -27.35 1.11
CA LEU C 449 11.39 -26.69 2.34
C LEU C 449 11.50 -27.66 3.52
N TYR C 450 11.69 -28.95 3.25
CA TYR C 450 11.75 -29.92 4.33
C TYR C 450 13.04 -29.78 5.13
N LYS C 451 14.16 -29.57 4.46
CA LYS C 451 15.45 -29.49 5.11
C LYS C 451 15.72 -28.13 5.73
N TYR C 452 14.91 -27.13 5.45
CA TYR C 452 15.18 -25.76 5.86
C TYR C 452 14.41 -25.42 7.12
N LYS C 453 15.04 -24.61 7.97
CA LYS C 453 14.42 -24.13 9.20
C LYS C 453 14.93 -22.72 9.46
N VAL C 454 14.07 -21.86 9.99
CA VAL C 454 14.43 -20.46 10.23
C VAL C 454 14.67 -20.28 11.72
N VAL C 455 15.80 -19.66 12.07
CA VAL C 455 16.17 -19.45 13.46
C VAL C 455 16.60 -18.00 13.68
N LYS C 456 16.33 -17.50 14.88
CA LYS C 456 16.69 -16.15 15.29
C LYS C 456 17.94 -16.21 16.15
N ILE C 457 18.94 -15.42 15.79
CA ILE C 457 20.21 -15.41 16.51
C ILE C 457 20.07 -14.61 17.79
N GLU C 458 20.78 -15.06 18.84
CA GLU C 458 20.79 -14.40 20.14
C GLU C 458 22.24 -14.12 20.49
N PRO C 459 22.86 -13.09 19.88
CA PRO C 459 24.31 -12.90 20.03
C PRO C 459 24.74 -12.44 21.42
N LEU C 460 23.82 -12.20 22.35
CA LEU C 460 24.18 -11.81 23.70
C LEU C 460 24.23 -13.04 24.60
N GLY C 461 25.35 -13.21 25.30
CA GLY C 461 25.48 -14.34 26.20
C GLY C 461 26.32 -14.08 27.43
N VAL C 462 25.85 -14.50 28.59
CA VAL C 462 26.55 -14.28 29.86
C VAL C 462 27.28 -15.56 30.25
N ALA C 463 28.49 -15.40 30.79
CA ALA C 463 29.29 -16.55 31.19
C ALA C 463 30.21 -16.14 32.33
N PRO C 464 30.58 -17.08 33.21
CA PRO C 464 31.51 -16.75 34.29
C PRO C 464 32.92 -16.47 33.78
N THR C 465 33.58 -15.52 34.43
CA THR C 465 34.98 -15.19 34.18
C THR C 465 35.51 -14.46 35.40
N ARG C 466 36.84 -14.43 35.56
CA ARG C 466 37.48 -13.91 36.76
C ARG C 466 37.97 -12.48 36.59
N CYS C 467 37.22 -11.64 35.87
CA CYS C 467 37.65 -10.29 35.56
C CYS C 467 36.67 -9.26 36.12
N LYS C 468 37.21 -8.09 36.47
CA LYS C 468 36.42 -6.94 36.91
C LYS C 468 36.89 -5.68 36.20
N ARG C 469 35.97 -4.74 36.02
CA ARG C 469 36.32 -3.42 35.51
C ARG C 469 37.13 -2.67 36.56
N ARG C 470 38.10 -1.88 36.09
CA ARG C 470 38.92 -1.08 37.00
C ARG C 470 38.47 0.37 36.99
N GLY D 10 33.26 -19.14 8.79
CA GLY D 10 32.50 -17.93 8.50
C GLY D 10 31.41 -17.63 9.51
N PHE D 11 30.22 -17.34 9.00
CA PHE D 11 29.10 -17.02 9.87
C PHE D 11 28.63 -18.27 10.62
N LEU D 12 28.52 -18.16 11.94
CA LEU D 12 28.06 -19.25 12.80
C LEU D 12 28.91 -20.50 12.65
N GLY D 13 30.16 -20.36 12.18
CA GLY D 13 31.00 -21.52 11.99
C GLY D 13 31.38 -22.21 13.29
N ALA D 14 31.57 -21.42 14.35
CA ALA D 14 31.97 -21.95 15.65
C ALA D 14 30.77 -22.30 16.53
N ALA D 15 29.62 -22.63 15.92
CA ALA D 15 28.43 -22.95 16.70
C ALA D 15 28.64 -24.18 17.56
N GLY D 16 29.23 -25.23 17.00
CA GLY D 16 29.55 -26.41 17.77
C GLY D 16 30.91 -26.40 18.42
N SER D 17 31.69 -25.34 18.20
CA SER D 17 33.02 -25.25 18.78
C SER D 17 32.93 -24.98 20.29
N THR D 18 34.07 -25.12 20.95
CA THR D 18 34.14 -24.97 22.39
C THR D 18 33.81 -23.53 22.80
N MET D 19 33.41 -23.37 24.06
CA MET D 19 32.99 -22.06 24.56
C MET D 19 34.11 -21.03 24.39
N GLY D 20 35.34 -21.39 24.77
CA GLY D 20 36.43 -20.45 24.62
C GLY D 20 36.76 -20.14 23.17
N ALA D 21 36.82 -21.18 22.33
CA ALA D 21 37.10 -20.96 20.91
C ALA D 21 36.00 -20.16 20.25
N ALA D 22 34.74 -20.43 20.60
CA ALA D 22 33.64 -19.64 20.07
C ALA D 22 33.72 -18.20 20.53
N SER D 23 34.12 -17.98 21.79
CA SER D 23 34.29 -16.61 22.29
C SER D 23 35.44 -15.90 21.60
N MET D 24 36.44 -16.65 21.15
CA MET D 24 37.59 -16.02 20.48
C MET D 24 37.17 -15.32 19.20
N THR D 25 36.32 -15.95 18.40
CA THR D 25 35.87 -15.37 17.14
C THR D 25 34.42 -14.93 17.27
N LEU D 26 34.19 -13.62 17.14
CA LEU D 26 32.85 -13.07 17.20
C LEU D 26 32.53 -12.07 16.09
N THR D 27 33.53 -11.39 15.51
CA THR D 27 33.26 -10.38 14.49
C THR D 27 32.65 -11.00 13.24
N VAL D 28 33.12 -12.18 12.84
CA VAL D 28 32.65 -12.79 11.60
C VAL D 28 31.15 -13.01 11.63
N GLN D 29 30.59 -13.30 12.80
CA GLN D 29 29.15 -13.41 12.97
C GLN D 29 28.54 -12.18 13.62
N ALA D 30 29.32 -11.11 13.78
CA ALA D 30 28.81 -9.84 14.28
C ALA D 30 28.54 -8.83 13.17
N ARG D 31 29.33 -8.84 12.10
CA ARG D 31 29.07 -7.96 10.97
C ARG D 31 27.74 -8.30 10.29
N ASN D 32 27.44 -9.59 10.18
CA ASN D 32 26.27 -10.06 9.45
C ASN D 32 24.97 -9.92 10.22
N LEU D 33 24.96 -9.14 11.30
CA LEU D 33 23.74 -8.91 12.06
C LEU D 33 22.92 -7.73 11.54
N LEU D 34 23.44 -6.98 10.56
CA LEU D 34 22.69 -5.89 9.97
C LEU D 34 22.68 -5.98 8.45
N SER D 35 23.74 -6.54 7.88
CA SER D 35 23.85 -6.67 6.43
C SER D 35 24.31 -8.07 6.02
N LEU D 54 14.71 2.19 -5.57
CA LEU D 54 13.31 2.55 -5.41
C LEU D 54 12.56 1.52 -4.58
N LEU D 55 11.44 1.93 -4.00
CA LEU D 55 10.60 1.06 -3.18
C LEU D 55 9.23 0.96 -3.82
N LYS D 56 8.82 -0.27 -4.14
CA LYS D 56 7.52 -0.54 -4.71
C LYS D 56 6.74 -1.47 -3.79
N LEU D 57 5.47 -1.17 -3.56
CA LEU D 57 4.66 -1.91 -2.60
C LEU D 57 4.01 -3.15 -3.23
N THR D 58 4.84 -3.99 -3.85
CA THR D 58 4.38 -5.26 -4.36
C THR D 58 4.45 -6.29 -3.24
N VAL D 59 4.25 -7.56 -3.58
CA VAL D 59 4.34 -8.62 -2.57
C VAL D 59 5.76 -8.73 -2.03
N TRP D 60 6.76 -8.67 -2.91
CA TRP D 60 8.15 -8.78 -2.48
C TRP D 60 8.68 -7.50 -1.87
N GLY D 61 8.22 -6.34 -2.36
CA GLY D 61 8.72 -5.08 -1.83
C GLY D 61 8.37 -4.87 -0.37
N ILE D 62 7.12 -5.18 0.01
CA ILE D 62 6.72 -5.02 1.40
C ILE D 62 7.45 -6.00 2.28
N LYS D 63 7.71 -7.21 1.79
CA LYS D 63 8.47 -8.19 2.57
C LYS D 63 9.90 -7.71 2.78
N GLN D 64 10.53 -7.13 1.74
CA GLN D 64 11.87 -6.60 1.89
C GLN D 64 11.90 -5.44 2.87
N LEU D 65 10.90 -4.56 2.80
CA LEU D 65 10.85 -3.44 3.75
C LEU D 65 10.70 -3.93 5.18
N GLN D 66 9.84 -4.92 5.40
CA GLN D 66 9.69 -5.50 6.73
C GLN D 66 10.99 -6.14 7.19
N ALA D 67 11.68 -6.84 6.29
CA ALA D 67 12.96 -7.47 6.66
C ALA D 67 13.99 -6.43 7.07
N ARG D 68 14.09 -5.33 6.30
CA ARG D 68 15.05 -4.29 6.63
C ARG D 68 14.74 -3.65 7.98
N VAL D 69 13.46 -3.32 8.21
CA VAL D 69 13.10 -2.69 9.48
C VAL D 69 13.34 -3.65 10.63
N LEU D 70 13.02 -4.92 10.45
CA LEU D 70 13.22 -5.91 11.50
C LEU D 70 14.69 -6.07 11.84
N ALA D 71 15.55 -6.15 10.83
CA ALA D 71 16.98 -6.26 11.08
C ALA D 71 17.51 -5.03 11.82
N VAL D 72 17.09 -3.84 11.37
CA VAL D 72 17.55 -2.61 12.00
C VAL D 72 17.14 -2.58 13.47
N GLU D 73 15.88 -2.89 13.75
CA GLU D 73 15.40 -2.80 15.13
C GLU D 73 16.02 -3.87 16.02
N ARG D 74 16.25 -5.07 15.49
CA ARG D 74 16.91 -6.10 16.30
C ARG D 74 18.34 -5.71 16.63
N TYR D 75 19.09 -5.21 15.65
CA TYR D 75 20.45 -4.76 15.92
C TYR D 75 20.46 -3.63 16.93
N LEU D 76 19.51 -2.68 16.79
CA LEU D 76 19.46 -1.56 17.72
C LEU D 76 19.12 -2.02 19.13
N ARG D 77 18.20 -2.98 19.27
CA ARG D 77 17.87 -3.50 20.58
C ARG D 77 19.08 -4.18 21.23
N ASP D 78 19.81 -4.97 20.45
CA ASP D 78 21.00 -5.64 20.99
C ASP D 78 22.05 -4.62 21.42
N GLN D 79 22.28 -3.60 20.59
CA GLN D 79 23.28 -2.59 20.93
C GLN D 79 22.85 -1.76 22.13
N GLN D 80 21.55 -1.49 22.26
CA GLN D 80 21.06 -0.77 23.43
C GLN D 80 21.27 -1.58 24.70
N LEU D 81 20.98 -2.88 24.65
CA LEU D 81 21.24 -3.73 25.81
C LEU D 81 22.73 -3.75 26.15
N LEU D 82 23.58 -3.79 25.14
CA LEU D 82 25.03 -3.76 25.39
C LEU D 82 25.44 -2.44 26.04
N GLY D 83 24.93 -1.33 25.53
CA GLY D 83 25.32 -0.01 26.03
C GLY D 83 24.75 0.34 27.39
N ILE D 84 23.62 -0.26 27.77
CA ILE D 84 23.07 -0.03 29.09
C ILE D 84 24.00 -0.61 30.16
N TRP D 85 24.61 -1.75 29.87
CA TRP D 85 25.51 -2.42 30.80
C TRP D 85 26.93 -1.88 30.75
N GLY D 86 27.16 -0.76 30.06
CA GLY D 86 28.49 -0.20 29.94
C GLY D 86 29.45 -1.09 29.17
N CYS D 87 28.96 -1.77 28.13
CA CYS D 87 29.80 -2.65 27.32
C CYS D 87 29.69 -2.32 25.84
N SER D 88 29.21 -1.13 25.49
CA SER D 88 29.06 -0.75 24.10
C SER D 88 30.42 -0.70 23.42
N GLY D 89 30.50 -1.28 22.22
CA GLY D 89 31.74 -1.31 21.48
C GLY D 89 32.71 -2.39 21.91
N LYS D 90 32.36 -3.21 22.89
CA LYS D 90 33.21 -4.28 23.39
C LYS D 90 32.50 -5.60 23.19
N LEU D 91 33.12 -6.51 22.43
CA LEU D 91 32.54 -7.83 22.24
C LEU D 91 32.58 -8.63 23.53
N ILE D 92 33.67 -8.53 24.28
CA ILE D 92 33.82 -9.20 25.58
C ILE D 92 33.96 -8.10 26.63
N CYS D 93 33.01 -8.07 27.57
CA CYS D 93 32.98 -7.03 28.59
C CYS D 93 32.74 -7.64 29.95
N CYS D 94 33.56 -7.26 30.92
CA CYS D 94 33.42 -7.75 32.27
C CYS D 94 32.49 -6.85 33.08
N THR D 95 32.03 -7.37 34.23
CA THR D 95 31.08 -6.67 35.06
C THR D 95 31.43 -6.90 36.53
N ASN D 96 30.99 -5.96 37.37
CA ASN D 96 31.29 -5.98 38.80
C ASN D 96 30.24 -6.71 39.62
N VAL D 97 29.17 -7.20 39.00
CA VAL D 97 28.09 -7.86 39.75
C VAL D 97 28.56 -9.25 40.17
N PRO D 98 28.10 -9.77 41.31
CA PRO D 98 28.43 -11.14 41.69
C PRO D 98 27.59 -12.14 40.94
N TRP D 99 28.00 -13.40 41.01
CA TRP D 99 27.32 -14.50 40.36
C TRP D 99 26.85 -15.48 41.44
N ASN D 100 25.53 -15.55 41.63
CA ASN D 100 24.96 -16.48 42.58
C ASN D 100 25.19 -17.92 42.13
N SER D 101 25.63 -18.77 43.05
CA SER D 101 25.94 -20.15 42.71
C SER D 101 24.71 -20.91 42.21
N SER D 102 23.51 -20.42 42.49
CA SER D 102 22.31 -21.06 41.99
C SER D 102 22.22 -20.98 40.47
N TRP D 103 22.83 -19.95 39.87
CA TRP D 103 22.79 -19.82 38.42
C TRP D 103 23.46 -21.00 37.75
N SER D 104 24.65 -21.38 38.23
CA SER D 104 25.36 -22.56 37.74
C SER D 104 26.48 -22.94 38.70
N ASN D 105 26.47 -24.19 39.17
CA ASN D 105 27.52 -24.70 40.04
C ASN D 105 28.62 -25.42 39.27
N ARG D 106 28.51 -25.51 37.95
CA ARG D 106 29.50 -26.22 37.14
C ARG D 106 30.83 -25.47 37.15
N ASN D 107 31.92 -26.23 37.14
CA ASN D 107 33.25 -25.64 37.20
C ASN D 107 33.59 -24.94 35.88
N LEU D 108 34.53 -24.00 35.96
CA LEU D 108 34.90 -23.20 34.79
C LEU D 108 35.58 -24.06 33.73
N SER D 109 36.40 -25.02 34.14
CA SER D 109 37.16 -25.82 33.18
C SER D 109 36.23 -26.59 32.24
N GLU D 110 35.25 -27.29 32.81
CA GLU D 110 34.31 -28.05 31.98
C GLU D 110 33.40 -27.12 31.18
N ILE D 111 33.07 -25.95 31.75
CA ILE D 111 32.22 -25.00 31.03
C ILE D 111 32.92 -24.51 29.76
N TRP D 112 34.21 -24.17 29.88
CA TRP D 112 34.95 -23.58 28.79
C TRP D 112 35.76 -24.59 27.98
N ASP D 113 35.67 -25.89 28.29
CA ASP D 113 36.46 -26.89 27.58
C ASP D 113 35.67 -28.08 27.06
N ASN D 114 34.51 -28.40 27.63
CA ASN D 114 33.76 -29.58 27.22
C ASN D 114 32.30 -29.24 26.98
N MET D 115 32.04 -28.10 26.34
CA MET D 115 30.67 -27.60 26.22
C MET D 115 30.67 -26.36 25.34
N THR D 116 29.56 -26.18 24.61
CA THR D 116 29.42 -25.06 23.67
C THR D 116 28.31 -24.12 24.16
N TRP D 117 28.05 -23.08 23.36
CA TRP D 117 27.20 -21.99 23.80
C TRP D 117 25.72 -22.36 23.80
N LEU D 118 25.31 -23.28 22.94
CA LEU D 118 23.89 -23.60 22.81
C LEU D 118 23.32 -24.14 24.12
N GLN D 119 23.85 -25.28 24.59
CA GLN D 119 23.34 -25.84 25.83
C GLN D 119 23.63 -24.94 27.03
N TRP D 120 24.67 -24.11 26.94
CA TRP D 120 24.90 -23.11 27.98
C TRP D 120 23.73 -22.14 28.08
N ASP D 121 23.25 -21.66 26.93
CA ASP D 121 22.03 -20.85 26.94
C ASP D 121 20.84 -21.66 27.44
N LYS D 122 20.78 -22.95 27.07
CA LYS D 122 19.67 -23.79 27.50
C LYS D 122 19.60 -23.90 29.02
N GLU D 123 20.76 -24.06 29.68
CA GLU D 123 20.80 -24.28 31.11
C GLU D 123 21.04 -23.00 31.91
N ILE D 124 20.87 -21.83 31.29
CA ILE D 124 20.94 -20.57 32.01
C ILE D 124 19.77 -19.68 31.63
N SER D 125 19.05 -20.04 30.56
CA SER D 125 18.04 -19.19 29.96
C SER D 125 17.15 -18.50 30.99
N ASN D 126 16.45 -19.30 31.79
CA ASN D 126 15.53 -18.75 32.78
C ASN D 126 16.23 -17.84 33.79
N TYR D 127 17.52 -18.07 34.07
CA TYR D 127 18.21 -17.16 34.97
C TYR D 127 18.60 -15.85 34.28
N THR D 128 18.85 -15.87 32.97
CA THR D 128 19.40 -14.69 32.30
C THR D 128 18.59 -13.44 32.60
N GLN D 129 17.26 -13.57 32.63
CA GLN D 129 16.40 -12.41 32.76
C GLN D 129 16.69 -11.58 34.01
N ILE D 130 17.12 -12.23 35.11
CA ILE D 130 17.40 -11.41 36.28
C ILE D 130 18.78 -10.76 36.18
N ILE D 131 19.76 -11.49 35.63
CA ILE D 131 21.14 -10.98 35.62
C ILE D 131 21.20 -9.62 34.93
N TYR D 132 20.49 -9.49 33.81
CA TYR D 132 20.47 -8.23 33.08
C TYR D 132 20.19 -7.06 34.01
N GLY D 133 19.16 -7.19 34.85
CA GLY D 133 18.82 -6.12 35.78
C GLY D 133 20.00 -5.74 36.64
N LEU D 134 20.62 -6.73 37.30
CA LEU D 134 21.80 -6.45 38.10
C LEU D 134 22.81 -5.66 37.29
N LEU D 135 23.08 -6.13 36.07
CA LEU D 135 23.98 -5.46 35.15
C LEU D 135 23.73 -3.97 35.14
N GLU D 136 22.52 -3.57 34.71
CA GLU D 136 22.28 -2.14 34.53
C GLU D 136 22.47 -1.39 35.83
N GLU D 137 21.96 -1.96 36.93
CA GLU D 137 22.10 -1.30 38.22
C GLU D 137 23.56 -0.99 38.48
N SER D 138 24.42 -2.01 38.36
CA SER D 138 25.84 -1.81 38.61
C SER D 138 26.36 -0.65 37.78
N GLN D 139 26.05 -0.67 36.47
CA GLN D 139 26.54 0.38 35.59
C GLN D 139 26.17 1.75 36.14
N ASN D 140 24.88 1.94 36.46
CA ASN D 140 24.46 3.24 36.97
C ASN D 140 25.26 3.60 38.20
N GLN D 141 25.34 2.67 39.16
CA GLN D 141 26.13 2.93 40.36
C GLN D 141 27.55 3.32 39.98
N GLN D 142 28.18 2.51 39.13
CA GLN D 142 29.54 2.81 38.70
C GLN D 142 29.61 4.20 38.09
N GLU D 143 28.66 4.50 37.19
CA GLU D 143 28.66 5.81 36.55
C GLU D 143 28.56 6.90 37.61
N LYS D 144 27.63 6.75 38.54
CA LYS D 144 27.49 7.75 39.60
C LYS D 144 28.80 7.86 40.38
N ASN D 145 29.41 6.72 40.70
CA ASN D 145 30.68 6.74 41.42
C ASN D 145 31.71 7.56 40.65
N GLU D 146 31.75 7.37 39.32
CA GLU D 146 32.68 8.14 38.51
C GLU D 146 32.39 9.63 38.64
N GLN D 147 31.11 10.00 38.57
CA GLN D 147 30.74 11.40 38.70
C GLN D 147 31.08 11.92 40.10
N ASP D 148 31.11 11.03 41.09
CA ASP D 148 31.58 11.42 42.42
C ASP D 148 33.09 11.58 42.44
N LEU D 149 33.81 10.67 41.78
CA LEU D 149 35.27 10.69 41.85
C LEU D 149 35.87 11.73 40.92
N LEU D 150 35.25 11.96 39.78
CA LEU D 150 35.79 12.88 38.78
C LEU D 150 35.07 14.22 38.83
N ASN E 1 34.15 26.51 40.71
CA ASN E 1 34.02 26.28 39.28
C ASN E 1 32.74 25.52 38.95
N LEU E 2 32.33 25.57 37.69
CA LEU E 2 31.14 24.86 37.25
C LEU E 2 31.21 24.67 35.74
N TRP E 3 30.66 23.55 35.27
CA TRP E 3 30.78 23.12 33.89
C TRP E 3 29.47 22.47 33.49
N VAL E 4 29.31 22.19 32.20
CA VAL E 4 28.11 21.51 31.74
C VAL E 4 28.25 20.00 31.96
N THR E 5 27.11 19.32 32.03
CA THR E 5 27.08 17.87 32.14
C THR E 5 25.79 17.37 31.50
N VAL E 6 25.91 16.39 30.61
CA VAL E 6 24.79 15.88 29.84
C VAL E 6 24.29 14.59 30.49
N TYR E 7 22.98 14.51 30.69
CA TYR E 7 22.33 13.35 31.27
C TYR E 7 21.37 12.77 30.24
N TYR E 8 21.44 11.46 30.05
CA TYR E 8 20.58 10.75 29.11
C TYR E 8 19.54 9.95 29.91
N GLY E 9 18.28 10.11 29.54
CA GLY E 9 17.20 9.46 30.24
C GLY E 9 16.48 10.29 31.27
N VAL E 10 16.66 11.61 31.26
CA VAL E 10 15.98 12.47 32.23
C VAL E 10 14.49 12.46 31.95
N PRO E 11 13.65 12.52 32.98
CA PRO E 11 12.18 12.52 32.77
C PRO E 11 11.65 13.89 32.36
N VAL E 12 11.82 14.21 31.07
CA VAL E 12 11.38 15.47 30.50
C VAL E 12 10.57 15.15 29.25
N TRP E 13 9.40 15.79 29.13
CA TRP E 13 8.52 15.57 27.99
C TRP E 13 7.99 16.89 27.48
N LYS E 14 7.61 16.90 26.21
CA LYS E 14 6.93 18.02 25.59
C LYS E 14 5.72 17.51 24.82
N ASP E 15 4.62 18.26 24.86
CA ASP E 15 3.42 17.85 24.13
C ASP E 15 3.70 17.80 22.64
N ALA E 16 3.30 16.70 22.00
CA ALA E 16 3.60 16.49 20.59
C ALA E 16 2.52 15.60 19.97
N GLU E 17 2.72 15.28 18.69
CA GLU E 17 1.78 14.49 17.92
C GLU E 17 2.51 13.35 17.22
N THR E 18 1.92 12.17 17.24
CA THR E 18 2.53 11.00 16.63
C THR E 18 1.43 9.99 16.29
N THR E 19 1.84 8.88 15.69
CA THR E 19 0.92 7.80 15.35
C THR E 19 0.83 6.83 16.51
N LEU E 20 -0.39 6.61 17.00
CA LEU E 20 -0.65 5.69 18.09
C LEU E 20 -1.20 4.40 17.50
N PHE E 21 -0.49 3.29 17.70
CA PHE E 21 -0.94 2.04 17.12
C PHE E 21 -1.97 1.38 18.04
N CYS E 22 -2.51 0.25 17.59
CA CYS E 22 -3.59 -0.44 18.29
C CYS E 22 -3.08 -1.70 18.97
N ALA E 23 -3.61 -1.95 20.16
CA ALA E 23 -3.33 -3.16 20.91
C ALA E 23 -4.63 -3.67 21.51
N SER E 24 -4.82 -4.98 21.47
CA SER E 24 -6.05 -5.60 21.95
C SER E 24 -5.73 -6.88 22.70
N ASP E 25 -6.67 -7.31 23.52
CA ASP E 25 -6.50 -8.52 24.32
C ASP E 25 -7.24 -9.69 23.69
N HIS E 34 -15.21 -12.17 11.42
CA HIS E 34 -14.28 -11.07 11.59
C HIS E 34 -14.96 -9.84 12.17
N ASN E 35 -14.24 -8.73 12.20
CA ASN E 35 -14.74 -7.48 12.76
C ASN E 35 -14.43 -6.34 11.80
N VAL E 36 -15.29 -5.31 11.83
CA VAL E 36 -15.06 -4.14 10.99
C VAL E 36 -13.75 -3.46 11.38
N TRP E 37 -13.53 -3.27 12.68
CA TRP E 37 -12.26 -2.76 13.18
C TRP E 37 -11.29 -3.93 13.28
N ALA E 38 -10.12 -3.79 12.66
CA ALA E 38 -9.20 -4.91 12.56
C ALA E 38 -8.55 -5.19 13.90
N THR E 39 -9.33 -5.75 14.83
CA THR E 39 -8.80 -6.09 16.15
C THR E 39 -7.72 -7.16 16.05
N HIS E 40 -7.89 -8.12 15.14
CA HIS E 40 -6.90 -9.17 14.98
C HIS E 40 -5.56 -8.61 14.54
N ALA E 41 -5.58 -7.62 13.64
CA ALA E 41 -4.34 -7.00 13.18
C ALA E 41 -3.63 -6.23 14.28
N CYS E 42 -4.35 -5.83 15.33
CA CYS E 42 -3.72 -5.14 16.45
C CYS E 42 -2.77 -6.08 17.18
N VAL E 43 -1.71 -5.50 17.74
CA VAL E 43 -0.73 -6.27 18.49
C VAL E 43 -1.38 -6.74 19.78
N PRO E 44 -0.96 -7.88 20.35
CA PRO E 44 -1.52 -8.32 21.63
C PRO E 44 -1.01 -7.45 22.77
N THR E 45 -1.95 -6.88 23.53
CA THR E 45 -1.57 -6.07 24.68
C THR E 45 -1.04 -6.97 25.80
N ASP E 46 -0.25 -6.37 26.67
CA ASP E 46 0.30 -7.11 27.79
C ASP E 46 -0.82 -7.56 28.73
N PRO E 47 -0.78 -8.80 29.22
CA PRO E 47 -1.84 -9.25 30.13
C PRO E 47 -1.94 -8.42 31.39
N ASN E 48 -0.81 -7.90 31.90
CA ASN E 48 -0.80 -7.02 33.05
C ASN E 48 -0.37 -5.63 32.60
N PRO E 49 -1.29 -4.69 32.42
CA PRO E 49 -0.90 -3.34 31.98
C PRO E 49 0.00 -2.68 33.01
N GLN E 50 0.96 -1.91 32.52
CA GLN E 50 1.92 -1.22 33.36
C GLN E 50 1.63 0.28 33.33
N GLU E 51 1.53 0.88 34.52
CA GLU E 51 1.20 2.29 34.67
C GLU E 51 1.97 2.83 35.86
N ILE E 52 2.64 3.96 35.69
CA ILE E 52 3.47 4.54 36.73
C ILE E 52 2.80 5.81 37.24
N HIS E 53 2.47 5.83 38.53
CA HIS E 53 1.98 7.06 39.13
C HIS E 53 3.12 8.06 39.29
N LEU E 54 2.81 9.32 39.05
CA LEU E 54 3.79 10.40 39.12
C LEU E 54 3.46 11.31 40.29
N GLU E 55 4.47 11.66 41.07
CA GLU E 55 4.31 12.47 42.26
C GLU E 55 4.78 13.90 42.00
N ASN E 56 3.97 14.87 42.44
CA ASN E 56 4.32 16.28 42.36
C ASN E 56 4.58 16.72 40.90
N VAL E 57 3.56 16.52 40.07
CA VAL E 57 3.63 16.90 38.66
C VAL E 57 2.32 17.55 38.26
N THR E 58 2.40 18.64 37.51
CA THR E 58 1.22 19.35 37.02
C THR E 58 1.34 19.50 35.51
N GLU E 59 0.33 19.04 34.78
CA GLU E 59 0.29 19.13 33.34
C GLU E 59 -1.06 19.70 32.90
N GLU E 60 -1.04 20.51 31.86
CA GLU E 60 -2.24 21.20 31.38
C GLU E 60 -2.89 20.35 30.30
N PHE E 61 -4.01 19.71 30.64
CA PHE E 61 -4.76 18.90 29.69
C PHE E 61 -5.83 19.74 28.99
N ASN E 62 -6.21 19.29 27.80
CA ASN E 62 -7.26 19.95 27.03
C ASN E 62 -7.97 18.86 26.21
N MET E 63 -9.16 18.48 26.66
CA MET E 63 -9.93 17.46 25.93
C MET E 63 -10.31 17.94 24.54
N TRP E 64 -10.57 19.23 24.35
CA TRP E 64 -11.10 19.73 23.09
C TRP E 64 -10.02 20.01 22.05
N LYS E 65 -8.81 20.37 22.48
CA LYS E 65 -7.69 20.54 21.58
C LYS E 65 -6.85 19.28 21.45
N ASN E 66 -7.34 18.17 22.00
CA ASN E 66 -6.62 16.90 21.91
C ASN E 66 -6.48 16.45 20.46
N ASN E 67 -5.35 15.82 20.16
CA ASN E 67 -5.09 15.30 18.82
C ASN E 67 -5.44 13.83 18.70
N MET E 68 -5.40 13.08 19.80
CA MET E 68 -5.70 11.66 19.75
C MET E 68 -7.12 11.40 19.27
N VAL E 69 -8.05 12.32 19.54
CA VAL E 69 -9.43 12.13 19.09
C VAL E 69 -9.52 12.22 17.57
N GLU E 70 -8.77 13.14 16.96
CA GLU E 70 -8.75 13.23 15.50
C GLU E 70 -8.16 11.98 14.88
N GLN E 71 -7.07 11.46 15.48
CA GLN E 71 -6.49 10.22 14.98
C GLN E 71 -7.47 9.06 15.11
N MET E 72 -8.20 8.99 16.22
CA MET E 72 -9.20 7.94 16.36
C MET E 72 -10.31 8.07 15.33
N HIS E 73 -10.76 9.29 15.06
CA HIS E 73 -11.79 9.50 14.05
C HIS E 73 -11.31 9.03 12.68
N THR E 74 -10.09 9.43 12.32
CA THR E 74 -9.53 9.01 11.03
C THR E 74 -9.37 7.49 10.97
N ASP E 75 -8.93 6.88 12.07
CA ASP E 75 -8.73 5.43 12.10
C ASP E 75 -10.05 4.70 11.94
N ILE E 76 -11.10 5.16 12.63
CA ILE E 76 -12.40 4.50 12.51
C ILE E 76 -12.95 4.63 11.10
N ILE E 77 -12.82 5.82 10.51
CA ILE E 77 -13.30 6.00 9.13
C ILE E 77 -12.53 5.09 8.18
N SER E 78 -11.21 5.00 8.35
CA SER E 78 -10.39 4.16 7.48
C SER E 78 -10.76 2.69 7.64
N LEU E 79 -10.98 2.26 8.89
CA LEU E 79 -11.37 0.86 9.11
C LEU E 79 -12.72 0.55 8.49
N TRP E 80 -13.67 1.48 8.61
CA TRP E 80 -14.97 1.30 7.98
C TRP E 80 -14.82 1.16 6.46
N ASP E 81 -14.04 2.05 5.86
CA ASP E 81 -13.85 2.00 4.40
C ASP E 81 -13.16 0.72 3.97
N GLN E 82 -12.15 0.28 4.73
CA GLN E 82 -11.43 -0.94 4.37
C GLN E 82 -12.31 -2.16 4.52
N SER E 83 -13.17 -2.19 5.54
CA SER E 83 -14.08 -3.32 5.71
C SER E 83 -15.21 -3.31 4.70
N LEU E 84 -15.55 -2.16 4.14
CA LEU E 84 -16.61 -2.07 3.13
C LEU E 84 -16.08 -2.12 1.70
N LYS E 85 -14.77 -2.28 1.51
CA LYS E 85 -14.20 -2.23 0.17
C LYS E 85 -14.38 -3.54 -0.60
N PRO E 86 -13.97 -4.73 -0.06
CA PRO E 86 -13.95 -5.96 -0.87
C PRO E 86 -15.29 -6.70 -0.88
N CYS E 87 -16.39 -5.96 -0.84
CA CYS E 87 -17.71 -6.59 -0.81
C CYS E 87 -18.66 -5.88 -1.76
N VAL E 88 -19.85 -6.45 -1.85
CA VAL E 88 -20.73 -6.35 -3.02
C VAL E 88 -21.17 -4.91 -3.23
N LYS E 89 -20.90 -4.39 -4.43
CA LYS E 89 -21.45 -3.12 -4.88
C LYS E 89 -22.88 -3.31 -5.36
N LEU E 90 -23.80 -2.49 -4.86
CA LEU E 90 -25.22 -2.63 -5.18
C LEU E 90 -25.68 -1.66 -6.26
N THR E 91 -24.83 -1.32 -7.21
CA THR E 91 -25.25 -0.48 -8.33
C THR E 91 -26.40 -1.06 -9.14
N PRO E 92 -26.49 -2.38 -9.43
CA PRO E 92 -27.64 -2.87 -10.19
C PRO E 92 -28.97 -2.67 -9.48
N LEU E 93 -28.97 -2.44 -8.17
CA LEU E 93 -30.22 -2.33 -7.43
C LEU E 93 -30.91 -1.00 -7.66
N CYS E 94 -30.18 0.04 -8.07
CA CYS E 94 -30.77 1.36 -8.29
C CYS E 94 -31.66 1.29 -9.54
N VAL E 95 -32.81 0.67 -9.37
CA VAL E 95 -33.76 0.43 -10.46
C VAL E 95 -35.15 0.82 -9.96
N THR E 96 -36.04 1.10 -10.90
CA THR E 96 -37.40 1.51 -10.56
C THR E 96 -38.15 0.38 -9.86
N LEU E 97 -38.44 0.57 -8.58
CA LEU E 97 -39.17 -0.42 -7.81
C LEU E 97 -40.67 -0.14 -7.89
N GLN E 98 -41.46 -1.21 -8.00
CA GLN E 98 -42.92 -1.11 -7.94
C GLN E 98 -43.34 -1.58 -6.56
N CYS E 99 -43.69 -0.63 -5.70
CA CYS E 99 -43.92 -0.89 -4.28
C CYS E 99 -45.39 -0.72 -3.93
N THR E 100 -45.81 -1.52 -2.95
CA THR E 100 -47.09 -1.41 -2.28
C THR E 100 -46.84 -1.18 -0.78
N ASN E 101 -47.91 -1.21 0.00
CA ASN E 101 -47.83 -1.14 1.45
C ASN E 101 -48.07 -2.53 2.02
N VAL E 102 -47.21 -2.96 2.93
CA VAL E 102 -47.42 -4.21 3.63
C VAL E 102 -48.50 -4.00 4.69
N THR E 103 -49.49 -4.88 4.72
CA THR E 103 -50.61 -4.73 5.62
C THR E 103 -50.95 -5.99 6.40
N ASN E 104 -50.23 -7.09 6.19
CA ASN E 104 -50.53 -8.32 6.91
C ASN E 104 -49.91 -8.23 8.31
N ASN E 105 -50.75 -8.38 9.34
CA ASN E 105 -50.33 -8.44 10.73
C ASN E 105 -49.43 -7.25 11.10
N ILE E 106 -49.95 -6.04 10.90
CA ILE E 106 -49.24 -4.83 11.26
C ILE E 106 -50.05 -4.07 12.31
N THR E 107 -49.37 -3.57 13.32
CA THR E 107 -50.02 -2.79 14.37
C THR E 107 -50.26 -1.36 13.89
N ASP E 108 -50.84 -0.55 14.78
CA ASP E 108 -51.13 0.84 14.42
C ASP E 108 -49.87 1.70 14.35
N ASP E 109 -48.77 1.25 14.98
CA ASP E 109 -47.54 2.03 15.00
C ASP E 109 -46.69 1.82 13.75
N MET E 110 -46.99 0.82 12.93
CA MET E 110 -46.21 0.58 11.73
C MET E 110 -47.10 0.56 10.50
N ARG E 111 -47.99 1.55 10.39
CA ARG E 111 -48.89 1.65 9.24
C ARG E 111 -48.14 2.28 8.08
N GLY E 112 -47.67 1.44 7.16
CA GLY E 112 -46.98 1.93 5.99
C GLY E 112 -45.50 2.16 6.15
N GLU E 113 -44.91 1.76 7.28
CA GLU E 113 -43.48 1.95 7.48
C GLU E 113 -42.65 1.00 6.65
N LEU E 114 -43.19 -0.16 6.30
CA LEU E 114 -42.52 -1.13 5.45
C LEU E 114 -43.22 -1.21 4.10
N LYS E 115 -42.44 -1.35 3.04
CA LYS E 115 -42.95 -1.39 1.67
C LYS E 115 -42.54 -2.70 1.03
N ASN E 116 -43.49 -3.36 0.38
CA ASN E 116 -43.25 -4.58 -0.37
C ASN E 116 -42.93 -4.21 -1.81
N CYS E 117 -41.64 -4.13 -2.14
CA CYS E 117 -41.19 -3.63 -3.42
C CYS E 117 -40.76 -4.79 -4.31
N SER E 118 -41.34 -4.88 -5.50
CA SER E 118 -40.97 -5.87 -6.49
C SER E 118 -40.32 -5.18 -7.68
N PHE E 119 -39.22 -5.75 -8.17
CA PHE E 119 -38.42 -5.09 -9.19
C PHE E 119 -37.69 -6.11 -10.03
N ASN E 120 -37.27 -5.67 -11.21
CA ASN E 120 -36.45 -6.48 -12.10
C ASN E 120 -34.98 -6.28 -11.76
N MET E 121 -34.26 -7.37 -11.53
CA MET E 121 -32.84 -7.33 -11.21
C MET E 121 -32.10 -8.30 -12.12
N THR E 122 -30.89 -7.92 -12.50
CA THR E 122 -30.07 -8.79 -13.34
C THR E 122 -29.73 -10.08 -12.59
N THR E 123 -29.75 -11.18 -13.31
CA THR E 123 -29.40 -12.48 -12.76
C THR E 123 -27.93 -12.78 -13.07
N GLU E 124 -27.49 -13.99 -12.74
CA GLU E 124 -26.09 -14.35 -13.00
C GLU E 124 -25.79 -14.34 -14.50
N LEU E 125 -26.80 -14.54 -15.34
CA LEU E 125 -26.65 -14.42 -16.78
C LEU E 125 -26.90 -12.98 -17.19
N ARG E 126 -26.08 -12.48 -18.12
CA ARG E 126 -26.14 -11.07 -18.49
C ARG E 126 -27.41 -10.72 -19.25
N ASP E 127 -27.92 -11.64 -20.06
CA ASP E 127 -29.05 -11.35 -20.94
C ASP E 127 -30.40 -11.71 -20.33
N LYS E 128 -30.43 -12.25 -19.12
CA LYS E 128 -31.68 -12.65 -18.48
C LYS E 128 -31.97 -11.74 -17.29
N LYS E 129 -33.25 -11.46 -17.07
CA LYS E 129 -33.70 -10.64 -15.96
C LYS E 129 -34.28 -11.52 -14.86
N GLN E 130 -34.80 -10.87 -13.82
CA GLN E 130 -35.31 -11.59 -12.65
C GLN E 130 -36.25 -10.67 -11.89
N LYS E 131 -37.52 -11.04 -11.83
CA LYS E 131 -38.51 -10.26 -11.08
C LYS E 131 -38.55 -10.77 -9.65
N VAL E 132 -38.01 -9.99 -8.72
CA VAL E 132 -37.88 -10.41 -7.34
C VAL E 132 -38.42 -9.32 -6.43
N TYR E 133 -38.97 -9.74 -5.29
CA TYR E 133 -39.56 -8.83 -4.32
C TYR E 133 -38.67 -8.76 -3.07
N SER E 134 -38.91 -7.72 -2.29
CA SER E 134 -38.18 -7.49 -1.04
C SER E 134 -38.99 -6.53 -0.17
N LEU E 135 -38.54 -6.35 1.06
CA LEU E 135 -39.17 -5.45 2.00
C LEU E 135 -38.21 -4.32 2.35
N PHE E 136 -38.59 -3.09 2.03
CA PHE E 136 -37.76 -1.92 2.27
C PHE E 136 -38.46 -0.99 3.24
N TYR E 137 -37.72 -0.50 4.23
CA TYR E 137 -38.31 0.46 5.17
C TYR E 137 -38.64 1.75 4.45
N ARG E 138 -39.65 2.46 4.98
CA ARG E 138 -40.14 3.67 4.32
C ARG E 138 -39.05 4.73 4.21
N LEU E 139 -38.07 4.70 5.12
CA LEU E 139 -37.00 5.68 5.08
C LEU E 139 -35.98 5.41 3.99
N ASP E 140 -35.96 4.21 3.42
CA ASP E 140 -34.99 3.82 2.41
C ASP E 140 -35.55 3.92 0.99
N VAL E 141 -36.78 4.36 0.82
CA VAL E 141 -37.40 4.48 -0.50
C VAL E 141 -38.07 5.84 -0.61
N VAL E 142 -37.93 6.47 -1.77
CA VAL E 142 -38.55 7.74 -2.08
C VAL E 142 -39.39 7.55 -3.34
N GLN E 143 -40.58 8.15 -3.35
CA GLN E 143 -41.48 8.02 -4.47
C GLN E 143 -40.97 8.80 -5.67
N ILE E 144 -41.34 8.34 -6.86
CA ILE E 144 -40.97 8.99 -8.11
C ILE E 144 -42.23 9.55 -8.76
N ASN E 145 -42.21 10.84 -9.05
CA ASN E 145 -43.36 11.49 -9.66
C ASN E 145 -42.99 12.10 -11.01
N ASN E 156 -50.06 -0.16 -7.07
CA ASN E 156 -48.68 0.05 -6.64
C ASN E 156 -48.10 1.31 -7.25
N LYS E 157 -47.16 1.94 -6.55
CA LYS E 157 -46.51 3.15 -7.02
C LYS E 157 -45.05 2.84 -7.35
N GLU E 158 -44.36 3.84 -7.90
CA GLU E 158 -42.97 3.70 -8.29
C GLU E 158 -42.09 4.39 -7.26
N TYR E 159 -41.16 3.64 -6.68
CA TYR E 159 -40.21 4.13 -5.70
C TYR E 159 -38.79 3.83 -6.16
N ARG E 160 -37.83 4.46 -5.51
CA ARG E 160 -36.42 4.16 -5.72
C ARG E 160 -35.69 4.35 -4.42
N LEU E 161 -34.55 3.66 -4.27
CA LEU E 161 -33.78 3.78 -3.06
C LEU E 161 -33.36 5.23 -2.84
N ILE E 162 -33.35 5.65 -1.57
CA ILE E 162 -33.13 7.05 -1.26
C ILE E 162 -31.76 7.51 -1.75
N ASN E 163 -30.76 6.65 -1.63
CA ASN E 163 -29.40 6.99 -2.05
C ASN E 163 -29.09 6.40 -3.41
N CYS E 164 -29.85 6.83 -4.41
CA CYS E 164 -29.59 6.47 -5.80
C CYS E 164 -29.27 7.65 -6.68
N ASN E 165 -29.53 8.87 -6.21
CA ASN E 165 -29.19 10.09 -6.95
C ASN E 165 -28.10 10.90 -6.27
N THR E 166 -27.53 10.40 -5.18
CA THR E 166 -26.48 11.10 -4.46
C THR E 166 -25.22 10.26 -4.28
N SER E 167 -25.35 8.95 -4.09
CA SER E 167 -24.21 8.11 -3.78
C SER E 167 -24.45 6.70 -4.31
N ALA E 168 -23.37 5.94 -4.39
CA ALA E 168 -23.41 4.54 -4.81
C ALA E 168 -23.44 3.65 -3.58
N ILE E 169 -24.38 2.71 -3.55
CA ILE E 169 -24.60 1.88 -2.39
C ILE E 169 -23.69 0.66 -2.45
N THR E 170 -22.97 0.40 -1.35
CA THR E 170 -22.15 -0.79 -1.19
C THR E 170 -22.74 -1.61 -0.06
N GLN E 171 -23.10 -2.86 -0.34
CA GLN E 171 -23.81 -3.68 0.63
C GLN E 171 -22.91 -3.99 1.83
N ALA E 172 -23.43 -3.78 3.04
CA ALA E 172 -22.65 -4.12 4.22
C ALA E 172 -22.39 -5.62 4.24
N CYS E 173 -21.14 -5.98 4.50
CA CYS E 173 -20.65 -7.27 4.06
C CYS E 173 -20.97 -8.34 5.10
N PRO E 174 -21.68 -9.41 4.72
CA PRO E 174 -22.45 -10.19 5.73
C PRO E 174 -21.62 -10.87 6.80
N LYS E 175 -20.36 -11.23 6.55
CA LYS E 175 -19.58 -11.96 7.53
C LYS E 175 -18.92 -11.06 8.57
N VAL E 176 -18.90 -9.75 8.37
CA VAL E 176 -18.27 -8.84 9.33
C VAL E 176 -19.27 -8.50 10.43
N SER E 177 -18.75 -8.13 11.59
CA SER E 177 -19.55 -7.81 12.76
C SER E 177 -19.30 -6.36 13.17
N PHE E 178 -20.37 -5.67 13.58
CA PHE E 178 -20.29 -4.27 13.96
C PHE E 178 -20.13 -4.07 15.46
N GLU E 179 -19.99 -5.16 16.23
CA GLU E 179 -19.87 -5.02 17.68
C GLU E 179 -18.57 -4.30 18.02
N PRO E 180 -18.60 -3.24 18.81
CA PRO E 180 -17.37 -2.51 19.12
C PRO E 180 -16.45 -3.28 20.05
N ILE E 181 -15.36 -3.82 19.50
CA ILE E 181 -14.35 -4.48 20.32
C ILE E 181 -13.39 -3.43 20.87
N PRO E 182 -13.15 -3.40 22.17
CA PRO E 182 -12.29 -2.36 22.74
C PRO E 182 -10.90 -2.38 22.12
N ILE E 183 -10.35 -1.19 21.89
CA ILE E 183 -9.03 -1.04 21.31
C ILE E 183 -8.21 -0.11 22.21
N HIS E 184 -6.94 -0.44 22.37
CA HIS E 184 -6.03 0.34 23.20
C HIS E 184 -5.09 1.10 22.29
N TYR E 185 -5.04 2.42 22.47
CA TYR E 185 -4.16 3.27 21.67
C TYR E 185 -2.82 3.41 22.37
N CYS E 186 -1.81 2.71 21.85
CA CYS E 186 -0.49 2.70 22.44
C CYS E 186 0.45 3.59 21.65
N ALA E 187 1.12 4.50 22.34
CA ALA E 187 2.10 5.37 21.73
C ALA E 187 3.39 4.59 21.44
N PRO E 188 4.14 4.99 20.41
CA PRO E 188 5.38 4.29 20.09
C PRO E 188 6.45 4.56 21.13
N ALA E 189 7.54 3.79 21.04
CA ALA E 189 8.66 4.00 21.94
C ALA E 189 9.25 5.38 21.75
N GLY E 190 9.69 5.98 22.85
CA GLY E 190 10.07 7.38 22.85
C GLY E 190 8.95 8.34 23.12
N PHE E 191 7.72 7.84 23.23
CA PHE E 191 6.55 8.65 23.56
C PHE E 191 5.84 8.01 24.74
N ALA E 192 5.07 8.83 25.46
CA ALA E 192 4.30 8.35 26.60
C ALA E 192 2.91 8.98 26.54
N ILE E 193 1.99 8.46 27.35
CA ILE E 193 0.65 9.00 27.44
C ILE E 193 0.38 9.35 28.90
N LEU E 194 0.19 10.64 29.17
CA LEU E 194 -0.18 11.10 30.49
C LEU E 194 -1.69 11.00 30.65
N LYS E 195 -2.12 10.29 31.69
CA LYS E 195 -3.52 10.14 32.03
C LYS E 195 -3.80 11.00 33.26
N CYS E 196 -4.84 11.82 33.19
CA CYS E 196 -5.23 12.69 34.28
C CYS E 196 -6.14 11.91 35.22
N LYS E 197 -5.61 11.49 36.36
CA LYS E 197 -6.38 10.71 37.32
C LYS E 197 -7.23 11.56 38.25
N ASP E 198 -7.16 12.88 38.11
CA ASP E 198 -7.98 13.75 38.94
C ASP E 198 -9.46 13.51 38.65
N LYS E 199 -10.21 13.13 39.68
CA LYS E 199 -11.61 12.77 39.50
C LYS E 199 -12.53 13.99 39.43
N LYS E 200 -12.00 15.19 39.64
CA LYS E 200 -12.76 16.43 39.48
C LYS E 200 -12.26 17.24 38.29
N PHE E 201 -11.69 16.56 37.30
CA PHE E 201 -11.13 17.22 36.12
C PHE E 201 -12.26 17.54 35.16
N ASN E 202 -12.54 18.83 34.96
CA ASN E 202 -13.66 19.23 34.11
C ASN E 202 -13.35 19.12 32.62
N GLY E 203 -12.07 19.03 32.25
CA GLY E 203 -11.74 18.77 30.86
C GLY E 203 -10.74 19.72 30.23
N THR E 204 -10.51 20.88 30.86
CA THR E 204 -9.64 21.90 30.28
C THR E 204 -8.93 22.62 31.42
N GLY E 205 -7.64 22.32 31.61
CA GLY E 205 -6.87 23.00 32.62
C GLY E 205 -5.78 22.14 33.22
N PRO E 206 -5.15 22.62 34.28
CA PRO E 206 -4.12 21.82 34.97
C PRO E 206 -4.74 20.61 35.66
N CYS E 207 -3.96 19.54 35.72
CA CYS E 207 -4.37 18.30 36.39
C CYS E 207 -3.32 17.93 37.42
N PRO E 208 -3.59 18.14 38.71
CA PRO E 208 -2.59 17.81 39.74
C PRO E 208 -2.14 16.36 39.74
N SER E 209 -3.01 15.42 39.41
CA SER E 209 -2.71 14.00 39.49
C SER E 209 -2.53 13.45 38.07
N VAL E 210 -1.26 13.30 37.66
CA VAL E 210 -0.91 12.80 36.35
C VAL E 210 -0.20 11.47 36.50
N SER E 211 -0.54 10.50 35.65
CA SER E 211 0.06 9.18 35.70
C SER E 211 0.50 8.77 34.30
N THR E 212 1.74 8.30 34.17
CA THR E 212 2.26 7.92 32.86
C THR E 212 1.86 6.49 32.53
N VAL E 213 1.48 6.28 31.26
CA VAL E 213 1.06 4.97 30.76
C VAL E 213 1.54 4.85 29.32
N GLN E 214 1.47 3.64 28.79
CA GLN E 214 1.82 3.35 27.41
C GLN E 214 0.61 3.10 26.52
N CYS E 215 -0.50 2.62 27.07
CA CYS E 215 -1.68 2.28 26.30
C CYS E 215 -2.93 2.83 26.97
N THR E 216 -3.98 2.97 26.18
CA THR E 216 -5.27 3.46 26.66
C THR E 216 -6.09 2.31 27.25
N HIS E 217 -7.18 2.67 27.92
CA HIS E 217 -7.99 1.71 28.66
C HIS E 217 -9.06 1.05 27.81
N GLY E 218 -8.66 0.51 26.66
CA GLY E 218 -9.57 -0.24 25.81
C GLY E 218 -10.82 0.51 25.41
N ILE E 219 -10.66 1.55 24.58
CA ILE E 219 -11.79 2.37 24.19
C ILE E 219 -12.65 1.62 23.20
N LYS E 220 -13.96 1.55 23.47
CA LYS E 220 -14.90 0.91 22.56
C LYS E 220 -15.32 1.91 21.49
N PRO E 221 -15.14 1.59 20.21
CA PRO E 221 -15.61 2.51 19.16
C PRO E 221 -17.12 2.48 19.02
N VAL E 222 -17.84 2.87 20.06
CA VAL E 222 -19.29 2.85 20.05
C VAL E 222 -19.79 4.01 19.19
N VAL E 223 -20.73 3.73 18.29
CA VAL E 223 -21.31 4.73 17.41
C VAL E 223 -22.69 5.09 17.96
N SER E 224 -22.84 6.35 18.35
CA SER E 224 -24.12 6.87 18.82
C SER E 224 -24.07 8.38 18.69
N THR E 225 -25.25 9.00 18.72
CA THR E 225 -25.36 10.44 18.50
C THR E 225 -25.84 11.19 19.74
N GLN E 226 -26.99 10.83 20.30
CA GLN E 226 -27.54 11.59 21.42
C GLN E 226 -27.19 11.00 22.77
N LEU E 227 -27.01 9.68 22.86
CA LEU E 227 -26.74 9.01 24.12
C LEU E 227 -25.46 8.20 23.97
N LEU E 228 -24.47 8.49 24.79
CA LEU E 228 -23.23 7.73 24.75
C LEU E 228 -23.44 6.36 25.37
N LEU E 229 -23.28 5.32 24.56
CA LEU E 229 -23.60 3.95 24.97
C LEU E 229 -22.32 3.18 25.27
N ASN E 230 -22.38 2.34 26.29
CA ASN E 230 -21.30 1.42 26.64
C ASN E 230 -19.97 2.15 26.85
N GLY E 231 -20.04 3.34 27.43
CA GLY E 231 -18.88 4.17 27.66
C GLY E 231 -18.26 3.97 29.03
N SER E 232 -17.19 4.74 29.26
CA SER E 232 -16.50 4.72 30.54
C SER E 232 -17.11 5.76 31.46
N LEU E 233 -17.49 5.35 32.66
CA LEU E 233 -18.20 6.21 33.59
C LEU E 233 -17.23 6.98 34.46
N ALA E 234 -17.72 8.07 35.05
CA ALA E 234 -16.96 8.82 36.03
C ALA E 234 -16.88 8.04 37.34
N GLU E 235 -16.19 8.61 38.31
CA GLU E 235 -16.01 7.96 39.61
C GLU E 235 -16.67 8.71 40.74
N GLU E 236 -16.41 10.01 40.87
CA GLU E 236 -16.89 10.74 42.04
C GLU E 236 -18.33 11.21 41.87
N GLU E 237 -18.61 12.09 40.91
CA GLU E 237 -19.98 12.44 40.57
C GLU E 237 -20.13 12.54 39.06
N VAL E 238 -21.32 12.94 38.62
CA VAL E 238 -21.59 13.19 37.21
C VAL E 238 -20.83 14.44 36.78
N MET E 239 -20.11 14.33 35.66
CA MET E 239 -19.24 15.41 35.22
C MET E 239 -19.82 16.11 33.99
N ILE E 240 -19.72 17.44 34.00
CA ILE E 240 -20.17 18.28 32.89
C ILE E 240 -18.94 18.91 32.26
N ARG E 241 -18.69 18.58 31.00
CA ARG E 241 -17.50 19.03 30.29
C ARG E 241 -17.91 19.87 29.09
N SER E 242 -17.24 21.00 28.91
CA SER E 242 -17.49 21.85 27.75
C SER E 242 -16.31 22.80 27.59
N GLU E 243 -15.94 23.07 26.33
CA GLU E 243 -14.86 24.01 26.09
C GLU E 243 -15.24 25.41 26.54
N ASN E 244 -16.50 25.79 26.31
CA ASN E 244 -17.01 27.08 26.78
C ASN E 244 -18.48 26.86 27.13
N ILE E 245 -18.77 26.67 28.42
CA ILE E 245 -20.15 26.50 28.85
C ILE E 245 -20.99 27.73 28.55
N THR E 246 -20.36 28.89 28.43
CA THR E 246 -21.09 30.09 28.04
C THR E 246 -21.44 30.06 26.56
N ASN E 247 -20.52 29.58 25.72
CA ASN E 247 -20.78 29.48 24.29
C ASN E 247 -21.91 28.48 24.04
N ASN E 248 -22.73 28.79 23.04
CA ASN E 248 -23.84 27.92 22.67
C ASN E 248 -23.54 27.06 21.44
N ALA E 249 -22.40 27.25 20.79
CA ALA E 249 -21.99 26.42 19.67
C ALA E 249 -21.12 25.24 20.08
N LYS E 250 -20.92 25.04 21.39
CA LYS E 250 -20.08 23.98 21.90
C LYS E 250 -20.95 22.93 22.56
N ASN E 251 -20.80 21.68 22.13
CA ASN E 251 -21.56 20.59 22.73
C ASN E 251 -21.11 20.37 24.17
N ILE E 252 -22.09 20.13 25.04
CA ILE E 252 -21.83 19.86 26.45
C ILE E 252 -21.84 18.35 26.64
N LEU E 253 -20.68 17.78 26.93
CA LEU E 253 -20.61 16.36 27.23
C LEU E 253 -20.97 16.13 28.69
N VAL E 254 -21.83 15.14 28.94
CA VAL E 254 -22.24 14.79 30.29
C VAL E 254 -21.85 13.34 30.52
N GLN E 255 -21.08 13.10 31.58
CA GLN E 255 -20.62 11.76 31.93
C GLN E 255 -21.29 11.33 33.23
N PHE E 256 -21.96 10.18 33.19
CA PHE E 256 -22.69 9.68 34.34
C PHE E 256 -21.76 8.91 35.28
N ASN E 257 -22.04 9.01 36.57
CA ASN E 257 -21.31 8.20 37.55
C ASN E 257 -21.93 6.82 37.71
N THR E 258 -23.24 6.70 37.51
CA THR E 258 -23.94 5.43 37.54
C THR E 258 -24.66 5.20 36.21
N PRO E 259 -24.56 3.99 35.65
CA PRO E 259 -25.13 3.76 34.31
C PRO E 259 -26.64 3.60 34.36
N VAL E 260 -27.27 4.03 33.28
CA VAL E 260 -28.70 3.89 33.09
C VAL E 260 -28.91 2.81 32.05
N GLN E 261 -29.49 1.68 32.47
CA GLN E 261 -29.66 0.57 31.54
C GLN E 261 -30.80 0.85 30.57
N ILE E 262 -30.57 0.48 29.32
CA ILE E 262 -31.57 0.61 28.26
C ILE E 262 -31.59 -0.70 27.48
N ASN E 263 -32.76 -1.31 27.37
CA ASN E 263 -32.94 -2.45 26.49
C ASN E 263 -33.66 -2.09 25.20
N CYS E 264 -33.08 -2.54 24.10
CA CYS E 264 -33.45 -2.18 22.75
C CYS E 264 -34.00 -3.43 22.07
N THR E 265 -35.00 -3.27 21.21
CA THR E 265 -35.54 -4.47 20.59
C THR E 265 -36.11 -4.15 19.22
N ARG E 266 -36.01 -5.15 18.34
CA ARG E 266 -36.65 -5.16 17.02
C ARG E 266 -37.54 -6.39 16.99
N PRO E 267 -38.81 -6.27 17.41
CA PRO E 267 -39.64 -7.46 17.59
C PRO E 267 -39.88 -8.26 16.32
N ASN E 268 -39.71 -7.66 15.14
CA ASN E 268 -39.96 -8.38 13.90
C ASN E 268 -39.00 -9.55 13.76
N ASN E 269 -39.51 -10.66 13.24
CA ASN E 269 -38.71 -11.85 12.97
C ASN E 269 -38.40 -11.87 11.47
N ASN E 270 -37.38 -11.10 11.10
CA ASN E 270 -37.02 -10.96 9.70
C ASN E 270 -36.39 -12.24 9.17
N THR E 271 -36.53 -12.45 7.86
CA THR E 271 -35.91 -13.55 7.16
C THR E 271 -35.06 -12.99 6.02
N ARG E 272 -33.80 -13.41 5.96
CA ARG E 272 -32.87 -12.96 4.93
C ARG E 272 -32.99 -13.85 3.71
N LYS E 273 -33.13 -13.23 2.55
CA LYS E 273 -33.25 -13.96 1.29
C LYS E 273 -32.13 -13.54 0.35
N SER E 274 -31.39 -14.51 -0.16
CA SER E 274 -30.29 -14.22 -1.07
C SER E 274 -30.78 -14.15 -2.51
N ILE E 275 -30.29 -13.15 -3.23
CA ILE E 275 -30.63 -12.94 -4.64
C ILE E 275 -29.34 -12.89 -5.43
N ARG E 276 -29.27 -13.65 -6.50
CA ARG E 276 -28.08 -13.66 -7.36
C ARG E 276 -28.18 -12.52 -8.34
N ILE E 277 -27.45 -11.43 -8.08
CA ILE E 277 -27.46 -10.26 -8.94
C ILE E 277 -26.27 -10.23 -9.89
N GLY E 278 -25.47 -11.29 -9.91
CA GLY E 278 -24.34 -11.38 -10.80
C GLY E 278 -23.47 -12.58 -10.47
N PRO E 279 -22.37 -12.74 -11.19
CA PRO E 279 -21.45 -13.85 -10.89
C PRO E 279 -20.80 -13.69 -9.52
N GLY E 280 -21.16 -14.57 -8.59
CA GLY E 280 -20.61 -14.51 -7.25
C GLY E 280 -21.28 -13.49 -6.36
N GLN E 281 -21.56 -12.31 -6.90
CA GLN E 281 -22.20 -11.25 -6.14
C GLN E 281 -23.61 -11.66 -5.73
N ALA E 282 -23.94 -11.45 -4.45
CA ALA E 282 -25.25 -11.77 -3.92
C ALA E 282 -25.77 -10.61 -3.11
N PHE E 283 -27.07 -10.34 -3.25
CA PHE E 283 -27.74 -9.26 -2.53
C PHE E 283 -28.72 -9.87 -1.54
N TYR E 284 -28.60 -9.47 -0.28
CA TYR E 284 -29.42 -10.02 0.80
C TYR E 284 -30.59 -9.09 1.06
N ALA E 285 -31.78 -9.52 0.67
CA ALA E 285 -33.00 -8.75 0.83
C ALA E 285 -33.80 -9.27 2.02
N THR E 286 -34.80 -8.48 2.42
CA THR E 286 -35.67 -8.83 3.52
C THR E 286 -36.86 -9.62 2.97
N GLY E 287 -36.94 -10.90 3.33
CA GLY E 287 -38.07 -11.70 2.96
C GLY E 287 -39.29 -11.36 3.80
N ASP E 288 -40.36 -12.12 3.56
CA ASP E 288 -41.58 -11.92 4.33
C ASP E 288 -41.31 -12.15 5.81
N ILE E 289 -41.77 -11.22 6.64
CA ILE E 289 -41.58 -11.32 8.08
C ILE E 289 -42.56 -12.34 8.63
N ILE E 290 -42.05 -13.37 9.28
CA ILE E 290 -42.88 -14.41 9.86
C ILE E 290 -43.36 -13.97 11.23
N GLY E 291 -44.66 -14.11 11.48
CA GLY E 291 -45.23 -13.70 12.75
C GLY E 291 -45.94 -12.36 12.68
N ASP E 292 -45.81 -11.57 13.74
CA ASP E 292 -46.47 -10.28 13.84
C ASP E 292 -45.45 -9.16 13.67
N ILE E 293 -45.84 -8.12 12.95
CA ILE E 293 -44.97 -6.98 12.69
C ILE E 293 -45.22 -5.92 13.75
N ARG E 294 -44.18 -5.59 14.52
CA ARG E 294 -44.29 -4.62 15.60
C ARG E 294 -43.13 -3.64 15.53
N GLN E 295 -43.38 -2.42 16.01
CA GLN E 295 -42.38 -1.37 15.94
C GLN E 295 -41.21 -1.64 16.87
N ALA E 296 -40.00 -1.45 16.36
CA ALA E 296 -38.80 -1.54 17.19
C ALA E 296 -38.82 -0.42 18.22
N HIS E 297 -38.33 -0.72 19.43
CA HIS E 297 -38.49 0.26 20.50
C HIS E 297 -37.42 0.08 21.56
N CYS E 298 -37.28 1.11 22.39
CA CYS E 298 -36.33 1.16 23.49
C CYS E 298 -37.08 1.25 24.81
N ASN E 299 -36.50 0.67 25.86
CA ASN E 299 -37.00 0.80 27.21
C ASN E 299 -35.88 1.33 28.10
N VAL E 300 -36.18 2.40 28.83
CA VAL E 300 -35.29 2.96 29.83
C VAL E 300 -36.08 3.16 31.12
N SER E 301 -35.49 2.76 32.24
CA SER E 301 -36.19 2.86 33.52
C SER E 301 -36.56 4.31 33.82
N LYS E 302 -37.84 4.54 34.12
CA LYS E 302 -38.31 5.90 34.35
C LYS E 302 -37.71 6.48 35.61
N ALA E 303 -37.70 5.72 36.71
CA ALA E 303 -37.15 6.22 37.96
C ALA E 303 -35.65 6.46 37.83
N THR E 304 -34.93 5.53 37.20
CA THR E 304 -33.49 5.71 37.03
C THR E 304 -33.19 6.92 36.14
N TRP E 305 -33.95 7.09 35.06
CA TRP E 305 -33.73 8.23 34.18
C TRP E 305 -34.03 9.54 34.90
N ASN E 306 -35.10 9.59 35.69
CA ASN E 306 -35.42 10.81 36.43
C ASN E 306 -34.33 11.13 37.45
N GLU E 307 -33.83 10.11 38.15
CA GLU E 307 -32.75 10.33 39.11
C GLU E 307 -31.50 10.83 38.40
N THR E 308 -31.16 10.25 37.25
CA THR E 308 -29.98 10.68 36.51
C THR E 308 -30.13 12.11 36.02
N LEU E 309 -31.32 12.47 35.53
CA LEU E 309 -31.55 13.84 35.09
C LEU E 309 -31.45 14.81 36.25
N GLY E 310 -31.98 14.44 37.42
CA GLY E 310 -31.83 15.28 38.59
C GLY E 310 -30.37 15.47 38.99
N LYS E 311 -29.59 14.39 38.94
CA LYS E 311 -28.17 14.50 39.23
C LYS E 311 -27.46 15.39 38.23
N VAL E 312 -27.82 15.28 36.95
CA VAL E 312 -27.22 16.13 35.92
C VAL E 312 -27.55 17.60 36.18
N VAL E 313 -28.81 17.89 36.51
CA VAL E 313 -29.21 19.27 36.79
C VAL E 313 -28.47 19.80 38.01
N LYS E 314 -28.29 18.96 39.02
CA LYS E 314 -27.58 19.39 40.22
C LYS E 314 -26.16 19.82 39.90
N GLN E 315 -25.48 19.09 39.02
CA GLN E 315 -24.14 19.45 38.57
C GLN E 315 -24.15 20.43 37.41
N LEU E 316 -25.32 20.77 36.87
CA LEU E 316 -25.43 21.73 35.79
C LEU E 316 -25.74 23.14 36.28
N ARG E 317 -26.35 23.28 37.46
CA ARG E 317 -26.66 24.59 37.99
C ARG E 317 -25.42 25.33 38.46
N LYS E 318 -24.29 24.64 38.63
CA LYS E 318 -23.08 25.29 39.12
C LYS E 318 -22.58 26.36 38.17
N HIS E 319 -22.60 26.08 36.86
CA HIS E 319 -22.12 27.04 35.89
C HIS E 319 -23.11 28.16 35.62
N PHE E 320 -24.39 27.96 35.93
CA PHE E 320 -25.41 28.96 35.69
C PHE E 320 -26.00 29.54 36.97
N GLY E 321 -25.48 29.15 38.13
CA GLY E 321 -25.97 29.66 39.39
C GLY E 321 -27.23 28.96 39.85
N ASN E 322 -27.60 29.23 41.10
CA ASN E 322 -28.82 28.70 41.67
C ASN E 322 -30.03 29.50 41.16
N ASN E 323 -31.22 29.06 41.55
CA ASN E 323 -32.49 29.72 41.26
C ASN E 323 -32.80 29.77 39.77
N THR E 324 -32.03 29.08 38.94
CA THR E 324 -32.27 29.05 37.50
C THR E 324 -33.05 27.79 37.13
N ILE E 325 -33.84 27.89 36.07
CA ILE E 325 -34.70 26.80 35.62
C ILE E 325 -33.95 26.00 34.56
N ILE E 326 -33.88 24.69 34.74
CA ILE E 326 -33.19 23.82 33.81
C ILE E 326 -34.22 22.96 33.10
N ARG E 327 -34.35 23.14 31.78
CA ARG E 327 -35.35 22.45 31.00
C ARG E 327 -34.69 21.57 29.96
N PHE E 328 -35.15 20.34 29.84
CA PHE E 328 -34.71 19.41 28.81
C PHE E 328 -35.84 19.22 27.81
N ALA E 329 -35.59 19.62 26.56
CA ALA E 329 -36.53 19.44 25.46
C ALA E 329 -35.87 18.62 24.36
N ASN E 330 -36.67 18.10 23.44
CA ASN E 330 -36.16 17.22 22.41
C ASN E 330 -35.38 18.01 21.37
N SER E 331 -34.81 17.29 20.40
CA SER E 331 -33.94 17.91 19.41
C SER E 331 -34.72 18.93 18.58
N SER E 332 -34.06 20.03 18.23
CA SER E 332 -34.71 21.15 17.56
C SER E 332 -34.78 21.00 16.05
N GLY E 333 -34.07 20.05 15.47
CA GLY E 333 -34.13 19.84 14.04
C GLY E 333 -32.84 19.23 13.52
N GLY E 334 -32.84 18.97 12.22
CA GLY E 334 -31.71 18.38 11.53
C GLY E 334 -32.10 17.09 10.84
N ASP E 335 -31.08 16.34 10.45
CA ASP E 335 -31.29 15.04 9.82
C ASP E 335 -31.77 14.02 10.85
N LEU E 336 -32.01 12.79 10.39
CA LEU E 336 -32.43 11.74 11.30
C LEU E 336 -31.31 11.31 12.25
N GLU E 337 -30.06 11.66 11.95
CA GLU E 337 -28.97 11.29 12.82
C GLU E 337 -28.90 12.16 14.07
N VAL E 338 -29.33 13.42 13.99
CA VAL E 338 -29.19 14.35 15.10
C VAL E 338 -30.52 14.55 15.81
N THR E 339 -31.63 14.38 15.09
CA THR E 339 -32.94 14.54 15.71
C THR E 339 -33.29 13.38 16.61
N THR E 340 -32.77 12.18 16.30
CA THR E 340 -33.09 10.98 17.05
C THR E 340 -31.80 10.32 17.50
N HIS E 341 -31.88 9.61 18.63
CA HIS E 341 -30.75 8.84 19.12
C HIS E 341 -30.47 7.72 18.13
N SER E 342 -29.39 7.85 17.37
CA SER E 342 -29.04 6.89 16.35
C SER E 342 -27.90 6.01 16.84
N PHE E 343 -28.04 4.71 16.70
CA PHE E 343 -27.00 3.78 17.13
C PHE E 343 -27.08 2.53 16.27
N ASN E 344 -26.15 1.61 16.51
CA ASN E 344 -26.06 0.38 15.75
C ASN E 344 -25.78 -0.76 16.72
N CYS E 345 -26.63 -1.78 16.70
CA CYS E 345 -26.36 -2.97 17.49
C CYS E 345 -27.07 -4.15 16.85
N GLY E 346 -26.53 -5.34 17.08
CA GLY E 346 -27.08 -6.53 16.47
C GLY E 346 -26.96 -6.57 14.98
N GLY E 347 -26.16 -5.68 14.39
CA GLY E 347 -26.09 -5.54 12.95
C GLY E 347 -27.11 -4.59 12.37
N GLU E 348 -28.01 -4.03 13.17
CA GLU E 348 -29.04 -3.14 12.67
C GLU E 348 -28.89 -1.75 13.27
N PHE E 349 -29.28 -0.75 12.50
CA PHE E 349 -29.14 0.66 12.86
C PHE E 349 -30.50 1.20 13.28
N PHE E 350 -30.58 1.68 14.51
CA PHE E 350 -31.81 2.21 15.08
C PHE E 350 -31.73 3.73 15.16
N TYR E 351 -32.87 4.37 14.91
CA TYR E 351 -33.03 5.82 15.07
C TYR E 351 -34.23 6.01 15.98
N CYS E 352 -33.98 6.32 17.25
CA CYS E 352 -35.01 6.30 18.28
C CYS E 352 -35.41 7.71 18.65
N ASN E 353 -36.71 7.98 18.62
CA ASN E 353 -37.27 9.28 18.94
C ASN E 353 -37.21 9.52 20.44
N THR E 354 -36.14 10.18 20.91
CA THR E 354 -35.95 10.45 22.33
C THR E 354 -36.58 11.77 22.73
N SER E 355 -37.88 11.90 22.43
CA SER E 355 -38.65 13.02 22.94
C SER E 355 -39.18 12.77 24.34
N GLY E 356 -39.41 11.50 24.70
CA GLY E 356 -39.85 11.18 26.05
C GLY E 356 -38.78 11.45 27.08
N LEU E 357 -37.52 11.18 26.75
CA LEU E 357 -36.43 11.39 27.70
C LEU E 357 -36.28 12.86 28.05
N PHE E 358 -36.17 13.72 27.05
CA PHE E 358 -35.94 15.15 27.26
C PHE E 358 -37.27 15.89 27.10
N ASN E 359 -38.10 15.77 28.12
CA ASN E 359 -39.38 16.49 28.17
C ASN E 359 -39.65 16.98 29.58
N SER E 360 -38.65 17.54 30.24
CA SER E 360 -38.73 17.80 31.68
C SER E 360 -38.33 19.23 32.00
N THR E 361 -38.81 19.70 33.15
CA THR E 361 -38.45 21.00 33.70
C THR E 361 -38.05 20.84 35.15
N TRP E 362 -37.00 21.55 35.56
CA TRP E 362 -36.46 21.44 36.91
C TRP E 362 -36.30 22.84 37.49
N ILE E 363 -36.88 23.04 38.68
CA ILE E 363 -36.88 24.31 39.39
C ILE E 363 -36.17 24.11 40.72
N SER E 364 -35.36 25.10 41.12
CA SER E 364 -34.66 25.06 42.39
C SER E 364 -35.62 24.97 43.56
N ASN E 377 -40.61 0.68 38.42
CA ASN E 377 -41.06 -0.41 37.55
C ASN E 377 -41.50 0.12 36.19
N ASP E 378 -42.00 1.36 36.17
CA ASP E 378 -42.42 1.97 34.92
C ASP E 378 -41.23 2.20 34.01
N SER E 379 -41.46 2.05 32.70
CA SER E 379 -40.41 2.16 31.71
C SER E 379 -40.82 3.16 30.65
N ILE E 380 -39.93 4.10 30.34
CA ILE E 380 -40.12 4.99 29.20
C ILE E 380 -39.79 4.21 27.93
N THR E 381 -40.74 4.21 26.99
CA THR E 381 -40.62 3.50 25.73
C THR E 381 -40.38 4.50 24.61
N LEU E 382 -39.33 4.27 23.84
CA LEU E 382 -38.95 5.13 22.73
C LEU E 382 -39.23 4.41 21.42
N PRO E 383 -40.13 4.92 20.58
CA PRO E 383 -40.38 4.28 19.28
C PRO E 383 -39.23 4.56 18.32
N CYS E 384 -38.61 3.49 17.84
CA CYS E 384 -37.46 3.59 16.96
C CYS E 384 -37.84 3.19 15.53
N ARG E 385 -37.08 3.72 14.58
CA ARG E 385 -37.18 3.35 13.18
C ARG E 385 -35.87 2.69 12.75
N ILE E 386 -35.96 1.89 11.69
CA ILE E 386 -34.84 1.13 11.18
C ILE E 386 -34.53 1.60 9.77
N LYS E 387 -33.26 1.84 9.49
CA LYS E 387 -32.78 2.17 8.16
C LYS E 387 -31.75 1.15 7.71
N GLN E 388 -31.74 0.85 6.41
CA GLN E 388 -30.74 -0.01 5.82
C GLN E 388 -29.76 0.74 4.93
N ILE E 389 -30.18 1.85 4.33
CA ILE E 389 -29.28 2.67 3.51
C ILE E 389 -28.64 3.67 4.47
N ILE E 390 -27.47 3.30 5.00
CA ILE E 390 -26.79 4.08 6.02
C ILE E 390 -25.73 4.96 5.35
N ASN E 391 -25.86 6.26 5.50
CA ASN E 391 -24.82 7.21 5.09
C ASN E 391 -23.90 7.52 6.27
N MET E 392 -23.02 6.56 6.54
CA MET E 392 -22.18 6.65 7.73
C MET E 392 -21.13 7.74 7.54
N TRP E 393 -20.72 8.35 8.65
CA TRP E 393 -19.65 9.34 8.69
C TRP E 393 -19.97 10.55 7.82
N GLN E 394 -21.27 10.85 7.67
CA GLN E 394 -21.78 12.02 6.96
C GLN E 394 -21.01 12.34 5.68
N ARG E 395 -20.66 11.31 4.92
CA ARG E 395 -19.90 11.45 3.68
C ARG E 395 -20.84 11.22 2.50
N ILE E 396 -21.18 12.30 1.80
CA ILE E 396 -22.05 12.21 0.64
C ILE E 396 -21.24 11.68 -0.54
N GLY E 397 -21.59 10.49 -1.02
CA GLY E 397 -20.86 9.88 -2.11
C GLY E 397 -20.51 8.43 -1.82
N GLN E 398 -20.75 7.99 -0.58
CA GLN E 398 -20.45 6.61 -0.16
C GLN E 398 -21.56 6.17 0.78
N ALA E 399 -22.56 5.49 0.23
CA ALA E 399 -23.66 4.95 1.01
C ALA E 399 -23.28 3.57 1.52
N MET E 400 -24.24 2.85 2.10
CA MET E 400 -23.99 1.53 2.67
C MET E 400 -25.31 0.83 2.97
N TYR E 401 -25.45 -0.42 2.51
CA TYR E 401 -26.65 -1.21 2.69
C TYR E 401 -26.39 -2.27 3.74
N ALA E 402 -26.96 -2.11 4.93
CA ALA E 402 -26.82 -3.11 5.97
C ALA E 402 -27.74 -4.28 5.67
N PRO E 403 -27.22 -5.51 5.54
CA PRO E 403 -28.08 -6.64 5.19
C PRO E 403 -29.01 -6.97 6.34
N PRO E 404 -30.16 -7.57 6.07
CA PRO E 404 -31.08 -7.92 7.15
C PRO E 404 -30.45 -8.93 8.09
N ILE E 405 -30.85 -8.84 9.37
CA ILE E 405 -30.38 -9.73 10.41
C ILE E 405 -31.51 -10.70 10.74
N GLN E 406 -31.23 -12.00 10.62
CA GLN E 406 -32.23 -13.01 10.86
C GLN E 406 -32.64 -13.04 12.34
N GLY E 407 -33.90 -13.36 12.57
CA GLY E 407 -34.40 -13.51 13.93
C GLY E 407 -34.85 -12.20 14.54
N VAL E 408 -34.94 -12.23 15.87
CA VAL E 408 -35.37 -11.07 16.66
C VAL E 408 -34.16 -10.52 17.38
N ILE E 409 -33.95 -9.21 17.29
CA ILE E 409 -32.77 -8.56 17.83
C ILE E 409 -33.13 -7.92 19.17
N ARG E 410 -32.38 -8.28 20.21
CA ARG E 410 -32.48 -7.65 21.52
C ARG E 410 -31.10 -7.17 21.94
N CYS E 411 -31.08 -6.03 22.62
CA CYS E 411 -29.83 -5.38 22.99
C CYS E 411 -29.95 -4.83 24.40
N VAL E 412 -28.85 -4.82 25.13
CA VAL E 412 -28.78 -4.21 26.45
C VAL E 412 -27.56 -3.32 26.49
N SER E 413 -27.74 -2.05 26.87
CA SER E 413 -26.64 -1.10 26.88
C SER E 413 -26.77 -0.20 28.10
N ASN E 414 -25.69 0.50 28.42
CA ASN E 414 -25.68 1.51 29.47
C ASN E 414 -25.50 2.87 28.82
N ILE E 415 -26.42 3.80 29.11
CA ILE E 415 -26.28 5.17 28.65
C ILE E 415 -25.23 5.83 29.55
N THR E 416 -23.98 5.84 29.08
CA THR E 416 -22.90 6.37 29.90
C THR E 416 -22.96 7.89 29.98
N GLY E 417 -23.34 8.55 28.90
CA GLY E 417 -23.35 10.00 28.90
C GLY E 417 -24.32 10.57 27.89
N LEU E 418 -24.34 11.90 27.86
CA LEU E 418 -25.21 12.67 26.97
C LEU E 418 -24.38 13.70 26.22
N ILE E 419 -24.89 14.12 25.08
CA ILE E 419 -24.31 15.22 24.30
C ILE E 419 -25.39 16.29 24.19
N LEU E 420 -25.39 17.22 25.13
CA LEU E 420 -26.40 18.27 25.16
C LEU E 420 -25.93 19.50 24.41
N THR E 421 -26.87 20.42 24.18
CA THR E 421 -26.58 21.70 23.54
C THR E 421 -27.54 22.73 24.13
N ARG E 422 -27.00 23.87 24.54
CA ARG E 422 -27.78 24.91 25.17
C ARG E 422 -28.38 25.83 24.10
N ASP E 423 -29.66 26.12 24.21
CA ASP E 423 -30.30 27.05 23.30
C ASP E 423 -29.79 28.47 23.54
N GLY E 424 -29.54 29.18 22.46
CA GLY E 424 -28.98 30.52 22.53
C GLY E 424 -30.02 31.56 22.93
N GLY E 425 -29.57 32.81 22.92
CA GLY E 425 -30.42 33.93 23.25
C GLY E 425 -30.53 34.16 24.75
N SER E 426 -31.09 35.32 25.10
CA SER E 426 -31.29 35.68 26.50
C SER E 426 -32.49 36.61 26.58
N THR E 427 -33.64 36.06 26.95
CA THR E 427 -34.85 36.85 27.15
C THR E 427 -34.93 37.26 28.61
N ASN E 428 -36.09 37.79 29.03
CA ASN E 428 -36.26 38.22 30.41
C ASN E 428 -36.18 37.04 31.37
N SER E 429 -36.74 35.90 30.99
CA SER E 429 -36.69 34.72 31.84
C SER E 429 -35.27 34.18 31.93
N THR E 430 -34.99 33.52 33.05
CA THR E 430 -33.66 32.97 33.32
C THR E 430 -33.58 31.47 33.04
N THR E 431 -34.60 30.89 32.44
CA THR E 431 -34.60 29.46 32.17
C THR E 431 -33.57 29.11 31.10
N GLU E 432 -33.01 27.91 31.22
CA GLU E 432 -32.06 27.38 30.25
C GLU E 432 -32.59 26.05 29.73
N THR E 433 -32.61 25.88 28.41
CA THR E 433 -33.11 24.67 27.78
C THR E 433 -31.96 23.94 27.12
N PHE E 434 -31.76 22.68 27.48
CA PHE E 434 -30.72 21.84 26.92
C PHE E 434 -31.35 20.75 26.07
N ARG E 435 -30.92 20.66 24.82
CA ARG E 435 -31.49 19.69 23.90
C ARG E 435 -30.41 18.73 23.40
N PRO E 436 -30.73 17.46 23.19
CA PRO E 436 -29.71 16.52 22.74
C PRO E 436 -29.15 16.90 21.38
N GLY E 437 -27.86 16.64 21.20
CA GLY E 437 -27.17 16.89 19.96
C GLY E 437 -26.42 15.66 19.49
N GLY E 438 -25.33 15.91 18.76
CA GLY E 438 -24.51 14.82 18.28
C GLY E 438 -24.15 14.93 16.81
N GLY E 439 -24.04 13.81 16.14
CA GLY E 439 -23.65 13.79 14.73
C GLY E 439 -22.15 13.76 14.53
N ASP E 440 -21.44 14.69 15.16
CA ASP E 440 -19.98 14.72 15.09
C ASP E 440 -19.43 13.67 16.04
N MET E 441 -18.88 12.59 15.47
CA MET E 441 -18.37 11.50 16.29
C MET E 441 -17.11 11.87 17.05
N ARG E 442 -16.48 13.00 16.73
CA ARG E 442 -15.36 13.47 17.52
C ARG E 442 -15.78 13.75 18.95
N ASP E 443 -16.97 14.29 19.14
CA ASP E 443 -17.51 14.44 20.49
C ASP E 443 -17.77 13.09 21.15
N ASN E 444 -18.20 12.10 20.36
CA ASN E 444 -18.45 10.78 20.91
C ASN E 444 -17.18 10.13 21.42
N TRP E 445 -16.09 10.24 20.67
CA TRP E 445 -14.82 9.63 21.06
C TRP E 445 -13.95 10.55 21.90
N ARG E 446 -14.39 11.78 22.14
CA ARG E 446 -13.70 12.67 23.06
C ARG E 446 -14.12 12.45 24.50
N SER E 447 -15.19 11.69 24.74
CA SER E 447 -15.60 11.33 26.08
C SER E 447 -14.80 10.17 26.65
N GLU E 448 -13.98 9.52 25.83
CA GLU E 448 -13.10 8.46 26.29
C GLU E 448 -11.63 8.86 26.32
N LEU E 449 -11.22 9.79 25.45
CA LEU E 449 -9.84 10.26 25.38
C LEU E 449 -9.66 11.61 26.07
N TYR E 450 -10.54 11.94 27.01
CA TYR E 450 -10.44 13.24 27.67
C TYR E 450 -9.25 13.30 28.62
N LYS E 451 -8.99 12.22 29.36
CA LYS E 451 -7.93 12.22 30.35
C LYS E 451 -6.56 11.91 29.76
N TYR E 452 -6.48 11.51 28.51
CA TYR E 452 -5.23 11.09 27.91
C TYR E 452 -4.59 12.21 27.11
N LYS E 453 -3.26 12.24 27.13
CA LYS E 453 -2.49 13.23 26.38
C LYS E 453 -1.19 12.57 25.94
N VAL E 454 -0.82 12.79 24.68
CA VAL E 454 0.38 12.16 24.11
C VAL E 454 1.54 13.14 24.25
N VAL E 455 2.67 12.66 24.77
CA VAL E 455 3.85 13.49 24.98
C VAL E 455 5.08 12.79 24.43
N LYS E 456 6.03 13.59 23.97
CA LYS E 456 7.29 13.12 23.42
C LYS E 456 8.39 13.33 24.46
N ILE E 457 9.13 12.27 24.74
CA ILE E 457 10.18 12.30 25.75
C ILE E 457 11.42 12.98 25.19
N GLU E 458 12.12 13.73 26.03
CA GLU E 458 13.37 14.41 25.67
C GLU E 458 14.43 13.99 26.67
N PRO E 459 14.99 12.79 26.53
CA PRO E 459 15.88 12.25 27.57
C PRO E 459 17.21 12.95 27.68
N LEU E 460 17.56 13.85 26.76
CA LEU E 460 18.82 14.57 26.83
C LEU E 460 18.63 15.85 27.65
N GLY E 461 19.48 16.06 28.64
CA GLY E 461 19.39 17.25 29.46
C GLY E 461 20.72 17.75 29.98
N VAL E 462 20.98 19.05 29.87
CA VAL E 462 22.23 19.64 30.32
C VAL E 462 22.03 20.28 31.68
N ALA E 463 23.02 20.14 32.56
CA ALA E 463 22.92 20.69 33.90
C ALA E 463 24.32 21.02 34.41
N PRO E 464 24.45 21.99 35.31
CA PRO E 464 25.77 22.32 35.85
C PRO E 464 26.28 21.25 36.80
N THR E 465 27.58 20.96 36.71
CA THR E 465 28.28 20.08 37.63
C THR E 465 29.76 20.45 37.59
N ARG E 466 30.48 20.07 38.65
CA ARG E 466 31.86 20.49 38.86
C ARG E 466 32.87 19.46 38.36
N CYS E 467 32.57 18.75 37.28
CA CYS E 467 33.42 17.68 36.79
C CYS E 467 33.99 18.02 35.42
N LYS E 468 35.19 17.52 35.15
CA LYS E 468 35.87 17.68 33.86
C LYS E 468 36.45 16.35 33.43
N ARG E 469 36.48 16.13 32.12
CA ARG E 469 37.13 14.94 31.58
C ARG E 469 38.64 15.03 31.77
N ARG E 470 39.27 13.89 32.02
CA ARG E 470 40.72 13.84 32.16
C ARG E 470 41.37 13.31 30.88
N GLY F 10 9.11 2.95 38.18
CA GLY F 10 9.32 2.43 36.84
C GLY F 10 9.63 3.49 35.81
N PHE F 11 8.94 3.43 34.67
CA PHE F 11 9.16 4.40 33.61
C PHE F 11 8.62 5.76 34.02
N LEU F 12 9.46 6.78 33.90
CA LEU F 12 9.12 8.17 34.23
C LEU F 12 8.66 8.33 35.67
N GLY F 13 9.05 7.42 36.55
CA GLY F 13 8.62 7.50 37.93
C GLY F 13 9.19 8.70 38.67
N ALA F 14 10.43 9.07 38.35
CA ALA F 14 11.11 10.18 38.99
C ALA F 14 10.86 11.51 38.29
N ALA F 15 9.73 11.65 37.58
CA ALA F 15 9.45 12.88 36.87
C ALA F 15 9.31 14.06 37.82
N GLY F 16 8.59 13.87 38.92
CA GLY F 16 8.48 14.90 39.94
C GLY F 16 9.55 14.86 41.00
N SER F 17 10.44 13.86 40.95
CA SER F 17 11.50 13.74 41.94
C SER F 17 12.55 14.83 41.71
N THR F 18 13.42 14.99 42.70
CA THR F 18 14.44 16.03 42.66
C THR F 18 15.44 15.76 41.55
N MET F 19 16.16 16.81 41.16
CA MET F 19 17.11 16.70 40.05
C MET F 19 18.16 15.62 40.32
N GLY F 20 18.72 15.60 41.53
CA GLY F 20 19.69 14.59 41.86
C GLY F 20 19.09 13.19 41.90
N ALA F 21 17.93 13.04 42.52
CA ALA F 21 17.27 11.74 42.59
C ALA F 21 16.89 11.26 41.20
N ALA F 22 16.37 12.16 40.36
CA ALA F 22 16.04 11.78 38.99
C ALA F 22 17.28 11.40 38.20
N SER F 23 18.38 12.12 38.42
CA SER F 23 19.63 11.79 37.74
C SER F 23 20.18 10.44 38.20
N MET F 24 19.89 10.05 39.44
CA MET F 24 20.40 8.78 39.95
C MET F 24 19.83 7.60 39.16
N THR F 25 18.54 7.63 38.85
CA THR F 25 17.90 6.55 38.12
C THR F 25 17.57 7.02 36.70
N LEU F 26 18.20 6.37 35.72
CA LEU F 26 17.97 6.68 34.32
C LEU F 26 17.76 5.45 33.44
N THR F 27 18.27 4.28 33.81
CA THR F 27 18.13 3.10 32.96
C THR F 27 16.69 2.68 32.81
N VAL F 28 15.91 2.76 33.90
CA VAL F 28 14.53 2.28 33.88
C VAL F 28 13.71 3.00 32.83
N GLN F 29 14.01 4.28 32.58
CA GLN F 29 13.38 5.04 31.52
C GLN F 29 14.28 5.18 30.30
N ALA F 30 15.40 4.47 30.27
CA ALA F 30 16.27 4.44 29.08
C ALA F 30 16.07 3.19 28.24
N ARG F 31 15.76 2.05 28.86
CA ARG F 31 15.48 0.85 28.07
C ARG F 31 14.23 1.02 27.22
N ASN F 32 13.20 1.69 27.77
CA ASN F 32 11.91 1.80 27.12
C ASN F 32 11.88 2.85 26.01
N LEU F 33 13.03 3.32 25.55
CA LEU F 33 13.09 4.29 24.47
C LEU F 33 13.12 3.64 23.09
N LEU F 34 13.21 2.31 23.02
CA LEU F 34 13.17 1.61 21.74
C LEU F 34 12.16 0.48 21.76
N SER F 35 11.94 -0.11 22.92
CA SER F 35 11.00 -1.23 23.04
C SER F 35 10.11 -1.06 24.27
N LEU F 54 4.61 -11.20 10.11
CA LEU F 54 4.36 -10.68 8.78
C LEU F 54 3.90 -9.24 8.82
N LEU F 55 4.03 -8.54 7.70
CA LEU F 55 3.61 -7.15 7.57
C LEU F 55 2.50 -7.07 6.53
N LYS F 56 1.37 -6.50 6.93
CA LYS F 56 0.22 -6.30 6.05
C LYS F 56 -0.13 -4.82 6.04
N LEU F 57 -0.34 -4.27 4.84
CA LEU F 57 -0.58 -2.84 4.71
C LEU F 57 -2.03 -2.49 4.97
N THR F 58 -2.56 -2.91 6.12
CA THR F 58 -3.87 -2.48 6.57
C THR F 58 -3.71 -1.14 7.29
N VAL F 59 -4.77 -0.66 7.95
CA VAL F 59 -4.65 0.57 8.71
C VAL F 59 -3.73 0.37 9.89
N TRP F 60 -3.94 -0.69 10.67
CA TRP F 60 -3.14 -0.92 11.85
C TRP F 60 -1.73 -1.36 11.49
N GLY F 61 -1.57 -2.08 10.39
CA GLY F 61 -0.25 -2.46 9.95
C GLY F 61 0.62 -1.27 9.57
N ILE F 62 0.05 -0.34 8.80
CA ILE F 62 0.82 0.84 8.40
C ILE F 62 1.08 1.73 9.62
N LYS F 63 0.12 1.82 10.55
CA LYS F 63 0.37 2.59 11.76
C LYS F 63 1.50 1.97 12.59
N GLN F 64 1.51 0.64 12.71
CA GLN F 64 2.58 -0.02 13.45
C GLN F 64 3.93 0.16 12.77
N LEU F 65 3.97 0.07 11.44
CA LEU F 65 5.23 0.28 10.73
C LEU F 65 5.75 1.69 10.95
N GLN F 66 4.87 2.69 10.87
CA GLN F 66 5.28 4.07 11.15
C GLN F 66 5.78 4.21 12.58
N ALA F 67 5.10 3.57 13.54
CA ALA F 67 5.53 3.66 14.92
C ALA F 67 6.92 3.06 15.11
N ARG F 68 7.17 1.90 14.51
CA ARG F 68 8.47 1.26 14.64
C ARG F 68 9.58 2.12 14.03
N VAL F 69 9.35 2.64 12.83
CA VAL F 69 10.36 3.47 12.18
C VAL F 69 10.61 4.74 13.00
N LEU F 70 9.54 5.34 13.52
CA LEU F 70 9.68 6.56 14.31
C LEU F 70 10.50 6.31 15.57
N ALA F 71 10.21 5.22 16.28
CA ALA F 71 10.97 4.89 17.49
C ALA F 71 12.44 4.66 17.15
N VAL F 72 12.71 3.90 16.09
CA VAL F 72 14.08 3.61 15.72
C VAL F 72 14.84 4.90 15.40
N GLU F 73 14.23 5.78 14.60
CA GLU F 73 14.94 6.98 14.19
C GLU F 73 15.11 7.95 15.36
N ARG F 74 14.14 8.03 16.28
CA ARG F 74 14.31 8.91 17.44
C ARG F 74 15.44 8.41 18.34
N TYR F 75 15.49 7.09 18.60
CA TYR F 75 16.57 6.55 19.40
C TYR F 75 17.92 6.79 18.73
N LEU F 76 17.98 6.59 17.41
CA LEU F 76 19.23 6.80 16.71
C LEU F 76 19.67 8.26 16.75
N ARG F 77 18.72 9.19 16.61
CA ARG F 77 19.07 10.61 16.71
C ARG F 77 19.63 10.94 18.08
N ASP F 78 18.98 10.44 19.13
CA ASP F 78 19.47 10.72 20.48
C ASP F 78 20.86 10.13 20.70
N GLN F 79 21.08 8.90 20.23
CA GLN F 79 22.39 8.28 20.42
C GLN F 79 23.46 8.98 19.60
N GLN F 80 23.11 9.46 18.40
CA GLN F 80 24.06 10.22 17.61
C GLN F 80 24.45 11.51 18.29
N LEU F 81 23.47 12.23 18.85
CA LEU F 81 23.79 13.44 19.59
C LEU F 81 24.67 13.13 20.79
N LEU F 82 24.41 12.02 21.48
CA LEU F 82 25.27 11.64 22.60
C LEU F 82 26.69 11.32 22.15
N GLY F 83 26.83 10.59 21.05
CA GLY F 83 28.14 10.18 20.58
C GLY F 83 28.96 11.28 19.94
N ILE F 84 28.29 12.31 19.41
CA ILE F 84 29.03 13.45 18.85
C ILE F 84 29.74 14.20 19.96
N TRP F 85 29.14 14.28 21.15
CA TRP F 85 29.74 14.98 22.28
C TRP F 85 30.70 14.10 23.07
N GLY F 86 31.07 12.94 22.56
CA GLY F 86 31.96 12.04 23.27
C GLY F 86 31.38 11.49 24.55
N CYS F 87 30.07 11.22 24.56
CA CYS F 87 29.40 10.69 25.74
C CYS F 87 28.62 9.42 25.43
N SER F 88 28.93 8.76 24.31
CA SER F 88 28.22 7.55 23.93
C SER F 88 28.46 6.45 24.97
N GLY F 89 27.38 5.78 25.35
CA GLY F 89 27.46 4.73 26.35
C GLY F 89 27.51 5.20 27.78
N LYS F 90 27.46 6.51 28.02
CA LYS F 90 27.50 7.08 29.36
C LYS F 90 26.22 7.86 29.60
N LEU F 91 25.46 7.46 30.62
CA LEU F 91 24.26 8.20 30.97
C LEU F 91 24.59 9.58 31.52
N ILE F 92 25.63 9.66 32.35
CA ILE F 92 26.10 10.93 32.90
C ILE F 92 27.51 11.17 32.36
N CYS F 93 27.67 12.25 31.62
CA CYS F 93 28.94 12.54 30.96
C CYS F 93 29.31 14.01 31.18
N CYS F 94 30.57 14.25 31.52
CA CYS F 94 31.05 15.60 31.76
C CYS F 94 31.67 16.18 30.49
N THR F 95 31.84 17.50 30.49
CA THR F 95 32.35 18.19 29.31
C THR F 95 33.24 19.34 29.76
N ASN F 96 34.13 19.75 28.87
CA ASN F 96 35.13 20.78 29.15
C ASN F 96 34.69 22.18 28.74
N VAL F 97 33.51 22.34 28.16
CA VAL F 97 33.09 23.65 27.67
C VAL F 97 32.68 24.51 28.85
N PRO F 98 32.81 25.83 28.76
CA PRO F 98 32.38 26.70 29.86
C PRO F 98 30.86 26.90 29.84
N TRP F 99 30.36 27.39 30.96
CA TRP F 99 28.93 27.68 31.15
C TRP F 99 28.79 29.16 31.43
N ASN F 100 28.24 29.89 30.46
CA ASN F 100 28.02 31.32 30.65
C ASN F 100 26.94 31.54 31.71
N SER F 101 27.19 32.49 32.62
CA SER F 101 26.27 32.76 33.70
C SER F 101 24.92 33.27 33.20
N SER F 102 24.87 33.79 31.97
CA SER F 102 23.60 34.25 31.41
C SER F 102 22.63 33.09 31.21
N TRP F 103 23.14 31.88 31.02
CA TRP F 103 22.26 30.71 30.86
C TRP F 103 21.43 30.48 32.11
N SER F 104 22.08 30.51 33.28
CA SER F 104 21.38 30.37 34.55
C SER F 104 22.28 30.81 35.70
N ASN F 105 21.81 31.75 36.52
CA ASN F 105 22.55 32.21 37.68
C ASN F 105 22.14 31.50 38.96
N ARG F 106 21.22 30.55 38.89
CA ARG F 106 20.74 29.85 40.08
C ARG F 106 21.85 29.00 40.69
N ASN F 107 21.84 28.92 42.02
CA ASN F 107 22.86 28.17 42.73
C ASN F 107 22.64 26.66 42.55
N LEU F 108 23.72 25.90 42.74
CA LEU F 108 23.66 24.45 42.53
C LEU F 108 22.76 23.77 43.55
N SER F 109 22.79 24.24 44.81
CA SER F 109 22.04 23.59 45.87
C SER F 109 20.54 23.62 45.58
N GLU F 110 20.01 24.79 45.24
CA GLU F 110 18.59 24.89 44.94
C GLU F 110 18.24 24.19 43.64
N ILE F 111 19.16 24.19 42.67
CA ILE F 111 18.91 23.50 41.40
C ILE F 111 18.74 22.00 41.63
N TRP F 112 19.63 21.41 42.44
CA TRP F 112 19.66 19.97 42.63
C TRP F 112 18.90 19.51 43.87
N ASP F 113 18.26 20.41 44.60
CA ASP F 113 17.59 20.03 45.85
C ASP F 113 16.14 20.51 45.96
N ASN F 114 15.72 21.54 45.25
CA ASN F 114 14.38 22.09 45.41
C ASN F 114 13.68 22.31 44.07
N MET F 115 13.96 21.46 43.08
CA MET F 115 13.45 21.66 41.74
C MET F 115 13.77 20.45 40.89
N THR F 116 12.88 20.14 39.94
CA THR F 116 12.96 18.95 39.11
C THR F 116 13.35 19.32 37.68
N TRP F 117 13.37 18.30 36.82
CA TRP F 117 13.94 18.44 35.48
C TRP F 117 13.05 19.25 34.54
N LEU F 118 11.73 19.20 34.73
CA LEU F 118 10.82 19.83 33.78
C LEU F 118 11.03 21.34 33.72
N GLN F 119 10.83 22.03 34.84
CA GLN F 119 11.02 23.48 34.85
C GLN F 119 12.46 23.85 34.54
N TRP F 120 13.41 22.97 34.84
CA TRP F 120 14.78 23.20 34.40
C TRP F 120 14.87 23.27 32.88
N ASP F 121 14.22 22.32 32.20
CA ASP F 121 14.22 22.36 30.74
C ASP F 121 13.49 23.59 30.21
N LYS F 122 12.44 24.04 30.90
CA LYS F 122 11.69 25.20 30.43
C LYS F 122 12.57 26.45 30.39
N GLU F 123 13.43 26.64 31.39
CA GLU F 123 14.20 27.88 31.48
C GLU F 123 15.52 27.84 30.72
N ILE F 124 15.88 26.70 30.12
CA ILE F 124 17.13 26.58 29.38
C ILE F 124 16.89 26.20 27.92
N SER F 125 15.64 25.93 27.54
CA SER F 125 15.34 25.40 26.22
C SER F 125 15.83 26.31 25.10
N ASN F 126 15.95 27.61 25.37
CA ASN F 126 16.36 28.56 24.35
C ASN F 126 17.87 28.80 24.30
N TYR F 127 18.64 28.20 25.19
CA TYR F 127 20.10 28.22 25.09
C TYR F 127 20.68 26.88 24.65
N THR F 128 19.82 25.93 24.25
CA THR F 128 20.29 24.57 24.01
C THR F 128 21.22 24.50 22.81
N GLN F 129 20.79 25.06 21.68
CA GLN F 129 21.50 24.83 20.41
C GLN F 129 22.96 25.24 20.51
N ILE F 130 23.22 26.47 20.95
CA ILE F 130 24.60 26.92 21.08
C ILE F 130 25.39 25.97 21.98
N ILE F 131 24.79 25.58 23.11
CA ILE F 131 25.45 24.64 24.01
C ILE F 131 25.88 23.41 23.24
N TYR F 132 24.96 22.82 22.48
CA TYR F 132 25.28 21.63 21.71
C TYR F 132 26.48 21.87 20.83
N GLY F 133 26.49 23.00 20.10
CA GLY F 133 27.62 23.31 19.26
C GLY F 133 28.91 23.32 20.05
N LEU F 134 28.93 24.06 21.17
CA LEU F 134 30.13 24.07 22.00
C LEU F 134 30.56 22.66 22.30
N LEU F 135 29.61 21.84 22.77
CA LEU F 135 29.87 20.43 23.05
C LEU F 135 30.67 19.80 21.93
N GLU F 136 30.10 19.75 20.73
CA GLU F 136 30.76 19.00 19.67
C GLU F 136 32.13 19.59 19.37
N GLU F 137 32.23 20.92 19.36
CA GLU F 137 33.52 21.54 19.09
C GLU F 137 34.56 21.01 20.05
N SER F 138 34.26 21.06 21.34
CA SER F 138 35.22 20.59 22.34
C SER F 138 35.64 19.17 22.02
N GLN F 139 34.66 18.30 21.75
CA GLN F 139 34.97 16.91 21.47
C GLN F 139 36.00 16.82 20.35
N ASN F 140 35.72 17.48 19.23
CA ASN F 140 36.65 17.42 18.11
C ASN F 140 38.02 17.90 18.55
N GLN F 141 38.07 19.07 19.20
CA GLN F 141 39.34 19.57 19.71
C GLN F 141 40.01 18.52 20.57
N GLN F 142 39.27 18.00 21.55
CA GLN F 142 39.84 16.99 22.43
C GLN F 142 40.35 15.81 21.62
N GLU F 143 39.54 15.33 20.66
CA GLU F 143 39.98 14.21 19.84
C GLU F 143 41.28 14.55 19.13
N LYS F 144 41.34 15.73 18.52
CA LYS F 144 42.56 16.12 17.83
C LYS F 144 43.73 16.16 18.82
N ASN F 145 43.49 16.72 20.01
CA ASN F 145 44.54 16.75 21.01
C ASN F 145 45.03 15.35 21.32
N GLU F 146 44.10 14.40 21.43
CA GLU F 146 44.49 13.01 21.68
C GLU F 146 45.36 12.50 20.54
N GLN F 147 44.96 12.78 19.30
CA GLN F 147 45.75 12.34 18.15
C GLN F 147 47.11 13.03 18.14
N ASP F 148 47.21 14.22 18.75
CA ASP F 148 48.50 14.86 18.89
C ASP F 148 49.32 14.22 20.00
N LEU F 149 48.66 13.81 21.09
CA LEU F 149 49.40 13.30 22.23
C LEU F 149 49.80 11.83 22.04
N LEU F 150 48.92 11.04 21.45
CA LEU F 150 49.20 9.63 21.20
C LEU F 150 49.56 9.40 19.74
N VAL G 2 -15.11 34.41 -0.73
CA VAL G 2 -16.28 33.79 -0.12
C VAL G 2 -17.46 34.73 -0.29
N ARG G 3 -18.50 34.27 -0.97
CA ARG G 3 -19.66 35.09 -1.29
C ARG G 3 -20.93 34.44 -0.78
N LEU G 4 -21.74 35.22 -0.06
CA LEU G 4 -23.03 34.78 0.46
C LEU G 4 -24.09 35.69 -0.12
N MET G 5 -24.85 35.19 -1.10
CA MET G 5 -25.91 35.95 -1.72
C MET G 5 -27.26 35.56 -1.14
N GLN G 6 -28.01 36.54 -0.67
CA GLN G 6 -29.32 36.33 -0.09
C GLN G 6 -30.41 36.38 -1.15
N SER G 7 -31.66 36.57 -0.73
CA SER G 7 -32.81 36.54 -1.60
C SER G 7 -33.37 37.96 -1.69
N GLY G 8 -34.50 38.13 -2.35
CA GLY G 8 -35.00 39.44 -2.75
C GLY G 8 -35.92 39.98 -1.67
N ASP G 9 -35.90 41.31 -1.50
CA ASP G 9 -36.68 42.01 -0.50
C ASP G 9 -38.14 41.58 -0.56
N GLU G 10 -38.69 41.18 0.59
CA GLU G 10 -40.03 40.61 0.61
C GLU G 10 -40.99 41.45 1.43
N VAL G 11 -42.27 41.33 1.09
CA VAL G 11 -43.37 41.97 1.80
C VAL G 11 -44.40 40.90 2.12
N LYS G 12 -44.76 40.79 3.40
CA LYS G 12 -45.73 39.79 3.85
C LYS G 12 -46.78 40.45 4.72
N LYS G 13 -47.98 39.88 4.69
CA LYS G 13 -49.04 40.30 5.60
C LYS G 13 -48.80 39.72 6.99
N PRO G 14 -49.30 40.39 8.03
CA PRO G 14 -49.14 39.85 9.39
C PRO G 14 -49.78 38.47 9.51
N GLY G 15 -49.11 37.59 10.24
CA GLY G 15 -49.57 36.23 10.43
C GLY G 15 -49.07 35.23 9.40
N ALA G 16 -48.43 35.70 8.33
CA ALA G 16 -47.89 34.81 7.31
C ALA G 16 -46.48 34.36 7.67
N SER G 17 -45.94 33.47 6.86
CA SER G 17 -44.60 32.92 7.05
C SER G 17 -43.72 33.27 5.86
N VAL G 18 -42.49 33.70 6.15
CA VAL G 18 -41.54 34.11 5.13
C VAL G 18 -40.35 33.15 5.16
N ARG G 19 -39.94 32.68 3.99
CA ARG G 19 -38.79 31.78 3.88
C ARG G 19 -37.69 32.53 3.13
N LEU G 20 -36.74 33.06 3.89
CA LEU G 20 -35.55 33.65 3.30
C LEU G 20 -34.54 32.55 2.95
N SER G 21 -33.63 32.88 2.05
CA SER G 21 -32.62 31.95 1.59
C SER G 21 -31.24 32.60 1.68
N CYS G 22 -30.21 31.78 1.55
CA CYS G 22 -28.83 32.27 1.53
C CYS G 22 -27.98 31.24 0.79
N LYS G 23 -27.56 31.59 -0.41
CA LYS G 23 -26.64 30.77 -1.19
C LYS G 23 -25.21 31.15 -0.83
N ALA G 24 -24.38 30.14 -0.62
CA ALA G 24 -23.00 30.36 -0.21
C ALA G 24 -22.07 29.67 -1.19
N ASP G 25 -21.05 30.39 -1.66
CA ASP G 25 -20.08 29.83 -2.59
C ASP G 25 -18.71 30.43 -2.31
N GLY G 26 -17.68 29.76 -2.83
CA GLY G 26 -16.31 30.14 -2.60
C GLY G 26 -15.62 29.36 -1.50
N TYR G 27 -16.37 28.64 -0.67
CA TYR G 27 -15.81 27.82 0.38
C TYR G 27 -16.58 26.52 0.49
N GLU G 28 -15.96 25.53 1.11
CA GLU G 28 -16.61 24.24 1.31
C GLU G 28 -17.80 24.41 2.25
N PHE G 29 -18.99 24.05 1.76
CA PHE G 29 -20.22 24.28 2.51
C PHE G 29 -20.46 23.17 3.51
N SER G 30 -19.42 22.80 4.26
CA SER G 30 -19.57 21.83 5.34
C SER G 30 -18.86 22.22 6.63
N ASP G 31 -17.86 23.11 6.58
CA ASP G 31 -17.00 23.32 7.72
C ASP G 31 -17.45 24.47 8.61
N TYR G 32 -18.19 25.44 8.07
CA TYR G 32 -18.49 26.67 8.79
C TYR G 32 -20.00 26.79 9.01
N PHE G 33 -20.38 27.11 10.24
CA PHE G 33 -21.79 27.28 10.58
C PHE G 33 -22.32 28.57 9.98
N LEU G 34 -23.62 28.61 9.71
CA LEU G 34 -24.26 29.78 9.15
C LEU G 34 -25.30 30.31 10.12
N HIS G 35 -25.19 31.60 10.45
CA HIS G 35 -26.09 32.27 11.37
C HIS G 35 -27.00 33.22 10.64
N TRP G 36 -28.15 33.49 11.24
CA TRP G 36 -29.09 34.48 10.73
C TRP G 36 -29.17 35.60 11.75
N VAL G 37 -28.86 36.81 11.32
CA VAL G 37 -28.84 37.98 12.20
C VAL G 37 -29.80 39.01 11.62
N ARG G 38 -30.79 39.40 12.41
CA ARG G 38 -31.77 40.38 11.95
C ARG G 38 -31.48 41.74 12.57
N GLN G 39 -31.84 42.79 11.84
CA GLN G 39 -31.64 44.16 12.29
C GLN G 39 -32.90 44.96 12.00
N ALA G 40 -33.54 45.44 13.05
CA ALA G 40 -34.68 46.33 12.89
C ALA G 40 -34.20 47.69 12.39
N PRO G 41 -35.07 48.45 11.72
CA PRO G 41 -34.66 49.77 11.22
C PRO G 41 -34.29 50.70 12.37
N GLY G 42 -33.02 51.14 12.36
CA GLY G 42 -32.55 52.00 13.42
C GLY G 42 -32.31 51.31 14.74
N GLN G 43 -32.06 50.01 14.74
CA GLN G 43 -31.86 49.24 15.96
C GLN G 43 -30.60 48.40 15.82
N GLY G 44 -30.17 47.82 16.94
CA GLY G 44 -28.98 47.01 16.95
C GLY G 44 -29.20 45.62 16.39
N LEU G 45 -28.09 44.93 16.13
CA LEU G 45 -28.14 43.59 15.58
C LEU G 45 -28.73 42.62 16.60
N GLU G 46 -29.50 41.65 16.11
CA GLU G 46 -30.12 40.65 16.95
C GLU G 46 -29.92 39.28 16.32
N TRP G 47 -29.53 38.30 17.14
CA TRP G 47 -29.20 36.98 16.66
C TRP G 47 -30.43 36.10 16.63
N LEU G 48 -30.69 35.48 15.48
CA LEU G 48 -31.85 34.63 15.25
C LEU G 48 -31.56 33.18 15.61
N GLY G 49 -30.50 32.63 15.04
CA GLY G 49 -30.12 31.25 15.28
C GLY G 49 -29.14 30.81 14.22
N PHE G 50 -28.52 29.67 14.47
CA PHE G 50 -27.51 29.16 13.56
C PHE G 50 -27.79 27.72 13.18
N ILE G 51 -27.23 27.33 12.04
CA ILE G 51 -27.40 26.00 11.47
C ILE G 51 -26.04 25.49 11.00
N ARG G 52 -25.75 24.22 11.31
CA ARG G 52 -24.55 23.57 10.83
C ARG G 52 -24.88 22.89 9.50
N PRO G 53 -24.33 23.34 8.38
CA PRO G 53 -24.66 22.69 7.09
C PRO G 53 -24.22 21.23 7.02
N ARG G 54 -23.31 20.79 7.88
CA ARG G 54 -22.77 19.44 7.79
C ARG G 54 -23.86 18.39 7.98
N LEU G 55 -24.71 18.58 9.00
CA LEU G 55 -25.78 17.62 9.27
C LEU G 55 -27.12 18.28 9.53
N GLY G 56 -27.23 19.59 9.35
CA GLY G 56 -28.49 20.26 9.56
C GLY G 56 -28.83 20.57 11.00
N SER G 57 -27.91 20.33 11.93
CA SER G 57 -28.15 20.67 13.33
C SER G 57 -28.39 22.17 13.47
N VAL G 58 -29.40 22.52 14.27
CA VAL G 58 -29.82 23.91 14.42
C VAL G 58 -29.77 24.31 15.88
N ASN G 59 -29.77 25.62 16.11
CA ASN G 59 -29.86 26.17 17.45
C ASN G 59 -30.50 27.56 17.32
N TYR G 60 -31.72 27.71 17.82
CA TYR G 60 -32.48 28.94 17.68
C TYR G 60 -32.47 29.74 18.98
N SER G 61 -32.61 31.06 18.83
CA SER G 61 -32.70 31.93 19.99
C SER G 61 -33.98 31.66 20.76
N LYS G 62 -33.90 31.85 22.08
CA LYS G 62 -35.05 31.57 22.93
C LYS G 62 -36.22 32.51 22.66
N ARG G 63 -35.93 33.74 22.21
CA ARG G 63 -37.01 34.66 21.86
C ARG G 63 -37.78 34.18 20.63
N PHE G 64 -37.09 33.57 19.68
CA PHE G 64 -37.65 33.26 18.38
C PHE G 64 -37.84 31.75 18.17
N GLN G 65 -37.92 30.99 19.26
CA GLN G 65 -38.04 29.54 19.15
C GLN G 65 -39.50 29.15 18.96
N GLY G 66 -39.73 28.23 18.03
CA GLY G 66 -41.08 27.81 17.70
C GLY G 66 -41.59 28.50 16.45
N ARG G 67 -41.27 29.77 16.30
CA ARG G 67 -41.67 30.53 15.12
C ARG G 67 -40.63 30.50 14.01
N ILE G 68 -39.47 29.88 14.24
CA ILE G 68 -38.40 29.86 13.25
C ILE G 68 -38.00 28.41 12.99
N THR G 69 -37.61 28.14 11.75
CA THR G 69 -37.16 26.81 11.35
C THR G 69 -36.12 26.96 10.25
N MET G 70 -34.93 26.41 10.46
CA MET G 70 -33.83 26.54 9.51
C MET G 70 -33.49 25.19 8.91
N THR G 71 -33.36 25.17 7.59
CA THR G 71 -33.02 23.96 6.84
C THR G 71 -31.87 24.27 5.91
N ARG G 72 -31.26 23.22 5.36
CA ARG G 72 -30.19 23.37 4.40
C ARG G 72 -30.39 22.43 3.23
N ASP G 73 -29.80 22.79 2.10
CA ASP G 73 -29.82 21.95 0.91
C ASP G 73 -28.42 21.97 0.32
N MET G 74 -27.70 20.86 0.47
CA MET G 74 -26.30 20.82 0.07
C MET G 74 -26.13 20.77 -1.45
N SER G 75 -27.08 20.16 -2.16
CA SER G 75 -26.96 20.06 -3.60
C SER G 75 -26.97 21.44 -4.26
N ILE G 76 -27.97 22.26 -3.94
CA ILE G 76 -28.02 23.62 -4.46
C ILE G 76 -27.18 24.56 -3.62
N ASN G 77 -26.67 24.09 -2.47
CA ASN G 77 -25.76 24.86 -1.63
C ASN G 77 -26.43 26.11 -1.06
N THR G 78 -27.53 25.88 -0.33
CA THR G 78 -28.31 26.98 0.19
C THR G 78 -28.74 26.69 1.63
N VAL G 79 -28.94 27.76 2.40
CA VAL G 79 -29.50 27.68 3.75
C VAL G 79 -30.79 28.49 3.76
N TYR G 80 -31.87 27.86 4.20
CA TYR G 80 -33.19 28.50 4.23
C TYR G 80 -33.62 28.72 5.67
N MET G 81 -34.26 29.87 5.91
CA MET G 81 -34.81 30.21 7.21
C MET G 81 -36.27 30.60 7.04
N GLU G 82 -37.16 29.92 7.77
CA GLU G 82 -38.59 30.16 7.68
C GLU G 82 -39.08 30.73 9.00
N LEU G 83 -39.70 31.91 8.93
CA LEU G 83 -40.26 32.60 10.09
C LEU G 83 -41.77 32.57 10.00
N ARG G 84 -42.42 32.12 11.06
CA ARG G 84 -43.86 31.95 11.11
C ARG G 84 -44.49 32.97 12.04
N SER G 85 -45.80 33.18 11.85
CA SER G 85 -46.58 34.09 12.68
C SER G 85 -45.95 35.48 12.73
N LEU G 86 -45.66 36.02 11.54
CA LEU G 86 -45.04 37.33 11.44
C LEU G 86 -45.93 38.39 12.08
N THR G 87 -45.29 39.34 12.76
CA THR G 87 -45.98 40.46 13.37
C THR G 87 -45.34 41.76 12.89
N SER G 88 -45.89 42.89 13.37
CA SER G 88 -45.51 44.18 12.84
C SER G 88 -44.04 44.49 13.07
N ASP G 89 -43.53 44.20 14.26
CA ASP G 89 -42.16 44.57 14.61
C ASP G 89 -41.12 43.65 13.97
N ASP G 90 -41.53 42.72 13.11
CA ASP G 90 -40.59 41.88 12.39
C ASP G 90 -40.07 42.54 11.11
N THR G 91 -40.53 43.75 10.80
CA THR G 91 -39.95 44.51 9.71
C THR G 91 -38.47 44.73 9.97
N ALA G 92 -37.62 44.11 9.17
CA ALA G 92 -36.20 44.12 9.48
C ALA G 92 -35.40 43.75 8.24
N GLN G 93 -34.08 43.80 8.37
CA GLN G 93 -33.15 43.29 7.37
C GLN G 93 -32.47 42.06 7.95
N TYR G 94 -32.61 40.93 7.27
CA TYR G 94 -32.08 39.66 7.73
C TYR G 94 -30.80 39.32 6.95
N TYR G 95 -29.74 39.01 7.68
CA TYR G 95 -28.43 38.70 7.12
C TYR G 95 -28.09 37.25 7.43
N CYS G 96 -27.28 36.65 6.56
CA CYS G 96 -26.70 35.34 6.83
C CYS G 96 -25.19 35.51 6.95
N ALA G 97 -24.66 35.20 8.12
CA ALA G 97 -23.23 35.30 8.41
C ALA G 97 -22.63 33.90 8.50
N ARG G 98 -21.31 33.83 8.38
CA ARG G 98 -20.57 32.57 8.43
C ARG G 98 -19.57 32.61 9.57
N MET G 99 -19.69 31.68 10.51
CA MET G 99 -18.74 31.60 11.61
C MET G 99 -17.48 30.86 11.16
N TYR G 100 -16.32 31.32 11.63
CA TYR G 100 -15.05 30.75 11.19
C TYR G 100 -14.47 29.78 12.22
N ASP G 101 -14.44 30.15 13.51
CA ASP G 101 -14.18 29.22 14.61
C ASP G 101 -15.34 29.20 15.57
N THR G 102 -15.67 27.99 16.06
CA THR G 102 -16.75 27.84 17.03
C THR G 102 -16.48 28.67 18.27
N ASP G 103 -15.23 28.71 18.72
CA ASP G 103 -14.85 29.65 19.76
C ASP G 103 -14.55 31.01 19.14
N SER G 104 -14.90 32.08 19.85
CA SER G 104 -14.74 33.44 19.35
C SER G 104 -15.51 33.62 18.04
N TYR G 105 -16.84 33.61 18.19
CA TYR G 105 -17.76 33.73 17.06
C TYR G 105 -17.28 34.81 16.10
N LYS G 106 -16.92 34.42 14.88
CA LYS G 106 -16.25 35.31 13.94
C LYS G 106 -17.08 35.35 12.66
N PHE G 107 -18.01 36.29 12.60
CA PHE G 107 -18.87 36.45 11.42
C PHE G 107 -18.05 37.14 10.33
N ASP G 108 -17.33 36.35 9.56
CA ASP G 108 -16.45 36.90 8.54
C ASP G 108 -17.24 37.52 7.39
N SER G 109 -18.03 36.71 6.69
CA SER G 109 -18.74 37.14 5.51
C SER G 109 -20.23 37.24 5.81
N TRP G 110 -20.82 38.37 5.43
CA TRP G 110 -22.24 38.61 5.61
C TRP G 110 -22.90 38.73 4.24
N GLY G 111 -24.18 38.38 4.20
CA GLY G 111 -24.94 38.55 2.99
C GLY G 111 -25.31 40.00 2.75
N TRP G 112 -25.81 40.27 1.54
CA TRP G 112 -26.25 41.62 1.22
C TRP G 112 -27.41 42.05 2.11
N GLY G 113 -28.27 41.10 2.48
CA GLY G 113 -29.38 41.40 3.35
C GLY G 113 -30.71 41.26 2.65
N THR G 114 -31.75 40.89 3.40
CA THR G 114 -33.10 40.75 2.84
C THR G 114 -34.06 41.47 3.78
N VAL G 115 -34.60 42.60 3.33
CA VAL G 115 -35.56 43.31 4.17
C VAL G 115 -36.92 42.64 4.02
N VAL G 116 -37.42 42.09 5.11
CA VAL G 116 -38.79 41.61 5.20
C VAL G 116 -39.63 42.73 5.81
N ILE G 117 -40.67 43.14 5.09
CA ILE G 117 -41.60 44.15 5.55
C ILE G 117 -42.93 43.48 5.84
N VAL G 118 -43.35 43.49 7.10
CA VAL G 118 -44.63 42.94 7.52
C VAL G 118 -45.56 44.11 7.81
N SER G 119 -46.64 44.23 7.03
CA SER G 119 -47.57 45.33 7.18
C SER G 119 -48.90 44.93 6.58
N SER G 120 -49.94 45.68 6.94
CA SER G 120 -51.28 45.42 6.45
C SER G 120 -51.62 46.32 5.27
N VAL H 2 -21.31 -25.61 17.19
CA VAL H 2 -21.11 -26.48 16.05
C VAL H 2 -22.18 -27.56 16.06
N ARG H 3 -23.00 -27.60 15.01
CA ARG H 3 -24.12 -28.53 14.93
C ARG H 3 -24.03 -29.32 13.64
N LEU H 4 -24.19 -30.63 13.75
CA LEU H 4 -24.21 -31.55 12.61
C LEU H 4 -25.56 -32.26 12.61
N MET H 5 -26.46 -31.84 11.74
CA MET H 5 -27.78 -32.44 11.64
C MET H 5 -27.78 -33.49 10.53
N GLN H 6 -28.13 -34.71 10.87
CA GLN H 6 -28.18 -35.80 9.91
C GLN H 6 -29.51 -35.89 9.18
N SER H 7 -29.77 -37.03 8.56
CA SER H 7 -30.98 -37.23 7.76
C SER H 7 -31.90 -38.21 8.47
N GLY H 8 -32.98 -38.60 7.81
CA GLY H 8 -34.08 -39.28 8.48
C GLY H 8 -33.92 -40.79 8.40
N ASP H 9 -34.35 -41.47 9.45
CA ASP H 9 -34.24 -42.92 9.56
C ASP H 9 -34.75 -43.59 8.29
N GLU H 10 -33.98 -44.52 7.75
CA GLU H 10 -34.29 -45.09 6.45
C GLU H 10 -34.44 -46.60 6.51
N VAL H 11 -35.26 -47.11 5.60
CA VAL H 11 -35.48 -48.54 5.42
C VAL H 11 -35.27 -48.85 3.95
N LYS H 12 -34.37 -49.80 3.66
CA LYS H 12 -34.07 -50.19 2.30
C LYS H 12 -34.12 -51.70 2.16
N LYS H 13 -34.49 -52.15 0.96
CA LYS H 13 -34.45 -53.57 0.65
C LYS H 13 -33.02 -54.00 0.38
N PRO H 14 -32.69 -55.28 0.60
CA PRO H 14 -31.34 -55.75 0.29
C PRO H 14 -31.00 -55.55 -1.17
N GLY H 15 -29.75 -55.16 -1.42
CA GLY H 15 -29.28 -54.89 -2.76
C GLY H 15 -29.46 -53.47 -3.24
N ALA H 16 -30.19 -52.63 -2.50
CA ALA H 16 -30.39 -51.25 -2.87
C ALA H 16 -29.26 -50.38 -2.32
N SER H 17 -29.28 -49.10 -2.70
CA SER H 17 -28.29 -48.13 -2.27
C SER H 17 -28.96 -47.02 -1.48
N VAL H 18 -28.37 -46.68 -0.33
CA VAL H 18 -28.91 -45.65 0.56
C VAL H 18 -27.94 -44.47 0.56
N ARG H 19 -28.48 -43.26 0.44
CA ARG H 19 -27.64 -42.05 0.45
C ARG H 19 -28.02 -41.28 1.70
N LEU H 20 -27.17 -41.36 2.72
CA LEU H 20 -27.33 -40.49 3.89
C LEU H 20 -26.73 -39.11 3.62
N SER H 21 -27.15 -38.15 4.42
CA SER H 21 -26.66 -36.79 4.35
C SER H 21 -26.21 -36.34 5.74
N CYS H 22 -25.49 -35.21 5.77
CA CYS H 22 -25.06 -34.61 7.01
C CYS H 22 -24.80 -33.12 6.78
N LYS H 23 -25.67 -32.27 7.31
CA LYS H 23 -25.53 -30.83 7.22
C LYS H 23 -24.71 -30.34 8.41
N ALA H 24 -23.73 -29.48 8.14
CA ALA H 24 -22.87 -28.95 9.19
C ALA H 24 -22.99 -27.43 9.21
N ASP H 25 -23.18 -26.86 10.40
CA ASP H 25 -23.24 -25.41 10.54
C ASP H 25 -22.63 -25.01 11.87
N GLY H 26 -22.30 -23.73 11.98
CA GLY H 26 -21.62 -23.20 13.15
C GLY H 26 -20.11 -23.13 13.01
N TYR H 27 -19.55 -23.68 11.94
CA TYR H 27 -18.12 -23.65 11.72
C TYR H 27 -17.86 -23.54 10.23
N GLU H 28 -16.67 -23.03 9.89
CA GLU H 28 -16.28 -22.90 8.50
C GLU H 28 -16.16 -24.29 7.86
N PHE H 29 -16.99 -24.57 6.88
CA PHE H 29 -17.08 -25.91 6.30
C PHE H 29 -15.97 -26.13 5.28
N SER H 30 -14.74 -25.78 5.63
CA SER H 30 -13.58 -26.07 4.80
C SER H 30 -12.39 -26.60 5.56
N ASP H 31 -12.29 -26.39 6.87
CA ASP H 31 -11.08 -26.68 7.60
C ASP H 31 -11.07 -28.05 8.26
N TYR H 32 -12.24 -28.64 8.52
CA TYR H 32 -12.34 -29.86 9.31
C TYR H 32 -12.88 -30.99 8.46
N PHE H 33 -12.19 -32.13 8.49
CA PHE H 33 -12.62 -33.30 7.74
C PHE H 33 -13.85 -33.92 8.42
N LEU H 34 -14.66 -34.60 7.62
CA LEU H 34 -15.87 -35.25 8.13
C LEU H 34 -15.79 -36.75 7.91
N HIS H 35 -15.94 -37.51 8.99
CA HIS H 35 -15.88 -38.96 8.97
C HIS H 35 -17.28 -39.54 9.13
N TRP H 36 -17.45 -40.75 8.63
CA TRP H 36 -18.71 -41.48 8.78
C TRP H 36 -18.43 -42.74 9.58
N VAL H 37 -19.04 -42.84 10.76
CA VAL H 37 -18.81 -43.93 11.69
C VAL H 37 -20.13 -44.67 11.88
N ARG H 38 -20.13 -45.97 11.59
CA ARG H 38 -21.34 -46.76 11.70
C ARG H 38 -21.28 -47.64 12.94
N GLN H 39 -22.45 -47.92 13.51
CA GLN H 39 -22.55 -48.73 14.71
C GLN H 39 -23.70 -49.73 14.53
N ALA H 40 -23.37 -51.01 14.52
CA ALA H 40 -24.39 -52.05 14.49
C ALA H 40 -25.09 -52.10 15.84
N PRO H 41 -26.33 -52.60 15.89
CA PRO H 41 -27.06 -52.68 17.16
C PRO H 41 -26.35 -53.60 18.13
N GLY H 42 -25.96 -53.05 19.28
CA GLY H 42 -25.24 -53.83 20.27
C GLY H 42 -23.81 -54.15 19.91
N GLN H 43 -23.18 -53.35 19.05
CA GLN H 43 -21.81 -53.58 18.61
C GLN H 43 -21.02 -52.30 18.75
N GLY H 44 -19.69 -52.43 18.61
CA GLY H 44 -18.82 -51.30 18.73
C GLY H 44 -18.80 -50.42 17.50
N LEU H 45 -18.22 -49.23 17.66
CA LEU H 45 -18.14 -48.27 16.57
C LEU H 45 -17.20 -48.79 15.47
N GLU H 46 -17.55 -48.47 14.22
CA GLU H 46 -16.75 -48.88 13.07
C GLU H 46 -16.63 -47.72 12.11
N TRP H 47 -15.42 -47.49 11.62
CA TRP H 47 -15.13 -46.34 10.76
C TRP H 47 -15.33 -46.72 9.30
N LEU H 48 -16.11 -45.90 8.58
CA LEU H 48 -16.39 -46.15 7.18
C LEU H 48 -15.42 -45.41 6.26
N GLY H 49 -15.25 -44.11 6.48
CA GLY H 49 -14.33 -43.32 5.69
C GLY H 49 -14.56 -41.86 5.95
N PHE H 50 -13.60 -41.05 5.48
CA PHE H 50 -13.66 -39.61 5.71
C PHE H 50 -13.53 -38.86 4.40
N ILE H 51 -14.02 -37.63 4.42
CA ILE H 51 -14.02 -36.74 3.26
C ILE H 51 -13.55 -35.36 3.70
N ARG H 52 -12.68 -34.75 2.89
CA ARG H 52 -12.24 -33.38 3.13
C ARG H 52 -13.18 -32.45 2.37
N PRO H 53 -14.00 -31.65 3.05
CA PRO H 53 -14.93 -30.76 2.33
C PRO H 53 -14.22 -29.73 1.46
N ARG H 54 -12.95 -29.45 1.71
CA ARG H 54 -12.25 -28.41 0.97
C ARG H 54 -12.21 -28.70 -0.51
N LEU H 55 -11.82 -29.92 -0.89
CA LEU H 55 -11.70 -30.30 -2.29
C LEU H 55 -12.38 -31.63 -2.60
N GLY H 56 -13.09 -32.22 -1.65
CA GLY H 56 -13.79 -33.46 -1.90
C GLY H 56 -12.93 -34.70 -1.85
N SER H 57 -11.67 -34.59 -1.47
CA SER H 57 -10.82 -35.77 -1.33
C SER H 57 -11.43 -36.73 -0.32
N VAL H 58 -11.39 -38.02 -0.65
CA VAL H 58 -12.02 -39.05 0.17
C VAL H 58 -11.01 -40.13 0.51
N ASN H 59 -11.34 -40.88 1.56
CA ASN H 59 -10.54 -42.03 1.96
C ASN H 59 -11.48 -43.02 2.64
N TYR H 60 -11.71 -44.16 1.99
CA TYR H 60 -12.66 -45.15 2.46
C TYR H 60 -11.95 -46.31 3.14
N SER H 61 -12.64 -46.94 4.08
CA SER H 61 -12.12 -48.13 4.72
C SER H 61 -12.01 -49.27 3.71
N LYS H 62 -11.00 -50.13 3.91
CA LYS H 62 -10.78 -51.23 2.98
C LYS H 62 -11.93 -52.23 2.98
N ARG H 63 -12.72 -52.28 4.06
CA ARG H 63 -13.84 -53.21 4.10
C ARG H 63 -15.02 -52.73 3.26
N PHE H 64 -15.24 -51.41 3.20
CA PHE H 64 -16.36 -50.84 2.48
C PHE H 64 -15.95 -50.20 1.15
N GLN H 65 -14.75 -50.48 0.67
CA GLN H 65 -14.27 -49.84 -0.56
C GLN H 65 -14.98 -50.43 -1.77
N GLY H 66 -15.46 -49.56 -2.65
CA GLY H 66 -16.21 -50.00 -3.82
C GLY H 66 -17.70 -49.87 -3.62
N ARG H 67 -18.17 -50.19 -2.41
CA ARG H 67 -19.57 -50.09 -2.07
C ARG H 67 -19.97 -48.72 -1.53
N ILE H 68 -19.01 -47.84 -1.29
CA ILE H 68 -19.28 -46.56 -0.64
C ILE H 68 -18.71 -45.43 -1.50
N THR H 69 -19.40 -44.30 -1.47
CA THR H 69 -18.96 -43.11 -2.21
C THR H 69 -19.45 -41.88 -1.47
N MET H 70 -18.52 -41.00 -1.09
CA MET H 70 -18.87 -39.80 -0.34
C MET H 70 -18.61 -38.56 -1.18
N THR H 71 -19.61 -37.70 -1.27
CA THR H 71 -19.53 -36.43 -1.99
C THR H 71 -19.85 -35.30 -1.02
N ARG H 72 -19.57 -34.08 -1.46
CA ARG H 72 -19.89 -32.90 -0.67
C ARG H 72 -20.53 -31.85 -1.57
N ASP H 73 -21.29 -30.96 -0.96
CA ASP H 73 -21.90 -29.83 -1.65
C ASP H 73 -21.71 -28.61 -0.76
N MET H 74 -20.84 -27.69 -1.20
CA MET H 74 -20.47 -26.55 -0.36
C MET H 74 -21.56 -25.49 -0.31
N SER H 75 -22.33 -25.34 -1.39
CA SER H 75 -23.38 -24.32 -1.40
C SER H 75 -24.43 -24.61 -0.35
N ILE H 76 -24.98 -25.83 -0.34
CA ILE H 76 -25.95 -26.21 0.68
C ILE H 76 -25.27 -26.66 1.96
N ASN H 77 -23.94 -26.81 1.94
CA ASN H 77 -23.16 -27.12 3.14
C ASN H 77 -23.52 -28.50 3.69
N THR H 78 -23.37 -29.52 2.85
CA THR H 78 -23.76 -30.87 3.23
C THR H 78 -22.70 -31.86 2.76
N VAL H 79 -22.60 -32.98 3.48
CA VAL H 79 -21.78 -34.11 3.08
C VAL H 79 -22.67 -35.33 2.95
N TYR H 80 -22.61 -36.00 1.80
CA TYR H 80 -23.47 -37.13 1.52
C TYR H 80 -22.64 -38.40 1.39
N MET H 81 -23.15 -39.51 1.90
CA MET H 81 -22.50 -40.80 1.80
C MET H 81 -23.47 -41.80 1.19
N GLU H 82 -23.06 -42.45 0.11
CA GLU H 82 -23.89 -43.41 -0.61
C GLU H 82 -23.31 -44.80 -0.43
N LEU H 83 -24.13 -45.72 0.06
CA LEU H 83 -23.75 -47.11 0.27
C LEU H 83 -24.52 -47.99 -0.70
N ARG H 84 -23.79 -48.81 -1.45
CA ARG H 84 -24.37 -49.65 -2.49
C ARG H 84 -24.32 -51.12 -2.07
N SER H 85 -25.15 -51.93 -2.74
CA SER H 85 -25.21 -53.36 -2.51
C SER H 85 -25.44 -53.68 -1.04
N LEU H 86 -26.45 -53.03 -0.46
CA LEU H 86 -26.78 -53.25 0.94
C LEU H 86 -27.12 -54.70 1.21
N THR H 87 -26.69 -55.20 2.35
CA THR H 87 -27.01 -56.56 2.79
C THR H 87 -27.55 -56.49 4.21
N SER H 88 -27.84 -57.67 4.78
CA SER H 88 -28.60 -57.74 6.03
C SER H 88 -27.86 -57.09 7.18
N ASP H 89 -26.55 -57.34 7.30
CA ASP H 89 -25.80 -56.88 8.46
C ASP H 89 -25.48 -55.38 8.41
N ASP H 90 -25.97 -54.66 7.40
CA ASP H 90 -25.78 -53.22 7.33
C ASP H 90 -26.80 -52.45 8.14
N THR H 91 -27.75 -53.14 8.78
CA THR H 91 -28.65 -52.49 9.73
C THR H 91 -27.83 -51.83 10.82
N ALA H 92 -27.82 -50.51 10.86
CA ALA H 92 -26.91 -49.82 11.77
C ALA H 92 -27.38 -48.39 11.96
N GLN H 93 -26.68 -47.68 12.85
CA GLN H 93 -26.83 -46.25 13.01
C GLN H 93 -25.55 -45.59 12.50
N TYR H 94 -25.70 -44.70 11.52
CA TYR H 94 -24.57 -44.05 10.88
C TYR H 94 -24.47 -42.62 11.42
N TYR H 95 -23.28 -42.26 11.90
CA TYR H 95 -22.99 -40.95 12.45
C TYR H 95 -22.01 -40.23 11.55
N CYS H 96 -22.08 -38.90 11.55
CA CYS H 96 -21.10 -38.07 10.86
C CYS H 96 -20.38 -37.26 11.92
N ALA H 97 -19.08 -37.50 12.06
CA ALA H 97 -18.25 -36.81 13.04
C ALA H 97 -17.33 -35.82 12.33
N ARG H 98 -16.87 -34.82 13.07
CA ARG H 98 -15.96 -33.81 12.57
C ARG H 98 -14.62 -33.94 13.26
N MET H 99 -13.56 -34.17 12.49
CA MET H 99 -12.24 -34.31 13.06
C MET H 99 -11.63 -32.92 13.25
N TYR H 100 -11.16 -32.64 14.47
CA TYR H 100 -10.62 -31.32 14.76
C TYR H 100 -9.22 -31.16 14.19
N ASP H 101 -8.31 -32.08 14.52
CA ASP H 101 -6.94 -32.05 14.04
C ASP H 101 -6.62 -33.35 13.32
N THR H 102 -5.88 -33.24 12.21
CA THR H 102 -5.52 -34.43 11.44
C THR H 102 -4.72 -35.41 12.30
N ASP H 103 -3.79 -34.90 13.11
CA ASP H 103 -3.15 -35.72 14.11
C ASP H 103 -4.03 -35.79 15.35
N SER H 104 -4.01 -36.94 16.02
CA SER H 104 -4.86 -37.18 17.18
C SER H 104 -6.33 -37.02 16.80
N TYR H 105 -6.81 -37.97 15.99
CA TYR H 105 -8.17 -37.96 15.48
C TYR H 105 -9.15 -37.59 16.59
N LYS H 106 -9.81 -36.45 16.45
CA LYS H 106 -10.61 -35.87 17.54
C LYS H 106 -12.01 -35.62 17.00
N PHE H 107 -12.89 -36.60 17.17
CA PHE H 107 -14.27 -36.48 16.72
C PHE H 107 -15.03 -35.64 17.74
N ASP H 108 -14.95 -34.31 17.58
CA ASP H 108 -15.57 -33.41 18.54
C ASP H 108 -17.08 -33.51 18.51
N SER H 109 -17.69 -33.18 17.37
CA SER H 109 -19.14 -33.11 17.24
C SER H 109 -19.63 -34.28 16.41
N TRP H 110 -20.67 -34.95 16.90
CA TRP H 110 -21.29 -36.07 16.20
C TRP H 110 -22.72 -35.71 15.84
N GLY H 111 -23.21 -36.29 14.76
CA GLY H 111 -24.59 -36.12 14.38
C GLY H 111 -25.53 -36.92 15.26
N TRP H 112 -26.82 -36.62 15.12
CA TRP H 112 -27.83 -37.35 15.88
C TRP H 112 -27.84 -38.83 15.52
N GLY H 113 -27.49 -39.16 14.29
CA GLY H 113 -27.43 -40.51 13.81
C GLY H 113 -28.60 -40.84 12.89
N THR H 114 -28.34 -41.73 11.94
CA THR H 114 -29.37 -42.18 11.01
C THR H 114 -29.37 -43.70 10.98
N VAL H 115 -30.44 -44.31 11.44
CA VAL H 115 -30.53 -45.76 11.44
C VAL H 115 -31.02 -46.21 10.07
N VAL H 116 -30.17 -46.94 9.36
CA VAL H 116 -30.55 -47.62 8.13
C VAL H 116 -30.89 -49.06 8.48
N ILE H 117 -32.12 -49.47 8.14
CA ILE H 117 -32.58 -50.84 8.33
C ILE H 117 -32.68 -51.49 6.96
N VAL H 118 -31.89 -52.52 6.74
CA VAL H 118 -31.92 -53.31 5.51
C VAL H 118 -32.58 -54.64 5.83
N SER H 119 -33.76 -54.86 5.25
CA SER H 119 -34.51 -56.08 5.52
C SER H 119 -35.44 -56.35 4.35
N SER H 120 -35.94 -57.59 4.28
CA SER H 120 -36.84 -58.00 3.22
C SER H 120 -38.30 -57.89 3.68
N VAL I 2 13.93 -11.31 -32.97
CA VAL I 2 13.39 -10.07 -33.52
C VAL I 2 13.32 -10.22 -35.04
N ARG I 3 12.13 -10.06 -35.60
CA ARG I 3 11.90 -10.27 -37.02
C ARG I 3 11.22 -9.05 -37.63
N LEU I 4 11.74 -8.60 -38.76
CA LEU I 4 11.19 -7.47 -39.51
C LEU I 4 10.89 -7.95 -40.92
N MET I 5 9.61 -8.16 -41.22
CA MET I 5 9.18 -8.62 -42.53
C MET I 5 8.63 -7.45 -43.32
N GLN I 6 9.18 -7.24 -44.52
CA GLN I 6 8.74 -6.12 -45.34
C GLN I 6 7.64 -6.51 -46.34
N SER I 7 7.36 -5.61 -47.28
CA SER I 7 6.32 -5.84 -48.27
C SER I 7 6.90 -6.55 -49.48
N GLY I 8 6.14 -6.64 -50.56
CA GLY I 8 6.52 -7.41 -51.73
C GLY I 8 7.07 -6.50 -52.81
N ASP I 9 8.03 -7.01 -53.57
CA ASP I 9 8.73 -6.27 -54.61
C ASP I 9 7.76 -5.53 -55.51
N GLU I 10 7.98 -4.23 -55.72
CA GLU I 10 7.02 -3.41 -56.44
C GLU I 10 7.62 -2.80 -57.69
N VAL I 11 6.73 -2.49 -58.63
CA VAL I 11 7.06 -1.81 -59.88
C VAL I 11 6.11 -0.63 -60.04
N LYS I 12 6.67 0.56 -60.24
CA LYS I 12 5.89 1.78 -60.39
C LYS I 12 6.35 2.55 -61.61
N LYS I 13 5.42 3.29 -62.21
CA LYS I 13 5.74 4.20 -63.29
C LYS I 13 6.37 5.47 -62.73
N PRO I 14 7.20 6.16 -63.51
CA PRO I 14 7.79 7.41 -63.02
C PRO I 14 6.70 8.43 -62.69
N GLY I 15 6.93 9.17 -61.60
CA GLY I 15 5.99 10.16 -61.12
C GLY I 15 4.96 9.64 -60.13
N ALA I 16 4.89 8.34 -59.92
CA ALA I 16 3.95 7.76 -58.97
C ALA I 16 4.55 7.72 -57.57
N SER I 17 3.74 7.30 -56.61
CA SER I 17 4.14 7.22 -55.20
C SER I 17 4.01 5.78 -54.74
N VAL I 18 5.02 5.29 -54.04
CA VAL I 18 5.07 3.91 -53.56
C VAL I 18 5.06 3.91 -52.04
N ARG I 19 4.25 3.05 -51.45
CA ARG I 19 4.18 2.94 -49.99
C ARG I 19 4.66 1.54 -49.60
N LEU I 20 5.91 1.45 -49.20
CA LEU I 20 6.46 0.24 -48.63
C LEU I 20 6.04 0.11 -47.17
N SER I 21 6.06 -1.12 -46.67
CA SER I 21 5.70 -1.38 -45.29
C SER I 21 6.81 -2.18 -44.62
N CYS I 22 6.72 -2.27 -43.29
CA CYS I 22 7.67 -3.08 -42.52
C CYS I 22 6.98 -3.48 -41.22
N LYS I 23 6.59 -4.75 -41.13
CA LYS I 23 6.01 -5.31 -39.93
C LYS I 23 7.13 -5.80 -39.01
N ALA I 24 7.04 -5.46 -37.73
CA ALA I 24 8.05 -5.81 -36.76
C ALA I 24 7.41 -6.62 -35.64
N ASP I 25 8.06 -7.74 -35.29
CA ASP I 25 7.57 -8.56 -34.19
C ASP I 25 8.76 -9.18 -33.46
N GLY I 26 8.50 -9.65 -32.25
CA GLY I 26 9.53 -10.21 -31.40
C GLY I 26 10.06 -9.25 -30.35
N TYR I 27 9.76 -7.96 -30.48
CA TYR I 27 10.18 -6.97 -29.49
C TYR I 27 9.08 -5.96 -29.30
N GLU I 28 9.14 -5.23 -28.18
CA GLU I 28 8.18 -4.18 -27.92
C GLU I 28 8.32 -3.06 -28.95
N PHE I 29 7.24 -2.80 -29.68
CA PHE I 29 7.28 -1.85 -30.78
C PHE I 29 7.11 -0.42 -30.28
N SER I 30 7.83 -0.06 -29.22
CA SER I 30 7.83 1.30 -28.74
C SER I 30 9.21 1.82 -28.34
N ASP I 31 10.21 0.96 -28.20
CA ASP I 31 11.47 1.34 -27.60
C ASP I 31 12.58 1.64 -28.60
N TYR I 32 12.51 1.10 -29.81
CA TYR I 32 13.58 1.21 -30.79
C TYR I 32 13.09 1.90 -32.04
N PHE I 33 13.85 2.89 -32.50
CA PHE I 33 13.50 3.63 -33.71
C PHE I 33 13.68 2.74 -34.94
N LEU I 34 12.95 3.05 -36.00
CA LEU I 34 13.03 2.28 -37.24
C LEU I 34 13.47 3.19 -38.37
N HIS I 35 14.53 2.78 -39.08
CA HIS I 35 15.10 3.54 -40.17
C HIS I 35 14.81 2.86 -41.50
N TRP I 36 14.82 3.66 -42.55
CA TRP I 36 14.64 3.16 -43.91
C TRP I 36 15.92 3.45 -44.69
N VAL I 37 16.62 2.40 -45.07
CA VAL I 37 17.90 2.50 -45.76
C VAL I 37 17.74 1.93 -47.15
N ARG I 38 18.02 2.73 -48.17
CA ARG I 38 17.87 2.29 -49.54
C ARG I 38 19.22 2.00 -50.16
N GLN I 39 19.24 1.05 -51.09
CA GLN I 39 20.47 0.65 -51.76
C GLN I 39 20.19 0.54 -53.25
N ALA I 40 20.86 1.37 -54.05
CA ALA I 40 20.78 1.27 -55.49
C ALA I 40 21.54 0.03 -55.95
N PRO I 41 21.18 -0.52 -57.12
CA PRO I 41 21.88 -1.72 -57.61
C PRO I 41 23.35 -1.42 -57.86
N GLY I 42 24.21 -2.15 -57.14
CA GLY I 42 25.64 -1.94 -57.27
C GLY I 42 26.16 -0.67 -56.65
N GLN I 43 25.46 -0.13 -55.65
CA GLN I 43 25.85 1.10 -54.98
C GLN I 43 25.82 0.90 -53.47
N GLY I 44 26.36 1.89 -52.76
CA GLY I 44 26.42 1.81 -51.32
C GLY I 44 25.09 2.14 -50.66
N LEU I 45 25.03 1.82 -49.36
CA LEU I 45 23.82 2.07 -48.60
C LEU I 45 23.59 3.56 -48.44
N GLU I 46 22.32 3.97 -48.46
CA GLU I 46 21.94 5.37 -48.30
C GLU I 46 20.79 5.46 -47.32
N TRP I 47 20.87 6.40 -46.39
CA TRP I 47 19.88 6.56 -45.34
C TRP I 47 18.79 7.52 -45.79
N LEU I 48 17.54 7.10 -45.66
CA LEU I 48 16.38 7.89 -46.06
C LEU I 48 15.79 8.67 -44.90
N GLY I 49 15.52 8.01 -43.78
CA GLY I 49 14.97 8.67 -42.62
C GLY I 49 14.52 7.65 -41.61
N PHE I 50 14.29 8.14 -40.39
CA PHE I 50 13.88 7.28 -39.30
C PHE I 50 12.61 7.79 -38.65
N ILE I 51 11.92 6.88 -37.98
CA ILE I 51 10.65 7.15 -37.31
C ILE I 51 10.68 6.52 -35.93
N ARG I 52 10.18 7.25 -34.94
CA ARG I 52 10.04 6.72 -33.59
C ARG I 52 8.63 6.16 -33.46
N PRO I 53 8.45 4.84 -33.34
CA PRO I 53 7.09 4.30 -33.24
C PRO I 53 6.33 4.76 -32.01
N ARG I 54 7.03 5.26 -30.99
CA ARG I 54 6.37 5.61 -29.74
C ARG I 54 5.32 6.71 -29.95
N LEU I 55 5.70 7.78 -30.66
CA LEU I 55 4.79 8.88 -30.91
C LEU I 55 4.75 9.29 -32.38
N GLY I 56 5.37 8.53 -33.26
CA GLY I 56 5.34 8.86 -34.67
C GLY I 56 6.27 9.95 -35.11
N SER I 57 7.14 10.43 -34.23
CA SER I 57 8.11 11.45 -34.62
C SER I 57 9.01 10.93 -35.72
N VAL I 58 9.25 11.78 -36.72
CA VAL I 58 10.02 11.39 -37.90
C VAL I 58 11.20 12.32 -38.07
N ASN I 59 12.14 11.88 -38.89
CA ASN I 59 13.29 12.70 -39.26
C ASN I 59 13.80 12.18 -40.60
N TYR I 60 13.67 12.98 -41.65
CA TYR I 60 14.01 12.57 -43.01
C TYR I 60 15.35 13.15 -43.43
N SER I 61 16.01 12.46 -44.35
CA SER I 61 17.23 12.97 -44.94
C SER I 61 16.94 14.22 -45.76
N LYS I 62 17.92 15.13 -45.79
CA LYS I 62 17.74 16.38 -46.53
C LYS I 62 17.59 16.15 -48.03
N ARG I 63 18.10 15.03 -48.55
CA ARG I 63 17.98 14.77 -49.98
C ARG I 63 16.56 14.35 -50.36
N PHE I 64 15.92 13.54 -49.51
CA PHE I 64 14.60 12.98 -49.80
C PHE I 64 13.49 13.69 -49.04
N GLN I 65 13.72 14.91 -48.58
CA GLN I 65 12.72 15.61 -47.79
C GLN I 65 11.68 16.25 -48.69
N GLY I 66 10.41 16.08 -48.31
CA GLY I 66 9.31 16.55 -49.13
C GLY I 66 8.72 15.44 -49.97
N ARG I 67 9.59 14.57 -50.49
CA ARG I 67 9.15 13.44 -51.29
C ARG I 67 8.86 12.19 -50.46
N ILE I 68 9.15 12.21 -49.16
CA ILE I 68 9.02 11.03 -48.33
C ILE I 68 8.16 11.36 -47.12
N THR I 69 7.42 10.35 -46.66
CA THR I 69 6.57 10.50 -45.47
C THR I 69 6.42 9.14 -44.81
N MET I 70 6.77 9.05 -43.53
CA MET I 70 6.67 7.79 -42.80
C MET I 70 5.62 7.89 -41.71
N THR I 71 4.82 6.83 -41.59
CA THR I 71 3.78 6.72 -40.59
C THR I 71 3.90 5.37 -39.89
N ARG I 72 3.14 5.20 -38.82
CA ARG I 72 3.16 3.94 -38.09
C ARG I 72 1.74 3.55 -37.69
N ASP I 73 1.58 2.24 -37.46
CA ASP I 73 0.32 1.66 -37.00
C ASP I 73 0.67 0.77 -35.82
N MET I 74 0.40 1.25 -34.61
CA MET I 74 0.74 0.51 -33.40
C MET I 74 -0.09 -0.77 -33.28
N SER I 75 -1.39 -0.69 -33.53
CA SER I 75 -2.24 -1.87 -33.45
C SER I 75 -1.82 -2.92 -34.47
N ILE I 76 -1.71 -2.51 -35.74
CA ILE I 76 -1.24 -3.41 -36.78
C ILE I 76 0.25 -3.69 -36.63
N ASN I 77 0.97 -2.82 -35.91
CA ASN I 77 2.39 -3.00 -35.60
C ASN I 77 3.24 -2.98 -36.86
N THR I 78 3.14 -1.87 -37.60
CA THR I 78 3.84 -1.74 -38.87
C THR I 78 4.31 -0.29 -39.04
N VAL I 79 5.40 -0.12 -39.78
CA VAL I 79 5.90 1.19 -40.17
C VAL I 79 5.80 1.30 -41.69
N TYR I 80 5.16 2.35 -42.17
CA TYR I 80 4.94 2.56 -43.59
C TYR I 80 5.77 3.74 -44.06
N MET I 81 6.38 3.60 -45.24
CA MET I 81 7.15 4.68 -45.86
C MET I 81 6.60 4.95 -47.24
N GLU I 82 6.23 6.19 -47.52
CA GLU I 82 5.64 6.59 -48.78
C GLU I 82 6.61 7.54 -49.49
N LEU I 83 6.98 7.20 -50.71
CA LEU I 83 7.87 7.99 -51.53
C LEU I 83 7.09 8.54 -52.73
N ARG I 84 7.18 9.85 -52.93
CA ARG I 84 6.42 10.54 -53.96
C ARG I 84 7.36 11.01 -55.08
N SER I 85 6.76 11.30 -56.23
CA SER I 85 7.48 11.82 -57.39
C SER I 85 8.66 10.92 -57.76
N LEU I 86 8.39 9.62 -57.86
CA LEU I 86 9.42 8.65 -58.20
C LEU I 86 10.04 8.99 -59.55
N THR I 87 11.36 8.82 -59.64
CA THR I 87 12.08 9.00 -60.89
C THR I 87 12.94 7.76 -61.15
N SER I 88 13.70 7.80 -62.24
CA SER I 88 14.37 6.59 -62.74
C SER I 88 15.38 6.04 -61.74
N ASP I 89 16.17 6.91 -61.12
CA ASP I 89 17.26 6.45 -60.27
C ASP I 89 16.77 5.96 -58.90
N ASP I 90 15.47 5.93 -58.66
CA ASP I 90 14.93 5.39 -57.42
C ASP I 90 14.77 3.87 -57.46
N THR I 91 15.12 3.23 -58.57
CA THR I 91 15.17 1.77 -58.64
C THR I 91 16.15 1.28 -57.59
N ALA I 92 15.67 0.62 -56.54
CA ALA I 92 16.55 0.29 -55.42
C ALA I 92 15.92 -0.82 -54.60
N GLN I 93 16.65 -1.26 -53.58
CA GLN I 93 16.16 -2.16 -52.56
C GLN I 93 16.06 -1.38 -51.25
N TYR I 94 14.86 -1.31 -50.70
CA TYR I 94 14.62 -0.54 -49.49
C TYR I 94 14.53 -1.49 -48.30
N TYR I 95 15.28 -1.19 -47.25
CA TYR I 95 15.39 -1.98 -46.05
C TYR I 95 14.83 -1.19 -44.87
N CYS I 96 14.30 -1.89 -43.88
CA CYS I 96 13.89 -1.26 -42.62
C CYS I 96 14.77 -1.84 -41.52
N ALA I 97 15.58 -1.00 -40.91
CA ALA I 97 16.45 -1.39 -39.82
C ALA I 97 15.91 -0.87 -38.50
N ARG I 98 16.39 -1.47 -37.42
CA ARG I 98 15.97 -1.13 -36.06
C ARG I 98 17.18 -0.64 -35.28
N MET I 99 17.17 0.63 -34.87
CA MET I 99 18.29 1.18 -34.11
C MET I 99 18.18 0.69 -32.67
N TYR I 100 19.23 0.06 -32.16
CA TYR I 100 19.20 -0.42 -30.78
C TYR I 100 19.28 0.72 -29.79
N ASP I 101 20.30 1.57 -29.92
CA ASP I 101 20.55 2.65 -28.98
C ASP I 101 20.72 3.95 -29.74
N THR I 102 20.13 5.03 -29.20
CA THR I 102 20.17 6.32 -29.87
C THR I 102 21.60 6.77 -30.14
N ASP I 103 22.48 6.60 -29.15
CA ASP I 103 23.90 6.79 -29.39
C ASP I 103 24.48 5.51 -29.99
N SER I 104 25.46 5.69 -30.88
CA SER I 104 26.08 4.57 -31.59
C SER I 104 25.03 3.81 -32.40
N TYR I 105 24.54 4.48 -33.45
CA TYR I 105 23.50 3.92 -34.31
C TYR I 105 23.79 2.47 -34.62
N LYS I 106 22.93 1.56 -34.15
CA LYS I 106 23.19 0.13 -34.20
C LYS I 106 22.01 -0.54 -34.88
N PHE I 107 22.13 -0.75 -36.19
CA PHE I 107 21.06 -1.39 -36.97
C PHE I 107 21.17 -2.90 -36.75
N ASP I 108 20.57 -3.37 -35.67
CA ASP I 108 20.65 -4.78 -35.32
C ASP I 108 19.99 -5.65 -36.39
N SER I 109 18.68 -5.49 -36.57
CA SER I 109 17.90 -6.36 -37.44
C SER I 109 17.45 -5.58 -38.67
N TRP I 110 17.63 -6.19 -39.84
CA TRP I 110 17.23 -5.61 -41.10
C TRP I 110 16.12 -6.45 -41.72
N GLY I 111 15.29 -5.81 -42.53
CA GLY I 111 14.27 -6.53 -43.25
C GLY I 111 14.84 -7.28 -44.44
N TRP I 112 13.99 -8.12 -45.03
CA TRP I 112 14.42 -8.90 -46.19
C TRP I 112 14.78 -7.99 -47.35
N GLY I 113 14.06 -6.88 -47.51
CA GLY I 113 14.32 -5.94 -48.58
C GLY I 113 13.16 -5.88 -49.56
N THR I 114 12.89 -4.70 -50.10
CA THR I 114 11.81 -4.52 -51.08
C THR I 114 12.37 -3.73 -52.25
N VAL I 115 12.54 -4.39 -53.40
CA VAL I 115 13.04 -3.67 -54.58
C VAL I 115 11.87 -2.93 -55.20
N VAL I 116 11.97 -1.61 -55.24
CA VAL I 116 11.08 -0.77 -56.03
C VAL I 116 11.77 -0.51 -57.36
N ILE I 117 11.09 -0.88 -58.45
CA ILE I 117 11.59 -0.65 -59.80
C ILE I 117 10.72 0.43 -60.43
N VAL I 118 11.34 1.58 -60.71
CA VAL I 118 10.67 2.69 -61.38
C VAL I 118 11.13 2.72 -62.82
N SER I 119 10.22 2.46 -63.76
CA SER I 119 10.57 2.41 -65.16
C SER I 119 9.32 2.67 -65.99
N SER I 120 9.53 3.00 -67.26
CA SER I 120 8.44 3.29 -68.18
C SER I 120 8.09 2.06 -69.01
N PRO J 3 -25.04 39.81 28.02
CA PRO J 3 -25.33 40.92 27.11
C PRO J 3 -24.35 42.07 27.27
N MET J 4 -24.14 42.83 26.20
CA MET J 4 -23.22 43.96 26.21
C MET J 4 -23.93 45.24 26.59
N THR J 5 -23.16 46.20 27.10
CA THR J 5 -23.61 47.53 27.45
C THR J 5 -22.70 48.56 26.78
N GLN J 6 -22.48 48.38 25.48
CA GLN J 6 -21.54 49.22 24.74
C GLN J 6 -21.94 50.68 24.83
N SER J 7 -20.97 51.53 25.16
CA SER J 7 -21.18 52.96 25.36
C SER J 7 -20.08 53.74 24.66
N PRO J 8 -20.36 54.98 24.25
CA PRO J 8 -21.62 55.71 24.36
C PRO J 8 -22.54 55.42 23.18
N SER J 9 -23.74 56.02 23.15
CA SER J 9 -24.63 55.85 22.00
C SER J 9 -24.00 56.44 20.74
N SER J 10 -23.45 57.64 20.85
CA SER J 10 -22.78 58.29 19.74
C SER J 10 -21.87 59.38 20.28
N LEU J 11 -20.95 59.83 19.43
CA LEU J 11 -20.03 60.90 19.82
C LEU J 11 -19.51 61.58 18.56
N SER J 12 -19.34 62.90 18.65
CA SER J 12 -18.81 63.69 17.54
C SER J 12 -17.29 63.77 17.67
N ILE J 13 -16.59 63.40 16.61
CA ILE J 13 -15.13 63.29 16.62
C ILE J 13 -14.58 63.94 15.35
N SER J 14 -13.58 64.80 15.51
CA SER J 14 -12.91 65.41 14.37
C SER J 14 -12.00 64.40 13.69
N VAL J 15 -11.71 64.67 12.41
CA VAL J 15 -10.89 63.76 11.62
C VAL J 15 -9.49 63.69 12.22
N GLY J 16 -8.99 62.46 12.37
CA GLY J 16 -7.67 62.23 12.92
C GLY J 16 -7.60 62.10 14.43
N ASP J 17 -8.72 62.31 15.13
CA ASP J 17 -8.71 62.24 16.58
C ASP J 17 -8.89 60.79 17.05
N ARG J 18 -8.33 60.49 18.22
CA ARG J 18 -8.45 59.16 18.80
C ARG J 18 -9.79 59.00 19.50
N VAL J 19 -10.43 57.85 19.28
CA VAL J 19 -11.73 57.56 19.85
C VAL J 19 -11.61 56.32 20.74
N THR J 20 -12.51 56.22 21.70
CA THR J 20 -12.58 55.07 22.59
C THR J 20 -14.03 54.63 22.73
N ILE J 21 -14.24 53.31 22.71
CA ILE J 21 -15.56 52.72 22.81
C ILE J 21 -15.49 51.65 23.89
N THR J 22 -16.05 51.95 25.07
CA THR J 22 -16.11 50.96 26.13
C THR J 22 -17.16 49.90 25.81
N CYS J 23 -16.93 48.68 26.30
CA CYS J 23 -17.78 47.53 26.01
C CYS J 23 -18.07 46.76 27.28
N ARG J 24 -18.52 47.47 28.33
CA ARG J 24 -18.77 46.86 29.63
C ARG J 24 -19.74 45.71 29.52
N SER J 25 -19.26 44.49 29.77
CA SER J 25 -20.09 43.30 29.66
C SER J 25 -20.75 42.97 30.99
N SER J 26 -21.68 42.01 30.95
CA SER J 26 -22.42 41.59 32.13
C SER J 26 -22.00 40.21 32.62
N GLN J 27 -21.24 39.46 31.83
CA GLN J 27 -20.75 38.15 32.23
C GLN J 27 -19.32 37.98 31.76
N TYR J 28 -18.62 37.03 32.38
CA TYR J 28 -17.22 36.78 32.05
C TYR J 28 -17.09 36.41 30.57
N ALA J 29 -16.46 37.29 29.79
CA ALA J 29 -16.31 37.08 28.35
C ALA J 29 -14.90 36.70 27.93
N ALA J 30 -13.93 36.83 28.82
CA ALA J 30 -12.51 36.53 28.54
C ALA J 30 -12.11 37.37 27.33
N HIS J 31 -11.43 36.80 26.33
CA HIS J 31 -11.02 37.55 25.14
C HIS J 31 -11.96 37.36 23.97
N ASN J 32 -13.03 36.57 24.13
CA ASN J 32 -13.93 36.27 23.02
C ASN J 32 -14.93 37.39 22.82
N VAL J 33 -14.40 38.55 22.41
CA VAL J 33 -15.21 39.70 22.05
C VAL J 33 -14.68 40.25 20.73
N ASN J 34 -15.59 40.48 19.78
CA ASN J 34 -15.22 40.96 18.46
C ASN J 34 -15.94 42.28 18.19
N TRP J 35 -15.39 43.04 17.24
CA TRP J 35 -15.90 44.36 16.89
C TRP J 35 -16.25 44.39 15.41
N TYR J 36 -17.46 44.85 15.10
CA TYR J 36 -17.95 44.93 13.73
C TYR J 36 -18.16 46.38 13.34
N GLN J 37 -17.84 46.70 12.09
CA GLN J 37 -18.08 48.01 11.50
C GLN J 37 -19.15 47.89 10.43
N GLN J 38 -20.30 48.51 10.67
CA GLN J 38 -21.40 48.53 9.72
C GLN J 38 -21.51 49.93 9.13
N ARG J 39 -21.16 50.06 7.86
CA ARG J 39 -21.40 51.30 7.15
C ARG J 39 -22.89 51.47 6.91
N SER J 40 -23.32 52.72 6.75
CA SER J 40 -24.74 53.02 6.56
C SER J 40 -25.28 52.31 5.32
N GLY J 41 -26.15 51.34 5.53
CA GLY J 41 -26.73 50.55 4.45
C GLY J 41 -25.98 49.27 4.11
N LYS J 42 -24.65 49.32 4.11
CA LYS J 42 -23.84 48.18 3.76
C LYS J 42 -23.91 47.11 4.86
N PRO J 43 -23.65 45.85 4.51
CA PRO J 43 -23.63 44.81 5.52
C PRO J 43 -22.49 45.04 6.49
N PRO J 44 -22.64 44.63 7.75
CA PRO J 44 -21.56 44.81 8.73
C PRO J 44 -20.29 44.09 8.30
N LYS J 45 -19.16 44.70 8.63
CA LYS J 45 -17.85 44.15 8.32
C LYS J 45 -17.05 44.00 9.61
N LEU J 46 -16.33 42.89 9.73
CA LEU J 46 -15.57 42.57 10.92
C LEU J 46 -14.17 43.15 10.84
N LEU J 47 -13.72 43.78 11.93
CA LEU J 47 -12.39 44.37 12.01
C LEU J 47 -11.50 43.61 12.98
N ILE J 48 -11.93 43.43 14.22
CA ILE J 48 -11.11 42.88 15.28
C ILE J 48 -11.80 41.67 15.86
N TYR J 49 -11.06 40.57 15.96
CA TYR J 49 -11.53 39.36 16.63
C TYR J 49 -10.57 39.02 17.76
N ASP J 50 -11.12 38.45 18.84
CA ASP J 50 -10.38 38.11 20.06
C ASP J 50 -9.83 39.33 20.78
N THR J 51 -10.34 40.52 20.44
CA THR J 51 -10.06 41.81 21.07
C THR J 51 -8.62 42.27 20.89
N SER J 52 -7.77 41.43 20.31
CA SER J 52 -6.38 41.81 20.03
C SER J 52 -6.03 41.65 18.57
N LYS J 53 -6.33 40.50 17.98
CA LYS J 53 -5.95 40.24 16.60
C LYS J 53 -6.78 41.10 15.65
N LEU J 54 -6.22 41.33 14.46
CA LEU J 54 -6.85 42.15 13.43
C LEU J 54 -7.15 41.28 12.23
N GLN J 55 -8.42 41.22 11.84
CA GLN J 55 -8.83 40.51 10.64
C GLN J 55 -8.06 41.04 9.44
N ALA J 56 -7.55 40.12 8.62
CA ALA J 56 -6.78 40.50 7.45
C ALA J 56 -7.56 41.45 6.56
N GLY J 57 -6.93 42.57 6.18
CA GLY J 57 -7.54 43.56 5.33
C GLY J 57 -8.07 44.79 6.04
N VAL J 58 -7.99 44.85 7.36
CA VAL J 58 -8.44 46.01 8.13
C VAL J 58 -7.23 46.89 8.41
N PRO J 59 -7.32 48.21 8.25
CA PRO J 59 -6.17 49.08 8.53
C PRO J 59 -5.73 48.97 9.98
N SER J 60 -4.42 49.10 10.20
CA SER J 60 -3.82 48.97 11.52
C SER J 60 -4.20 50.10 12.47
N ARG J 61 -4.96 51.11 12.00
CA ARG J 61 -5.41 52.17 12.88
C ARG J 61 -6.38 51.62 13.93
N PHE J 62 -7.09 50.55 13.60
CA PHE J 62 -8.02 49.91 14.53
C PHE J 62 -7.26 49.02 15.52
N ARG J 63 -7.68 49.08 16.77
CA ARG J 63 -7.06 48.30 17.84
C ARG J 63 -8.09 48.08 18.95
N GLY J 64 -7.86 47.03 19.74
CA GLY J 64 -8.77 46.68 20.81
C GLY J 64 -8.02 46.36 22.08
N GLY J 65 -8.78 46.21 23.16
CA GLY J 65 -8.19 45.89 24.44
C GLY J 65 -9.24 45.45 25.43
N GLY J 66 -8.76 44.99 26.58
CA GLY J 66 -9.62 44.49 27.64
C GLY J 66 -9.63 42.97 27.69
N PHE J 67 -9.75 42.43 28.90
CA PHE J 67 -9.80 40.99 29.07
C PHE J 67 -10.97 40.56 29.95
N GLY J 68 -11.38 41.42 30.88
CA GLY J 68 -12.40 41.03 31.82
C GLY J 68 -13.80 41.33 31.33
N THR J 69 -14.55 42.10 32.10
CA THR J 69 -15.89 42.53 31.71
C THR J 69 -15.89 43.90 31.02
N GLU J 70 -14.72 44.47 30.79
CA GLU J 70 -14.58 45.77 30.13
C GLU J 70 -13.67 45.62 28.92
N PHE J 71 -14.11 46.14 27.78
CA PHE J 71 -13.34 46.10 26.55
C PHE J 71 -13.34 47.48 25.91
N THR J 72 -12.21 47.82 25.27
CA THR J 72 -12.03 49.12 24.65
C THR J 72 -11.71 48.95 23.17
N PHE J 73 -12.22 49.88 22.36
CA PHE J 73 -12.02 49.90 20.93
C PHE J 73 -11.48 51.28 20.55
N THR J 74 -10.35 51.31 19.85
CA THR J 74 -9.69 52.53 19.45
C THR J 74 -9.44 52.48 17.95
N ILE J 75 -9.46 53.65 17.30
CA ILE J 75 -9.15 53.76 15.89
C ILE J 75 -8.00 54.71 15.61
N SER J 76 -7.37 55.26 16.64
CA SER J 76 -6.23 56.15 16.49
C SER J 76 -6.55 57.35 15.60
N SER J 77 -6.09 57.31 14.35
CA SER J 77 -6.29 58.41 13.42
C SER J 77 -7.58 58.18 12.64
N LEU J 78 -8.63 58.91 13.00
CA LEU J 78 -9.89 58.80 12.29
C LEU J 78 -9.75 59.32 10.86
N GLN J 79 -10.52 58.72 9.97
CA GLN J 79 -10.54 59.06 8.55
C GLN J 79 -11.97 59.27 8.09
N PRO J 80 -12.18 59.99 6.98
CA PRO J 80 -13.54 60.20 6.48
C PRO J 80 -14.27 58.91 6.15
N GLU J 81 -13.55 57.85 5.80
CA GLU J 81 -14.16 56.56 5.51
C GLU J 81 -14.48 55.76 6.76
N ASP J 82 -14.10 56.26 7.94
CA ASP J 82 -14.38 55.57 9.20
C ASP J 82 -15.72 55.93 9.79
N VAL J 83 -16.56 56.69 9.08
CA VAL J 83 -17.89 57.01 9.56
C VAL J 83 -18.79 55.79 9.34
N ALA J 84 -19.27 55.23 10.45
CA ALA J 84 -20.05 53.99 10.45
C ALA J 84 -20.56 53.76 11.87
N THR J 85 -21.20 52.62 12.09
CA THR J 85 -21.62 52.19 13.42
C THR J 85 -20.76 51.01 13.85
N TYR J 86 -20.37 50.98 15.12
CA TYR J 86 -19.46 49.96 15.63
C TYR J 86 -20.16 49.14 16.69
N TYR J 87 -20.07 47.81 16.56
CA TYR J 87 -20.86 46.88 17.34
C TYR J 87 -19.94 45.93 18.11
N CYS J 88 -20.19 45.80 19.41
CA CYS J 88 -19.61 44.73 20.20
C CYS J 88 -20.27 43.40 19.82
N GLN J 89 -19.55 42.31 20.07
CA GLN J 89 -20.13 40.99 19.85
C GLN J 89 -19.41 39.97 20.71
N HIS J 90 -20.08 39.51 21.77
CA HIS J 90 -19.61 38.40 22.58
C HIS J 90 -20.52 37.22 22.31
N TYR J 91 -20.01 36.24 21.57
CA TYR J 91 -20.73 35.01 21.23
C TYR J 91 -22.01 35.41 20.49
N GLU J 92 -23.19 35.02 20.97
CA GLU J 92 -24.43 35.35 20.29
C GLU J 92 -24.77 36.82 20.42
N PHE J 93 -24.51 37.40 21.58
CA PHE J 93 -25.04 38.71 21.92
C PHE J 93 -24.22 39.81 21.25
N PHE J 94 -24.93 40.75 20.63
CA PHE J 94 -24.33 41.98 20.14
C PHE J 94 -24.61 43.10 21.15
N GLY J 95 -24.21 44.32 20.80
CA GLY J 95 -24.39 45.44 21.69
C GLY J 95 -24.99 46.63 20.97
N GLN J 96 -25.49 47.57 21.76
CA GLN J 96 -26.02 48.81 21.21
C GLN J 96 -24.90 49.56 20.49
N GLY J 97 -25.19 50.00 19.26
CA GLY J 97 -24.15 50.53 18.41
C GLY J 97 -23.65 51.89 18.87
N THR J 98 -22.44 52.20 18.42
CA THR J 98 -21.84 53.52 18.60
C THR J 98 -21.76 54.20 17.25
N ARG J 99 -22.41 55.36 17.13
CA ARG J 99 -22.46 56.09 15.88
C ARG J 99 -21.38 57.17 15.87
N LEU J 100 -20.58 57.19 14.81
CA LEU J 100 -19.53 58.18 14.65
C LEU J 100 -20.04 59.30 13.74
N GLU J 101 -19.93 60.54 14.21
CA GLU J 101 -20.34 61.71 13.44
C GLU J 101 -19.17 62.67 13.35
N ILE J 102 -18.91 63.16 12.14
CA ILE J 102 -17.81 64.09 11.92
C ILE J 102 -18.24 65.48 12.39
N THR J 103 -17.43 66.10 13.23
CA THR J 103 -17.74 67.41 13.76
C THR J 103 -17.47 68.51 12.74
N PRO K 3 -5.33 -52.12 15.77
CA PRO K 3 -6.62 -52.26 16.45
C PRO K 3 -6.48 -52.29 17.96
N MET K 4 -7.56 -52.01 18.67
CA MET K 4 -7.56 -51.99 20.13
C MET K 4 -8.12 -53.29 20.70
N THR K 5 -7.73 -53.56 21.95
CA THR K 5 -8.19 -54.70 22.72
C THR K 5 -8.71 -54.22 24.08
N GLN K 6 -9.57 -53.21 24.03
CA GLN K 6 -10.04 -52.56 25.25
C GLN K 6 -10.74 -53.57 26.16
N SER K 7 -10.36 -53.57 27.43
CA SER K 7 -10.86 -54.52 28.41
C SER K 7 -11.22 -53.78 29.69
N PRO K 8 -12.17 -54.31 30.48
CA PRO K 8 -12.96 -55.53 30.25
C PRO K 8 -14.21 -55.25 29.41
N SER K 9 -15.03 -56.26 29.14
CA SER K 9 -16.27 -56.03 28.42
C SER K 9 -17.22 -55.16 29.24
N SER K 10 -17.35 -55.46 30.53
CA SER K 10 -18.19 -54.68 31.43
C SER K 10 -17.76 -54.97 32.86
N LEU K 11 -18.17 -54.09 33.77
CA LEU K 11 -17.86 -54.26 35.18
C LEU K 11 -18.89 -53.52 36.01
N SER K 12 -19.26 -54.10 37.15
CA SER K 12 -20.18 -53.48 38.09
C SER K 12 -19.40 -52.67 39.11
N ILE K 13 -19.75 -51.40 39.24
CA ILE K 13 -19.01 -50.47 40.11
C ILE K 13 -20.00 -49.64 40.89
N SER K 14 -19.78 -49.52 42.19
CA SER K 14 -20.63 -48.70 43.05
C SER K 14 -20.33 -47.22 42.84
N VAL K 15 -21.32 -46.39 43.17
CA VAL K 15 -21.20 -44.95 42.99
C VAL K 15 -20.06 -44.41 43.82
N GLY K 16 -19.20 -43.60 43.21
CA GLY K 16 -18.07 -43.01 43.87
C GLY K 16 -16.79 -43.83 43.82
N ASP K 17 -16.84 -45.04 43.31
CA ASP K 17 -15.66 -45.90 43.26
C ASP K 17 -14.80 -45.57 42.05
N ARG K 18 -13.50 -45.80 42.20
CA ARG K 18 -12.56 -45.59 41.11
C ARG K 18 -12.60 -46.78 40.14
N VAL K 19 -12.58 -46.47 38.84
CA VAL K 19 -12.62 -47.50 37.81
C VAL K 19 -11.38 -47.36 36.94
N THR K 20 -10.99 -48.47 36.31
CA THR K 20 -9.87 -48.50 35.40
C THR K 20 -10.27 -49.27 34.14
N ILE K 21 -9.86 -48.75 32.98
CA ILE K 21 -10.17 -49.37 31.69
C ILE K 21 -8.86 -49.46 30.93
N THR K 22 -8.28 -50.65 30.87
CA THR K 22 -7.09 -50.86 30.07
C THR K 22 -7.42 -50.81 28.59
N CYS K 23 -6.45 -50.37 27.79
CA CYS K 23 -6.63 -50.17 26.36
C CYS K 23 -5.45 -50.74 25.59
N ARG K 24 -5.10 -51.99 25.90
CA ARG K 24 -3.95 -52.65 25.28
C ARG K 24 -4.05 -52.62 23.76
N SER K 25 -3.13 -51.91 23.12
CA SER K 25 -3.13 -51.77 21.67
C SER K 25 -2.26 -52.84 21.02
N SER K 26 -2.33 -52.90 19.70
CA SER K 26 -1.56 -53.87 18.92
C SER K 26 -0.44 -53.24 18.11
N GLN K 27 -0.41 -51.91 18.00
CA GLN K 27 0.65 -51.21 17.28
C GLN K 27 1.01 -49.95 18.04
N TYR K 28 2.19 -49.43 17.74
CA TYR K 28 2.69 -48.24 18.42
C TYR K 28 1.72 -47.07 18.21
N ALA K 29 1.05 -46.65 19.29
CA ALA K 29 0.06 -45.59 19.20
C ALA K 29 0.54 -44.26 19.78
N ALA K 30 1.65 -44.26 20.51
CA ALA K 30 2.19 -43.04 21.15
C ALA K 30 1.09 -42.45 22.03
N HIS K 31 0.85 -41.15 21.99
CA HIS K 31 -0.19 -40.54 22.80
C HIS K 31 -1.49 -40.31 22.03
N ASN K 32 -1.55 -40.68 20.76
CA ASN K 32 -2.72 -40.40 19.92
C ASN K 32 -3.79 -41.46 20.16
N VAL K 33 -4.31 -41.46 21.39
CA VAL K 33 -5.44 -42.31 21.78
C VAL K 33 -6.44 -41.44 22.51
N ASN K 34 -7.71 -41.53 22.10
CA ASN K 34 -8.77 -40.74 22.69
C ASN K 34 -9.85 -41.65 23.26
N TRP K 35 -10.64 -41.11 24.17
CA TRP K 35 -11.68 -41.85 24.85
C TRP K 35 -13.02 -41.19 24.64
N TYR K 36 -14.01 -41.98 24.23
CA TYR K 36 -15.36 -41.48 23.95
C TYR K 36 -16.35 -42.08 24.93
N GLN K 37 -17.31 -41.25 25.36
CA GLN K 37 -18.40 -41.68 26.23
C GLN K 37 -19.69 -41.63 25.42
N GLN K 38 -20.29 -42.79 25.19
CA GLN K 38 -21.56 -42.91 24.48
C GLN K 38 -22.63 -43.29 25.50
N ARG K 39 -23.54 -42.36 25.78
CA ARG K 39 -24.70 -42.68 26.58
C ARG K 39 -25.67 -43.55 25.78
N SER K 40 -26.49 -44.30 26.49
CA SER K 40 -27.43 -45.22 25.85
C SER K 40 -28.37 -44.45 24.91
N GLY K 41 -28.23 -44.65 23.62
CA GLY K 41 -29.02 -43.97 22.61
C GLY K 41 -28.44 -42.69 22.08
N LYS K 42 -27.84 -41.89 22.95
CA LYS K 42 -27.28 -40.61 22.57
C LYS K 42 -26.02 -40.81 21.72
N PRO K 43 -25.67 -39.82 20.89
CA PRO K 43 -24.43 -39.92 20.13
C PRO K 43 -23.24 -39.92 21.04
N PRO K 44 -22.15 -40.58 20.65
CA PRO K 44 -20.95 -40.60 21.49
C PRO K 44 -20.40 -39.21 21.72
N LYS K 45 -19.86 -38.99 22.91
CA LYS K 45 -19.28 -37.71 23.31
C LYS K 45 -17.82 -37.93 23.70
N LEU K 46 -16.96 -37.00 23.29
CA LEU K 46 -15.54 -37.09 23.55
C LEU K 46 -15.19 -36.47 24.89
N LEU K 47 -14.37 -37.18 25.68
CA LEU K 47 -13.93 -36.69 26.97
C LEU K 47 -12.44 -36.35 26.97
N ILE K 48 -11.59 -37.29 26.59
CA ILE K 48 -10.14 -37.16 26.70
C ILE K 48 -9.51 -37.36 25.33
N TYR K 49 -8.66 -36.42 24.92
CA TYR K 49 -7.88 -36.53 23.72
C TYR K 49 -6.39 -36.44 24.07
N ASP K 50 -5.57 -37.16 23.31
CA ASP K 50 -4.13 -37.30 23.51
C ASP K 50 -3.78 -38.01 24.81
N THR K 51 -4.75 -38.67 25.45
CA THR K 51 -4.61 -39.53 26.63
C THR K 51 -4.28 -38.74 27.89
N SER K 52 -4.00 -37.45 27.76
CA SER K 52 -3.74 -36.60 28.92
C SER K 52 -4.67 -35.40 28.98
N LYS K 53 -4.79 -34.67 27.87
CA LYS K 53 -5.59 -33.45 27.87
C LYS K 53 -7.07 -33.78 27.97
N LEU K 54 -7.83 -32.83 28.49
CA LEU K 54 -9.26 -32.99 28.74
C LEU K 54 -10.04 -32.01 27.88
N GLN K 55 -10.99 -32.53 27.10
CA GLN K 55 -11.81 -31.67 26.27
C GLN K 55 -12.67 -30.75 27.14
N ALA K 56 -12.76 -29.48 26.73
CA ALA K 56 -13.50 -28.50 27.50
C ALA K 56 -14.95 -28.89 27.66
N GLY K 57 -15.50 -28.66 28.86
CA GLY K 57 -16.85 -29.05 29.19
C GLY K 57 -16.95 -30.41 29.85
N VAL K 58 -15.84 -31.09 30.05
CA VAL K 58 -15.82 -32.41 30.68
C VAL K 58 -15.35 -32.25 32.11
N PRO K 59 -16.03 -32.83 33.10
CA PRO K 59 -15.59 -32.65 34.47
C PRO K 59 -14.31 -33.40 34.80
N SER K 60 -13.56 -32.84 35.76
CA SER K 60 -12.17 -33.22 35.98
C SER K 60 -11.99 -34.61 36.57
N ARG K 61 -13.07 -35.29 36.94
CA ARG K 61 -12.93 -36.64 37.49
C ARG K 61 -12.35 -37.61 36.45
N PHE K 62 -12.59 -37.37 35.16
CA PHE K 62 -12.03 -38.21 34.12
C PHE K 62 -10.55 -37.91 33.92
N ARG K 63 -9.76 -38.96 33.76
CA ARG K 63 -8.32 -38.84 33.52
C ARG K 63 -7.86 -40.04 32.71
N GLY K 64 -6.71 -39.87 32.03
CA GLY K 64 -6.18 -40.92 31.19
C GLY K 64 -4.69 -41.07 31.41
N GLY K 65 -4.15 -42.16 30.88
CA GLY K 65 -2.73 -42.43 31.02
C GLY K 65 -2.26 -43.48 30.05
N GLY K 66 -0.95 -43.65 30.02
CA GLY K 66 -0.29 -44.59 29.13
C GLY K 66 0.34 -43.89 27.94
N PHE K 67 1.46 -44.43 27.47
CA PHE K 67 2.15 -43.87 26.33
C PHE K 67 2.46 -44.92 25.27
N GLY K 68 2.66 -46.16 25.69
CA GLY K 68 3.07 -47.20 24.76
C GLY K 68 1.91 -47.91 24.11
N THR K 69 1.85 -49.23 24.27
CA THR K 69 0.75 -50.02 23.75
C THR K 69 -0.33 -50.27 24.80
N GLU K 70 -0.20 -49.67 25.99
CA GLU K 70 -1.17 -49.82 27.06
C GLU K 70 -1.65 -48.44 27.49
N PHE K 71 -2.96 -48.28 27.60
CA PHE K 71 -3.55 -47.02 28.03
C PHE K 71 -4.61 -47.29 29.09
N THR K 72 -4.74 -46.36 30.03
CA THR K 72 -5.66 -46.49 31.15
C THR K 72 -6.62 -45.31 31.17
N PHE K 73 -7.87 -45.59 31.55
CA PHE K 73 -8.92 -44.58 31.67
C PHE K 73 -9.52 -44.69 33.07
N THR K 74 -9.52 -43.58 33.80
CA THR K 74 -10.04 -43.54 35.15
C THR K 74 -11.07 -42.42 35.25
N ILE K 75 -12.06 -42.61 36.13
CA ILE K 75 -13.07 -41.60 36.37
C ILE K 75 -13.14 -41.16 37.82
N SER K 76 -12.25 -41.67 38.67
CA SER K 76 -12.18 -41.29 40.08
C SER K 76 -13.50 -41.55 40.80
N SER K 77 -14.28 -40.49 41.03
CA SER K 77 -15.54 -40.59 41.74
C SER K 77 -16.66 -40.81 40.73
N LEU K 78 -17.15 -42.04 40.64
CA LEU K 78 -18.27 -42.34 39.74
C LEU K 78 -19.53 -41.64 40.22
N GLN K 79 -20.37 -41.26 39.26
CA GLN K 79 -21.62 -40.58 39.51
C GLN K 79 -22.73 -41.29 38.74
N PRO K 80 -23.99 -41.11 39.15
CA PRO K 80 -25.09 -41.77 38.42
C PRO K 80 -25.17 -41.39 36.96
N GLU K 81 -24.73 -40.19 36.59
CA GLU K 81 -24.74 -39.76 35.20
C GLU K 81 -23.54 -40.27 34.41
N ASP K 82 -22.63 -41.00 35.04
CA ASP K 82 -21.49 -41.59 34.37
C ASP K 82 -21.78 -42.98 33.81
N VAL K 83 -23.02 -43.43 33.88
CA VAL K 83 -23.39 -44.73 33.32
C VAL K 83 -23.52 -44.58 31.80
N ALA K 84 -22.62 -45.25 31.08
CA ALA K 84 -22.54 -45.16 29.63
C ALA K 84 -21.56 -46.23 29.16
N THR K 85 -21.23 -46.20 27.87
CA THR K 85 -20.20 -47.06 27.30
C THR K 85 -18.99 -46.21 26.93
N TYR K 86 -17.79 -46.76 27.15
CA TYR K 86 -16.56 -46.02 26.95
C TYR K 86 -15.71 -46.71 25.89
N TYR K 87 -15.23 -45.92 24.92
CA TYR K 87 -14.63 -46.42 23.70
C TYR K 87 -13.22 -45.88 23.56
N CYS K 88 -12.26 -46.77 23.32
CA CYS K 88 -10.94 -46.36 22.86
C CYS K 88 -11.00 -45.89 21.42
N GLN K 89 -10.04 -45.06 21.03
CA GLN K 89 -9.98 -44.63 19.63
C GLN K 89 -8.54 -44.22 19.30
N HIS K 90 -7.86 -45.04 18.51
CA HIS K 90 -6.56 -44.70 17.95
C HIS K 90 -6.75 -44.52 16.44
N TYR K 91 -6.72 -43.26 16.00
CA TYR K 91 -6.83 -42.91 14.58
C TYR K 91 -8.15 -43.46 14.06
N GLU K 92 -8.15 -44.34 13.06
CA GLU K 92 -9.39 -44.87 12.51
C GLU K 92 -10.05 -45.86 13.45
N PHE K 93 -9.24 -46.68 14.13
CA PHE K 93 -9.74 -47.85 14.84
C PHE K 93 -10.33 -47.46 16.18
N PHE K 94 -11.52 -47.97 16.46
CA PHE K 94 -12.12 -47.90 17.79
C PHE K 94 -11.88 -49.24 18.49
N GLY K 95 -12.46 -49.40 19.68
CA GLY K 95 -12.28 -50.62 20.44
C GLY K 95 -13.60 -51.12 20.98
N GLN K 96 -13.57 -52.38 21.42
CA GLN K 96 -14.75 -52.96 22.06
C GLN K 96 -15.09 -52.18 23.31
N GLY K 97 -16.36 -51.83 23.47
CA GLY K 97 -16.77 -50.92 24.52
C GLY K 97 -16.72 -51.55 25.90
N THR K 98 -16.65 -50.68 26.90
CA THR K 98 -16.74 -51.05 28.29
C THR K 98 -18.05 -50.51 28.85
N ARG K 99 -18.90 -51.39 29.36
CA ARG K 99 -20.21 -51.01 29.88
C ARG K 99 -20.13 -50.89 31.39
N LEU K 100 -20.59 -49.76 31.91
CA LEU K 100 -20.64 -49.51 33.34
C LEU K 100 -22.04 -49.79 33.85
N GLU K 101 -22.13 -50.64 34.89
CA GLU K 101 -23.40 -50.98 35.50
C GLU K 101 -23.33 -50.67 37.00
N ILE K 102 -24.33 -49.97 37.51
CA ILE K 102 -24.37 -49.62 38.91
C ILE K 102 -24.74 -50.85 39.73
N THR K 103 -23.94 -51.14 40.74
CA THR K 103 -24.17 -52.32 41.58
C THR K 103 -25.30 -52.07 42.57
N PRO L 3 30.70 12.41 -43.57
CA PRO L 3 30.68 11.26 -44.47
C PRO L 3 31.95 10.42 -44.36
N MET L 4 31.89 9.18 -44.82
CA MET L 4 33.03 8.28 -44.78
C MET L 4 33.74 8.21 -46.12
N THR L 5 35.00 7.80 -46.06
CA THR L 5 35.87 7.60 -47.21
C THR L 5 36.51 6.22 -47.13
N GLN L 6 35.67 5.21 -46.87
CA GLN L 6 36.16 3.86 -46.65
C GLN L 6 36.95 3.37 -47.87
N SER L 7 38.15 2.85 -47.61
CA SER L 7 39.06 2.41 -48.65
C SER L 7 39.65 1.06 -48.27
N PRO L 8 40.04 0.25 -49.26
CA PRO L 8 39.96 0.47 -50.71
C PRO L 8 38.60 0.06 -51.27
N SER L 9 38.40 0.19 -52.59
CA SER L 9 37.15 -0.26 -53.19
C SER L 9 37.02 -1.77 -53.09
N SER L 10 38.09 -2.50 -53.38
CA SER L 10 38.11 -3.95 -53.29
C SER L 10 39.55 -4.42 -53.23
N LEU L 11 39.73 -5.66 -52.79
CA LEU L 11 41.06 -6.25 -52.72
C LEU L 11 40.94 -7.77 -52.76
N SER L 12 41.89 -8.41 -53.45
CA SER L 12 41.95 -9.85 -53.53
C SER L 12 42.79 -10.39 -52.37
N ILE L 13 42.22 -11.33 -51.61
CA ILE L 13 42.84 -11.83 -50.40
C ILE L 13 42.71 -13.34 -50.36
N SER L 14 43.80 -14.04 -50.06
CA SER L 14 43.79 -15.48 -49.93
C SER L 14 43.15 -15.90 -48.61
N VAL L 15 42.63 -17.13 -48.58
CA VAL L 15 41.95 -17.62 -47.39
C VAL L 15 42.92 -17.69 -46.23
N GLY L 16 42.50 -17.18 -45.08
CA GLY L 16 43.32 -17.19 -43.88
C GLY L 16 44.22 -16.00 -43.70
N ASP L 17 44.27 -15.08 -44.66
CA ASP L 17 45.14 -13.92 -44.59
C ASP L 17 44.46 -12.77 -43.85
N ARG L 18 45.26 -11.96 -43.17
CA ARG L 18 44.74 -10.81 -42.45
C ARG L 18 44.45 -9.68 -43.42
N VAL L 19 43.29 -9.04 -43.23
CA VAL L 19 42.86 -7.92 -44.07
C VAL L 19 42.71 -6.69 -43.19
N THR L 20 42.83 -5.53 -43.83
CA THR L 20 42.64 -4.25 -43.16
C THR L 20 41.88 -3.31 -44.07
N ILE L 21 40.89 -2.62 -43.50
CA ILE L 21 40.06 -1.67 -44.23
C ILE L 21 40.06 -0.37 -43.47
N THR L 22 40.73 0.66 -44.01
CA THR L 22 40.72 1.97 -43.40
C THR L 22 39.35 2.62 -43.58
N CYS L 23 38.99 3.49 -42.65
CA CYS L 23 37.69 4.15 -42.63
C CYS L 23 37.86 5.64 -42.34
N ARG L 24 38.75 6.29 -43.10
CA ARG L 24 39.05 7.70 -42.91
C ARG L 24 37.79 8.55 -42.97
N SER L 25 37.44 9.17 -41.85
CA SER L 25 36.24 9.99 -41.76
C SER L 25 36.56 11.45 -42.06
N SER L 26 35.51 12.25 -42.23
CA SER L 26 35.65 13.67 -42.52
C SER L 26 35.28 14.56 -41.34
N GLN L 27 34.66 14.00 -40.29
CA GLN L 27 34.31 14.74 -39.11
C GLN L 27 34.59 13.89 -37.88
N TYR L 28 34.74 14.55 -36.73
CA TYR L 28 35.04 13.85 -35.49
C TYR L 28 33.94 12.84 -35.17
N ALA L 29 34.27 11.56 -35.24
CA ALA L 29 33.30 10.50 -35.02
C ALA L 29 33.47 9.80 -33.68
N ALA L 30 34.57 10.03 -32.97
CA ALA L 30 34.87 9.40 -31.69
C ALA L 30 34.81 7.89 -31.89
N HIS L 31 34.15 7.12 -31.03
CA HIS L 31 34.06 5.68 -31.19
C HIS L 31 32.76 5.22 -31.82
N ASN L 32 31.88 6.15 -32.19
CA ASN L 32 30.56 5.79 -32.73
C ASN L 32 30.68 5.49 -34.22
N VAL L 33 31.38 4.41 -34.51
CA VAL L 33 31.50 3.89 -35.87
C VAL L 33 31.26 2.38 -35.82
N ASN L 34 30.39 1.90 -36.70
CA ASN L 34 30.04 0.48 -36.74
C ASN L 34 30.34 -0.09 -38.12
N TRP L 35 30.45 -1.42 -38.17
CA TRP L 35 30.80 -2.12 -39.40
C TRP L 35 29.73 -3.16 -39.70
N TYR L 36 29.23 -3.15 -40.94
CA TYR L 36 28.25 -4.12 -41.40
C TYR L 36 28.82 -5.02 -42.48
N GLN L 37 28.41 -6.28 -42.45
CA GLN L 37 28.76 -7.27 -43.46
C GLN L 37 27.50 -7.60 -44.25
N GLN L 38 27.49 -7.26 -45.53
CA GLN L 38 26.37 -7.55 -46.43
C GLN L 38 26.83 -8.66 -47.38
N ARG L 39 26.27 -9.85 -47.20
CA ARG L 39 26.48 -10.92 -48.17
C ARG L 39 25.72 -10.59 -49.46
N SER L 40 26.22 -11.13 -50.57
CA SER L 40 25.62 -10.86 -51.88
C SER L 40 24.15 -11.26 -51.89
N GLY L 41 23.27 -10.28 -51.98
CA GLY L 41 21.82 -10.51 -51.98
C GLY L 41 21.17 -10.45 -50.62
N LYS L 42 21.83 -11.00 -49.60
CA LYS L 42 21.26 -11.04 -48.27
C LYS L 42 21.25 -9.64 -47.65
N PRO L 43 20.36 -9.41 -46.69
CA PRO L 43 20.36 -8.12 -46.00
C PRO L 43 21.65 -7.92 -45.23
N PRO L 44 22.10 -6.69 -45.08
CA PRO L 44 23.34 -6.45 -44.33
C PRO L 44 23.23 -6.92 -42.89
N LYS L 45 24.34 -7.43 -42.37
CA LYS L 45 24.42 -7.92 -41.00
C LYS L 45 25.52 -7.16 -40.27
N LEU L 46 25.24 -6.78 -39.03
CA LEU L 46 26.15 -5.98 -38.23
C LEU L 46 27.06 -6.86 -37.39
N LEU L 47 28.35 -6.55 -37.40
CA LEU L 47 29.37 -7.33 -36.69
C LEU L 47 29.93 -6.58 -35.49
N ILE L 48 30.42 -5.36 -35.71
CA ILE L 48 31.13 -4.59 -34.71
C ILE L 48 30.42 -3.26 -34.52
N TYR L 49 30.13 -2.93 -33.27
CA TYR L 49 29.59 -1.64 -32.89
C TYR L 49 30.52 -0.99 -31.89
N ASP L 50 30.59 0.34 -31.94
CA ASP L 50 31.47 1.19 -31.14
C ASP L 50 32.95 0.94 -31.44
N THR L 51 33.26 0.27 -32.56
CA THR L 51 34.59 0.04 -33.10
C THR L 51 35.42 -0.91 -32.26
N SER L 52 34.94 -1.30 -31.10
CA SER L 52 35.65 -2.25 -30.25
C SER L 52 34.80 -3.46 -29.90
N LYS L 53 33.57 -3.24 -29.45
CA LYS L 53 32.73 -4.34 -28.98
C LYS L 53 32.26 -5.20 -30.15
N LEU L 54 31.96 -6.46 -29.83
CA LEU L 54 31.53 -7.45 -30.81
C LEU L 54 30.11 -7.88 -30.49
N GLN L 55 29.22 -7.81 -31.46
CA GLN L 55 27.85 -8.27 -31.27
C GLN L 55 27.80 -9.79 -31.08
N ALA L 56 26.88 -10.24 -30.24
CA ALA L 56 26.71 -11.66 -29.98
C ALA L 56 26.34 -12.40 -31.26
N GLY L 57 26.85 -13.63 -31.38
CA GLY L 57 26.66 -14.43 -32.57
C GLY L 57 27.68 -14.20 -33.66
N VAL L 58 28.61 -13.29 -33.46
CA VAL L 58 29.66 -12.99 -34.44
C VAL L 58 30.96 -13.61 -33.96
N PRO L 59 31.70 -14.32 -34.80
CA PRO L 59 32.93 -14.96 -34.33
C PRO L 59 34.01 -13.94 -33.97
N SER L 60 34.89 -14.36 -33.06
CA SER L 60 35.88 -13.47 -32.48
C SER L 60 36.95 -13.04 -33.48
N ARG L 61 36.99 -13.63 -34.67
CA ARG L 61 38.00 -13.25 -35.65
C ARG L 61 37.87 -11.80 -36.10
N PHE L 62 36.69 -11.20 -35.93
CA PHE L 62 36.46 -9.81 -36.32
C PHE L 62 36.90 -8.86 -35.20
N ARG L 63 37.57 -7.78 -35.60
CA ARG L 63 38.05 -6.78 -34.64
C ARG L 63 38.11 -5.43 -35.34
N GLY L 64 38.08 -4.38 -34.52
CA GLY L 64 38.11 -3.03 -35.04
C GLY L 64 39.00 -2.13 -34.20
N GLY L 65 39.29 -0.95 -34.76
CA GLY L 65 40.17 -0.03 -34.08
C GLY L 65 40.01 1.38 -34.62
N GLY L 66 40.67 2.30 -33.93
CA GLY L 66 40.63 3.71 -34.27
C GLY L 66 39.70 4.48 -33.35
N PHE L 67 40.08 5.74 -33.08
CA PHE L 67 39.26 6.59 -32.21
C PHE L 67 38.98 7.94 -32.86
N GLY L 68 39.90 8.41 -33.70
CA GLY L 68 39.76 9.74 -34.27
C GLY L 68 38.99 9.75 -35.56
N THR L 69 39.61 10.25 -36.62
CA THR L 69 39.01 10.26 -37.96
C THR L 69 39.43 9.06 -38.79
N GLU L 70 40.19 8.12 -38.22
CA GLU L 70 40.65 6.94 -38.92
C GLU L 70 40.22 5.71 -38.14
N PHE L 71 39.64 4.74 -38.83
CA PHE L 71 39.19 3.49 -38.23
C PHE L 71 39.63 2.32 -39.07
N THR L 72 39.93 1.20 -38.42
CA THR L 72 40.42 0.01 -39.08
C THR L 72 39.53 -1.19 -38.75
N PHE L 73 39.36 -2.07 -39.73
CA PHE L 73 38.57 -3.28 -39.59
C PHE L 73 39.43 -4.47 -40.01
N THR L 74 39.57 -5.44 -39.11
CA THR L 74 40.39 -6.62 -39.37
C THR L 74 39.56 -7.87 -39.12
N ILE L 75 39.82 -8.91 -39.90
CA ILE L 75 39.15 -10.20 -39.74
C ILE L 75 40.12 -11.33 -39.45
N SER L 76 41.41 -11.03 -39.29
CA SER L 76 42.43 -12.03 -38.95
C SER L 76 42.45 -13.17 -39.96
N SER L 77 41.87 -14.31 -39.59
CA SER L 77 41.86 -15.49 -40.45
C SER L 77 40.62 -15.44 -41.33
N LEU L 78 40.81 -15.11 -42.61
CA LEU L 78 39.70 -15.11 -43.54
C LEU L 78 39.21 -16.52 -43.80
N GLN L 79 37.91 -16.65 -44.05
CA GLN L 79 37.25 -17.90 -44.32
C GLN L 79 36.43 -17.78 -45.59
N PRO L 80 36.10 -18.90 -46.23
CA PRO L 80 35.28 -18.81 -47.45
C PRO L 80 33.93 -18.15 -47.24
N GLU L 81 33.37 -18.23 -46.04
CA GLU L 81 32.09 -17.59 -45.73
C GLU L 81 32.23 -16.12 -45.40
N ASP L 82 33.45 -15.57 -45.37
CA ASP L 82 33.68 -14.16 -45.12
C ASP L 82 33.64 -13.33 -46.40
N VAL L 83 33.32 -13.93 -47.54
CA VAL L 83 33.22 -13.20 -48.80
C VAL L 83 31.91 -12.41 -48.80
N ALA L 84 32.01 -11.09 -48.76
CA ALA L 84 30.87 -10.19 -48.68
C ALA L 84 31.38 -8.77 -48.90
N THR L 85 30.50 -7.80 -48.70
CA THR L 85 30.87 -6.39 -48.74
C THR L 85 30.81 -5.82 -47.33
N TYR L 86 31.75 -4.94 -46.99
CA TYR L 86 31.86 -4.40 -45.64
C TYR L 86 31.68 -2.89 -45.67
N TYR L 87 30.79 -2.41 -44.81
CA TYR L 87 30.34 -1.01 -44.81
C TYR L 87 30.68 -0.34 -43.50
N CYS L 88 31.33 0.82 -43.59
CA CYS L 88 31.44 1.73 -42.47
C CYS L 88 30.09 2.38 -42.19
N GLN L 89 29.91 2.83 -40.94
CA GLN L 89 28.69 3.57 -40.61
C GLN L 89 28.95 4.43 -39.38
N HIS L 90 29.06 5.73 -39.59
CA HIS L 90 29.06 6.71 -38.52
C HIS L 90 27.71 7.41 -38.52
N TYR L 91 26.87 7.07 -37.54
CA TYR L 91 25.57 7.71 -37.33
C TYR L 91 24.72 7.46 -38.58
N GLU L 92 24.24 8.49 -39.26
CA GLU L 92 23.39 8.30 -40.44
C GLU L 92 24.19 7.88 -41.66
N PHE L 93 25.44 8.33 -41.77
CA PHE L 93 26.20 8.16 -43.00
C PHE L 93 26.85 6.79 -43.06
N PHE L 94 26.70 6.12 -44.19
CA PHE L 94 27.43 4.91 -44.50
C PHE L 94 28.64 5.26 -45.37
N GLY L 95 29.36 4.24 -45.84
CA GLY L 95 30.54 4.46 -46.64
C GLY L 95 30.55 3.56 -47.86
N GLN L 96 31.40 3.93 -48.82
CA GLN L 96 31.59 3.10 -50.00
C GLN L 96 32.10 1.73 -49.59
N GLY L 97 31.47 0.69 -50.14
CA GLY L 97 31.75 -0.65 -49.68
C GLY L 97 33.11 -1.16 -50.10
N THR L 98 33.58 -2.17 -49.37
CA THR L 98 34.80 -2.90 -49.69
C THR L 98 34.42 -4.32 -50.06
N ARG L 99 34.79 -4.73 -51.27
CA ARG L 99 34.44 -6.05 -51.77
C ARG L 99 35.61 -7.01 -51.58
N LEU L 100 35.33 -8.17 -51.02
CA LEU L 100 36.35 -9.19 -50.78
C LEU L 100 36.24 -10.25 -51.87
N GLU L 101 37.35 -10.51 -52.55
CA GLU L 101 37.42 -11.51 -53.61
C GLU L 101 38.51 -12.51 -53.28
N ILE L 102 38.17 -13.80 -53.38
CA ILE L 102 39.13 -14.86 -53.09
C ILE L 102 40.09 -14.99 -54.26
N THR L 103 41.39 -14.96 -53.98
CA THR L 103 42.41 -15.04 -55.03
C THR L 103 42.57 -16.48 -55.51
#